data_5NNR
#
_entry.id   5NNR
#
_cell.length_a   85.348
_cell.length_b   85.348
_cell.length_c   319.626
_cell.angle_alpha   90.00
_cell.angle_beta   90.00
_cell.angle_gamma   120.00
#
_symmetry.space_group_name_H-M   'P 32'
#
loop_
_entity.id
_entity.type
_entity.pdbx_description
1 polymer 'N-terminal acetyltransferase-like protein'
2 polymer Naa10
3 polymer HypK
#
loop_
_entity_poly.entity_id
_entity_poly.type
_entity_poly.pdbx_seq_one_letter_code
_entity_poly.pdbx_strand_id
1 'polypeptide(L)'
;MGHHHHHHPQPLSTREANLFRTVIRHYEDKQYKRGLKAAEQILKKNPKHGDTMSMKALILNAQGKTEEAFALAKEALTID
MKSYICWHVYGILYRTNKNFDEAIKAYKFALKLEPESHQIQRDLAVLQIQMRDYAGYVQSRLNMLKARPQIRQNWTALAI
AYHLEGNLEKAEHILTTYEKSLTTPPPKTDLEHSEALLYKNTIIAERGDIERALQHLETDCKHCLDRLAVMELRASYLSK
LARKDEAAKAYRALLDRNPEHMDYYKGLISALDISADDEEAQKAVYDEYAAKYPRSDAAKRLPLNFLSGERFRTTAKAYL
TLMFDKGVPSTFANLKHLYSDSFKKETLASLAEEYLNEYVNARPSDNQADGDGSKGKGAALYYLAQHYNYYMSRDLTRAL
EYVEKAIELDPKNVDFHMTKARIFKHQGDLAKAAETMDYARSLDPKDRYINSKAAKYQLRNNENEKALATMGLFTRAETA
GGPLADLTDMQCIWFLTEDGEAWQRRGNTALALKRYHTVFSIFDTWQEDQFDFHSFSLRKGQIRAYVDMVRWEDRLREHP
FYFRAALDAVNLYLSMYDKPQSANGANGTEAANPNGEDAAEKKKAAKKARKEAQKAEREAAERAAKQDPNKPGAQKGKEE
DIKKKDDDPNGEKLAATKDPLGDAMKFLNYILQFSPKNIDGQIAGFEVYIRKKKYLLALRCLKAASAIDKNHPKVLEQAA
KLRKIVSSALDSMAPKLREVIQAELVGVPGA
;
A,D
2 'polypeptide(L)'
;(FME)DIRLLRPSDIPLIQHANLENLPENYFLKYYLYHALSWPQLSFVAVDVSRPAKSPYDYPKIVGYVLAKMEEEPADG
VPHGHITSLSVMRTHRRLGIAEKLMRQSQLAMVETYNAHYVSLHVRVSNKAAIHLYRDTLGFKTEKVEAKYYADGEDAYC
MKLDLTALREQIAAQREKELEEDKAAAGSNGVNHHHHHH
;
B,E
3 'polypeptide(L)'
;(MSE)GHHHHHHAAEDRQPADIVEGATAGDVEEEVAPAAKSAEDRKAAAALSKLDAHADED(MSE)APAREVDQEAVKNA
(MSE)SALSGASTEKKEVKKVKVDPADVNLLVEELELSKAKATELLKAHDGDAIKA(MSE)KAYIQPAF
;
C,F
#
# COMPACT_ATOMS: atom_id res chain seq x y z
N PRO A 11 -20.14 16.15 63.63
CA PRO A 11 -21.25 16.16 62.68
C PRO A 11 -22.53 15.74 63.37
N LEU A 12 -23.29 14.83 62.75
CA LEU A 12 -24.35 14.16 63.47
C LEU A 12 -23.60 13.27 64.42
N SER A 13 -24.13 13.04 65.61
CA SER A 13 -23.32 12.30 66.55
C SER A 13 -23.84 10.92 66.83
N THR A 14 -24.96 10.76 67.51
CA THR A 14 -25.20 9.39 67.90
C THR A 14 -26.62 8.82 67.78
N ARG A 15 -27.67 9.62 67.96
CA ARG A 15 -29.02 9.09 67.72
C ARG A 15 -29.18 9.07 66.22
N GLU A 16 -28.59 10.08 65.61
CA GLU A 16 -28.50 10.24 64.17
C GLU A 16 -27.56 9.19 63.57
N ALA A 17 -26.52 8.83 64.32
CA ALA A 17 -25.55 7.81 63.93
C ALA A 17 -26.22 6.47 63.66
N ASN A 18 -27.14 6.08 64.56
CA ASN A 18 -27.88 4.85 64.37
C ASN A 18 -28.93 4.99 63.28
N LEU A 19 -29.42 6.21 63.04
CA LEU A 19 -30.40 6.39 61.99
C LEU A 19 -29.79 6.26 60.61
N PHE A 20 -28.54 6.72 60.46
CA PHE A 20 -27.84 6.53 59.20
C PHE A 20 -27.63 5.06 58.86
N ARG A 21 -27.35 4.28 59.90
CA ARG A 21 -27.16 2.85 59.77
C ARG A 21 -28.45 2.14 59.34
N THR A 22 -29.60 2.63 59.79
CA THR A 22 -30.83 1.96 59.40
C THR A 22 -31.20 2.45 58.01
N VAL A 23 -30.50 3.46 57.49
CA VAL A 23 -30.73 3.88 56.12
C VAL A 23 -29.99 2.95 55.18
N ILE A 24 -28.80 2.54 55.60
CA ILE A 24 -28.06 1.54 54.85
C ILE A 24 -28.74 0.17 54.88
N ARG A 25 -29.22 -0.25 56.04
CA ARG A 25 -29.93 -1.51 56.17
C ARG A 25 -31.19 -1.58 55.30
N HIS A 26 -31.98 -0.52 55.29
CA HIS A 26 -33.21 -0.51 54.49
C HIS A 26 -32.91 -0.47 53.01
N TYR A 27 -31.72 -0.02 52.65
CA TYR A 27 -31.40 0.04 51.25
C TYR A 27 -31.01 -1.36 50.82
N GLU A 28 -30.22 -2.02 51.65
CA GLU A 28 -29.79 -3.37 51.35
C GLU A 28 -30.94 -4.36 51.51
N ASP A 29 -32.07 -3.87 52.02
CA ASP A 29 -33.25 -4.72 52.11
C ASP A 29 -34.31 -4.26 51.12
N LYS A 30 -33.93 -3.32 50.26
CA LYS A 30 -34.83 -2.77 49.23
C LYS A 30 -36.11 -2.13 49.78
N GLN A 31 -36.08 -1.72 51.05
CA GLN A 31 -37.20 -1.00 51.64
C GLN A 31 -37.01 0.50 51.45
N TYR A 32 -37.30 1.01 50.27
CA TYR A 32 -37.07 2.43 49.96
C TYR A 32 -37.83 3.42 50.85
N LYS A 33 -39.12 3.20 51.02
CA LYS A 33 -39.92 4.13 51.79
C LYS A 33 -39.49 4.31 53.25
N ARG A 34 -39.26 3.23 53.99
CA ARG A 34 -38.81 3.34 55.40
C ARG A 34 -37.45 4.04 55.51
N GLY A 35 -36.69 4.02 54.42
CA GLY A 35 -35.36 4.57 54.42
C GLY A 35 -35.40 6.03 54.07
N LEU A 36 -36.21 6.44 53.10
CA LEU A 36 -36.34 7.88 52.89
C LEU A 36 -36.82 8.55 54.20
N LYS A 37 -37.94 8.09 54.77
CA LYS A 37 -38.45 8.66 56.04
C LYS A 37 -37.40 8.65 57.13
N ALA A 38 -36.53 7.65 57.10
CA ALA A 38 -35.46 7.52 58.07
C ALA A 38 -34.40 8.56 57.79
N ALA A 39 -33.97 8.66 56.54
CA ALA A 39 -32.96 9.65 56.16
C ALA A 39 -33.48 11.07 56.43
N GLU A 40 -34.78 11.29 56.20
CA GLU A 40 -35.41 12.60 56.42
C GLU A 40 -35.36 13.03 57.88
N GLN A 41 -35.26 12.07 58.78
CA GLN A 41 -35.17 12.40 60.19
C GLN A 41 -33.78 12.94 60.51
N ILE A 42 -32.79 12.51 59.73
CA ILE A 42 -31.43 13.02 59.87
C ILE A 42 -31.28 14.41 59.24
N LEU A 43 -31.96 14.60 58.11
CA LEU A 43 -31.85 15.84 57.35
C LEU A 43 -32.60 16.99 58.04
N LYS A 44 -33.48 16.64 58.98
CA LYS A 44 -34.20 17.62 59.77
C LYS A 44 -33.31 18.09 60.92
N LYS A 45 -32.35 17.23 61.26
CA LYS A 45 -31.37 17.53 62.31
C LYS A 45 -30.09 18.06 61.68
N ASN A 46 -29.65 17.43 60.60
CA ASN A 46 -28.46 17.87 59.90
C ASN A 46 -28.70 18.11 58.41
N PRO A 47 -29.30 19.26 58.07
CA PRO A 47 -29.70 19.40 56.67
C PRO A 47 -28.54 19.52 55.69
N LYS A 48 -27.34 19.88 56.13
CA LYS A 48 -26.22 19.83 55.21
C LYS A 48 -25.35 18.64 55.52
N HIS A 49 -25.98 17.48 55.69
CA HIS A 49 -25.19 16.29 55.82
C HIS A 49 -25.13 15.59 54.51
N GLY A 50 -24.03 15.74 53.79
CA GLY A 50 -23.91 15.15 52.47
C GLY A 50 -24.19 13.67 52.36
N ASP A 51 -23.59 12.86 53.24
CA ASP A 51 -23.73 11.41 53.18
C ASP A 51 -25.18 10.99 53.25
N THR A 52 -25.95 11.67 54.07
CA THR A 52 -27.35 11.33 54.17
C THR A 52 -28.09 11.79 52.92
N MET A 53 -27.73 12.99 52.45
CA MET A 53 -28.38 13.56 51.27
C MET A 53 -28.20 12.77 49.96
N SER A 54 -26.97 12.28 49.73
CA SER A 54 -26.64 11.46 48.56
C SER A 54 -27.41 10.15 48.55
N MET A 55 -27.51 9.53 49.72
CA MET A 55 -28.25 8.28 49.88
C MET A 55 -29.72 8.54 49.56
N LYS A 56 -30.19 9.76 49.84
CA LYS A 56 -31.56 10.09 49.47
C LYS A 56 -31.63 10.27 47.95
N ALA A 57 -30.55 10.82 47.39
CA ALA A 57 -30.39 11.02 45.94
C ALA A 57 -30.35 9.67 45.25
N LEU A 58 -29.74 8.73 45.96
CA LEU A 58 -29.61 7.34 45.54
C LEU A 58 -30.96 6.61 45.40
N ILE A 59 -31.78 6.65 46.44
CA ILE A 59 -33.08 5.98 46.43
C ILE A 59 -34.03 6.48 45.34
N LEU A 60 -34.00 7.78 45.06
CA LEU A 60 -34.81 8.38 44.00
C LEU A 60 -34.43 7.75 42.66
N ASN A 61 -33.13 7.62 42.40
CA ASN A 61 -32.67 7.00 41.16
C ASN A 61 -33.10 5.55 41.08
N ALA A 62 -33.22 4.91 42.23
CA ALA A 62 -33.65 3.51 42.27
C ALA A 62 -35.16 3.42 42.06
N GLN A 63 -35.79 4.58 41.86
CA GLN A 63 -37.22 4.67 41.58
C GLN A 63 -37.47 5.65 40.41
N GLY A 64 -36.59 5.60 39.44
CA GLY A 64 -36.75 6.35 38.19
C GLY A 64 -36.97 7.84 38.33
N LYS A 65 -36.22 8.45 39.22
CA LYS A 65 -36.19 9.90 39.30
C LYS A 65 -34.77 10.33 39.00
N THR A 66 -34.17 9.63 38.03
CA THR A 66 -32.81 9.88 37.56
C THR A 66 -32.43 11.36 37.48
N GLU A 67 -33.34 12.19 36.97
CA GLU A 67 -33.01 13.60 36.76
C GLU A 67 -32.81 14.34 38.09
N GLU A 68 -33.79 14.28 38.98
CA GLU A 68 -33.67 14.97 40.27
C GLU A 68 -32.51 14.34 41.04
N ALA A 69 -32.39 13.03 40.90
CA ALA A 69 -31.48 12.20 41.68
C ALA A 69 -30.07 12.72 41.44
N PHE A 70 -29.72 12.88 40.16
CA PHE A 70 -28.40 13.36 39.77
C PHE A 70 -28.13 14.74 40.34
N ALA A 71 -29.09 15.64 40.25
CA ALA A 71 -28.90 17.01 40.72
C ALA A 71 -28.68 17.00 42.24
N LEU A 72 -29.44 16.18 42.94
CA LEU A 72 -29.30 16.01 44.39
C LEU A 72 -27.91 15.49 44.75
N ALA A 73 -27.40 14.53 43.97
CA ALA A 73 -26.08 13.96 44.22
C ALA A 73 -25.01 15.02 43.93
N LYS A 74 -25.20 15.77 42.84
CA LYS A 74 -24.32 16.87 42.45
C LYS A 74 -24.32 17.88 43.58
N GLU A 75 -25.49 18.10 44.15
CA GLU A 75 -25.66 19.09 45.21
C GLU A 75 -24.95 18.52 46.45
N ALA A 76 -25.23 17.27 46.79
CA ALA A 76 -24.57 16.61 47.92
C ALA A 76 -23.03 16.66 47.81
N LEU A 77 -22.48 16.38 46.63
CA LEU A 77 -21.03 16.34 46.42
C LEU A 77 -20.42 17.74 46.61
N THR A 78 -21.11 18.79 46.15
CA THR A 78 -20.64 20.16 46.40
C THR A 78 -20.56 20.48 47.90
N ILE A 79 -21.46 19.94 48.71
CA ILE A 79 -21.52 20.33 50.11
C ILE A 79 -20.28 19.73 50.81
N ASP A 80 -20.01 18.47 50.50
CA ASP A 80 -18.90 17.74 51.10
C ASP A 80 -18.21 17.07 49.92
N MET A 81 -17.28 17.79 49.30
CA MET A 81 -16.40 17.22 48.27
C MET A 81 -15.39 16.21 48.79
N LYS A 82 -15.23 16.15 50.10
CA LYS A 82 -14.29 15.19 50.67
C LYS A 82 -15.06 14.00 51.23
N SER A 83 -16.34 13.91 50.91
CA SER A 83 -17.11 12.74 51.33
C SER A 83 -17.04 11.60 50.32
N TYR A 84 -16.66 10.40 50.74
CA TYR A 84 -16.50 9.31 49.79
C TYR A 84 -17.82 8.69 49.35
N ILE A 85 -18.84 8.84 50.19
CA ILE A 85 -20.17 8.39 49.84
C ILE A 85 -20.76 9.22 48.69
N CYS A 86 -20.67 10.55 48.78
CA CYS A 86 -21.21 11.39 47.70
C CYS A 86 -20.62 11.11 46.32
N TRP A 87 -19.31 10.92 46.23
CA TRP A 87 -18.72 10.65 44.94
C TRP A 87 -19.08 9.24 44.45
N HIS A 88 -19.07 8.26 45.35
CA HIS A 88 -19.51 6.91 45.01
C HIS A 88 -20.92 6.91 44.45
N VAL A 89 -21.81 7.57 45.17
CA VAL A 89 -23.19 7.72 44.73
C VAL A 89 -23.20 8.38 43.36
N TYR A 90 -22.50 9.51 43.25
CA TYR A 90 -22.37 10.24 41.98
C TYR A 90 -21.95 9.28 40.87
N GLY A 91 -20.97 8.44 41.17
CA GLY A 91 -20.51 7.44 40.23
C GLY A 91 -21.54 6.37 39.88
N ILE A 92 -22.16 5.80 40.92
CA ILE A 92 -23.19 4.78 40.75
C ILE A 92 -24.29 5.29 39.84
N LEU A 93 -24.72 6.53 40.07
CA LEU A 93 -25.70 7.14 39.18
C LEU A 93 -25.16 7.12 37.76
N TYR A 94 -23.96 7.68 37.58
CA TYR A 94 -23.29 7.68 36.28
C TYR A 94 -23.21 6.28 35.65
N ARG A 95 -22.75 5.29 36.40
CA ARG A 95 -22.66 3.93 35.88
C ARG A 95 -24.04 3.42 35.45
N THR A 96 -25.11 3.78 36.16
CA THR A 96 -26.45 3.36 35.71
C THR A 96 -26.82 4.05 34.39
N ASN A 97 -26.52 5.36 34.34
CA ASN A 97 -26.78 6.21 33.16
C ASN A 97 -25.72 6.16 32.02
N LYS A 98 -24.85 5.16 32.04
CA LYS A 98 -23.94 4.88 30.93
C LYS A 98 -22.90 5.99 30.63
N ASN A 99 -22.73 6.98 31.50
CA ASN A 99 -21.64 7.94 31.31
C ASN A 99 -20.42 7.40 32.01
N PHE A 100 -19.82 6.42 31.38
CA PHE A 100 -18.73 5.69 31.95
C PHE A 100 -17.52 6.61 32.19
N ASP A 101 -17.43 7.74 31.49
CA ASP A 101 -16.22 8.53 31.67
C ASP A 101 -16.29 9.34 32.96
N GLU A 102 -17.43 9.95 33.26
CA GLU A 102 -17.51 10.67 34.51
C GLU A 102 -17.62 9.67 35.66
N ALA A 103 -18.18 8.50 35.38
CA ALA A 103 -18.24 7.44 36.39
C ALA A 103 -16.86 6.94 36.79
N ILE A 104 -16.00 6.69 35.80
CA ILE A 104 -14.68 6.17 36.12
C ILE A 104 -14.01 7.25 37.01
N LYS A 105 -14.09 8.51 36.58
CA LYS A 105 -13.51 9.65 37.31
C LYS A 105 -14.06 9.81 38.73
N ALA A 106 -15.35 9.54 38.91
CA ALA A 106 -16.07 9.76 40.18
C ALA A 106 -15.86 8.59 41.13
N TYR A 107 -15.88 7.39 40.57
CA TYR A 107 -15.51 6.15 41.26
C TYR A 107 -14.11 6.36 41.79
N LYS A 108 -13.25 6.97 40.98
CA LYS A 108 -11.85 7.20 41.36
C LYS A 108 -11.70 7.99 42.67
N PHE A 109 -12.56 8.99 42.89
CA PHE A 109 -12.45 9.82 44.09
C PHE A 109 -12.96 9.12 45.34
N ALA A 110 -14.07 8.39 45.26
CA ALA A 110 -14.49 7.57 46.39
C ALA A 110 -13.40 6.63 46.89
N LEU A 111 -12.78 5.89 45.98
CA LEU A 111 -11.71 4.98 46.33
C LEU A 111 -10.51 5.76 46.85
N LYS A 112 -10.36 7.00 46.37
CA LYS A 112 -9.28 7.84 46.85
C LYS A 112 -9.54 8.29 48.27
N LEU A 113 -10.79 8.34 48.69
CA LEU A 113 -11.02 8.73 50.07
C LEU A 113 -10.91 7.50 50.99
N GLU A 114 -11.40 6.35 50.54
CA GLU A 114 -11.38 5.13 51.35
C GLU A 114 -10.90 3.80 50.75
N PRO A 115 -9.61 3.66 50.43
CA PRO A 115 -9.14 2.45 49.74
C PRO A 115 -9.46 1.14 50.52
N GLU A 116 -8.99 0.00 50.02
CA GLU A 116 -9.20 -1.32 50.67
C GLU A 116 -10.65 -1.87 50.54
N SER A 117 -11.59 -1.03 50.12
CA SER A 117 -13.02 -1.35 50.00
C SER A 117 -13.18 -2.31 48.81
N HIS A 118 -13.40 -3.60 49.08
CA HIS A 118 -13.51 -4.59 48.01
C HIS A 118 -14.66 -4.43 47.04
N GLN A 119 -15.79 -3.87 47.46
CA GLN A 119 -16.90 -3.73 46.52
C GLN A 119 -16.57 -2.66 45.46
N ILE A 120 -16.00 -1.55 45.92
CA ILE A 120 -15.63 -0.41 45.07
C ILE A 120 -14.52 -0.78 44.08
N GLN A 121 -13.56 -1.56 44.53
CA GLN A 121 -12.47 -1.96 43.67
C GLN A 121 -12.96 -2.87 42.55
N ARG A 122 -13.93 -3.71 42.85
CA ARG A 122 -14.51 -4.65 41.89
C ARG A 122 -15.15 -3.83 40.78
N ASP A 123 -15.88 -2.80 41.19
CA ASP A 123 -16.69 -1.97 40.32
C ASP A 123 -15.74 -1.06 39.53
N LEU A 124 -14.64 -0.63 40.15
CA LEU A 124 -13.64 0.17 39.42
C LEU A 124 -13.01 -0.62 38.27
N ALA A 125 -12.67 -1.88 38.54
CA ALA A 125 -12.04 -2.73 37.55
C ALA A 125 -12.93 -2.92 36.31
N VAL A 126 -14.24 -3.09 36.53
CA VAL A 126 -15.17 -3.28 35.43
C VAL A 126 -15.20 -2.05 34.53
N LEU A 127 -15.41 -0.86 35.07
CA LEU A 127 -15.40 0.35 34.24
C LEU A 127 -14.06 0.46 33.51
N GLN A 128 -12.97 0.12 34.19
CA GLN A 128 -11.65 0.26 33.60
C GLN A 128 -11.47 -0.67 32.39
N ILE A 129 -11.90 -1.93 32.48
CA ILE A 129 -11.77 -2.82 31.32
C ILE A 129 -12.78 -2.35 30.28
N GLN A 130 -13.94 -1.88 30.70
CA GLN A 130 -14.89 -1.30 29.76
C GLN A 130 -14.34 -0.15 28.93
N MET A 131 -13.43 0.65 29.48
CA MET A 131 -12.90 1.74 28.68
C MET A 131 -11.52 1.41 28.20
N ARG A 132 -11.18 0.14 28.36
CA ARG A 132 -9.91 -0.39 27.92
C ARG A 132 -8.69 0.38 28.46
N ASP A 133 -8.79 0.80 29.73
CA ASP A 133 -7.65 1.24 30.51
C ASP A 133 -6.91 0.05 31.04
N TYR A 134 -6.09 -0.52 30.16
CA TYR A 134 -5.43 -1.79 30.38
C TYR A 134 -4.52 -1.69 31.57
N ALA A 135 -3.76 -0.61 31.66
CA ALA A 135 -2.84 -0.45 32.77
C ALA A 135 -3.60 -0.41 34.09
N GLY A 136 -4.70 0.32 34.11
CA GLY A 136 -5.57 0.37 35.26
C GLY A 136 -6.10 -1.00 35.61
N TYR A 137 -6.44 -1.78 34.60
CA TYR A 137 -7.11 -3.06 34.82
C TYR A 137 -6.12 -4.06 35.38
N VAL A 138 -4.88 -4.01 34.88
CA VAL A 138 -3.79 -4.84 35.37
C VAL A 138 -3.54 -4.58 36.84
N GLN A 139 -3.33 -3.32 37.19
CA GLN A 139 -3.13 -2.90 38.57
C GLN A 139 -4.26 -3.37 39.48
N SER A 140 -5.48 -3.14 39.01
CA SER A 140 -6.70 -3.51 39.69
C SER A 140 -6.78 -4.99 40.02
N ARG A 141 -6.52 -5.83 39.04
CA ARG A 141 -6.63 -7.28 39.23
C ARG A 141 -5.58 -7.83 40.16
N LEU A 142 -4.37 -7.26 40.07
CA LEU A 142 -3.25 -7.64 40.93
C LEU A 142 -3.56 -7.39 42.40
N ASN A 143 -4.17 -6.26 42.68
CA ASN A 143 -4.61 -5.91 44.02
C ASN A 143 -5.63 -6.90 44.50
N MET A 144 -6.62 -7.11 43.65
CA MET A 144 -7.70 -8.03 43.90
C MET A 144 -7.22 -9.46 44.11
N LEU A 145 -6.26 -9.90 43.29
CA LEU A 145 -5.66 -11.22 43.41
C LEU A 145 -4.97 -11.36 44.75
N LYS A 146 -4.36 -10.27 45.19
CA LYS A 146 -3.67 -10.24 46.47
C LYS A 146 -4.62 -10.46 47.64
N ALA A 147 -5.83 -9.93 47.55
CA ALA A 147 -6.76 -10.02 48.65
C ALA A 147 -7.42 -11.39 48.80
N ARG A 148 -7.68 -12.05 47.69
CA ARG A 148 -8.38 -13.35 47.66
C ARG A 148 -7.76 -14.32 46.65
N PRO A 149 -6.55 -14.80 46.93
CA PRO A 149 -5.72 -15.65 46.06
C PRO A 149 -6.10 -17.14 46.05
N GLN A 150 -7.10 -17.54 46.84
CA GLN A 150 -7.53 -18.93 46.85
C GLN A 150 -8.51 -19.23 45.69
N ILE A 151 -9.01 -18.17 45.04
CA ILE A 151 -9.99 -18.33 43.97
C ILE A 151 -9.34 -18.21 42.58
N ARG A 152 -9.49 -19.26 41.77
CA ARG A 152 -8.78 -19.36 40.49
C ARG A 152 -9.15 -18.20 39.61
N GLN A 153 -10.41 -17.78 39.71
CA GLN A 153 -10.91 -16.65 38.94
C GLN A 153 -10.01 -15.44 39.01
N ASN A 154 -9.51 -15.12 40.19
CA ASN A 154 -8.70 -13.93 40.31
C ASN A 154 -7.37 -14.03 39.60
N TRP A 155 -6.89 -15.26 39.42
CA TRP A 155 -5.67 -15.45 38.67
C TRP A 155 -5.91 -15.29 37.17
N THR A 156 -6.92 -16.00 36.68
CA THR A 156 -7.31 -15.90 35.29
C THR A 156 -7.61 -14.46 34.93
N ALA A 157 -8.34 -13.77 35.80
CA ALA A 157 -8.62 -12.35 35.56
C ALA A 157 -7.37 -11.50 35.38
N LEU A 158 -6.37 -11.67 36.24
CA LEU A 158 -5.14 -10.90 36.08
C LEU A 158 -4.39 -11.32 34.80
N ALA A 159 -4.41 -12.60 34.49
CA ALA A 159 -3.86 -13.11 33.24
C ALA A 159 -4.54 -12.47 32.05
N ILE A 160 -5.86 -12.34 32.11
CA ILE A 160 -6.62 -11.69 31.06
C ILE A 160 -6.14 -10.25 30.94
N ALA A 161 -5.96 -9.59 32.08
CA ALA A 161 -5.53 -8.21 32.07
C ALA A 161 -4.16 -8.01 31.42
N TYR A 162 -3.23 -8.89 31.76
CA TYR A 162 -1.90 -8.85 31.19
C TYR A 162 -1.95 -9.10 29.69
N HIS A 163 -2.71 -10.12 29.30
CA HIS A 163 -2.89 -10.51 27.90
C HIS A 163 -3.41 -9.38 27.03
N LEU A 164 -4.46 -8.70 27.46
CA LEU A 164 -5.06 -7.62 26.70
C LEU A 164 -4.13 -6.41 26.67
N GLU A 165 -3.23 -6.32 27.65
CA GLU A 165 -2.27 -5.22 27.70
C GLU A 165 -1.17 -5.42 26.67
N GLY A 166 -1.06 -6.64 26.17
CA GLY A 166 0.02 -7.00 25.26
C GLY A 166 1.15 -7.73 25.95
N ASN A 167 1.04 -7.89 27.27
CA ASN A 167 2.05 -8.61 28.02
C ASN A 167 1.77 -10.10 28.09
N LEU A 168 1.99 -10.77 26.97
CA LEU A 168 1.71 -12.19 26.85
C LEU A 168 2.54 -13.07 27.76
N GLU A 169 3.84 -12.79 27.84
CA GLU A 169 4.72 -13.53 28.74
C GLU A 169 4.25 -13.54 30.19
N LYS A 170 3.85 -12.38 30.68
CA LYS A 170 3.40 -12.26 32.06
C LYS A 170 2.04 -12.91 32.22
N ALA A 171 1.23 -12.84 31.18
CA ALA A 171 -0.09 -13.46 31.23
C ALA A 171 0.05 -14.97 31.31
N GLU A 172 1.00 -15.54 30.58
CA GLU A 172 1.27 -16.97 30.65
C GLU A 172 1.80 -17.36 32.03
N HIS A 173 2.67 -16.51 32.56
CA HIS A 173 3.26 -16.70 33.88
C HIS A 173 2.18 -16.78 34.96
N ILE A 174 1.18 -15.90 34.88
CA ILE A 174 0.15 -15.89 35.92
C ILE A 174 -0.64 -17.18 35.88
N LEU A 175 -0.93 -17.63 34.68
CA LEU A 175 -1.67 -18.87 34.48
C LEU A 175 -0.87 -20.07 34.95
N THR A 176 0.40 -20.13 34.59
CA THR A 176 1.23 -21.25 34.96
C THR A 176 1.50 -21.28 36.47
N THR A 177 1.58 -20.11 37.09
CA THR A 177 1.85 -20.02 38.51
C THR A 177 0.73 -20.69 39.32
N TYR A 178 -0.52 -20.44 38.92
CA TYR A 178 -1.68 -21.05 39.54
C TYR A 178 -1.61 -22.58 39.45
N GLU A 179 -1.44 -23.06 38.22
CA GLU A 179 -1.36 -24.47 37.92
C GLU A 179 -0.33 -25.22 38.77
N LYS A 180 0.77 -24.54 39.13
CA LYS A 180 1.84 -25.19 39.90
C LYS A 180 1.46 -25.36 41.37
N SER A 181 0.43 -24.64 41.81
CA SER A 181 -0.07 -24.77 43.16
C SER A 181 -1.02 -25.97 43.37
N LEU A 182 -1.60 -26.46 42.28
CA LEU A 182 -2.53 -27.60 42.36
C LEU A 182 -1.83 -28.84 42.90
N THR A 183 -2.31 -29.38 44.04
CA THR A 183 -1.75 -30.62 44.57
C THR A 183 -2.24 -31.87 43.83
N THR A 184 -3.51 -31.87 43.42
CA THR A 184 -4.06 -33.02 42.71
C THR A 184 -4.57 -32.64 41.33
N PRO A 185 -4.29 -33.47 40.32
CA PRO A 185 -4.81 -33.17 38.98
C PRO A 185 -6.34 -33.25 38.91
N PRO A 186 -6.99 -32.16 38.50
CA PRO A 186 -8.45 -32.12 38.37
C PRO A 186 -8.91 -33.17 37.36
N PRO A 187 -10.11 -33.72 37.56
CA PRO A 187 -10.67 -34.72 36.65
C PRO A 187 -11.02 -34.12 35.30
N LYS A 188 -10.97 -34.93 34.24
CA LYS A 188 -11.22 -34.44 32.88
C LYS A 188 -12.65 -33.91 32.69
N THR A 189 -13.51 -34.11 33.68
CA THR A 189 -14.87 -33.56 33.66
C THR A 189 -14.93 -32.09 34.12
N ASP A 190 -13.87 -31.63 34.76
CA ASP A 190 -13.73 -30.25 35.23
C ASP A 190 -13.62 -29.25 34.07
N LEU A 191 -14.72 -28.57 33.76
CA LEU A 191 -14.79 -27.62 32.64
C LEU A 191 -13.97 -26.34 32.81
N GLU A 192 -13.86 -25.84 34.02
CA GLU A 192 -13.08 -24.64 34.31
C GLU A 192 -11.60 -24.80 33.95
N HIS A 193 -11.02 -25.91 34.38
CA HIS A 193 -9.64 -26.25 34.12
C HIS A 193 -9.41 -26.45 32.61
N SER A 194 -10.35 -27.12 31.95
CA SER A 194 -10.26 -27.35 30.51
C SER A 194 -10.15 -26.04 29.74
N GLU A 195 -11.06 -25.12 30.03
CA GLU A 195 -11.00 -23.78 29.45
C GLU A 195 -9.75 -22.99 29.82
N ALA A 196 -9.24 -23.15 31.03
CA ALA A 196 -8.02 -22.43 31.43
C ALA A 196 -6.80 -22.89 30.66
N LEU A 197 -6.73 -24.20 30.39
CA LEU A 197 -5.63 -24.75 29.62
C LEU A 197 -5.61 -24.26 28.18
N LEU A 198 -6.76 -24.23 27.53
CA LEU A 198 -6.77 -23.79 26.14
C LEU A 198 -6.45 -22.33 26.03
N TYR A 199 -6.93 -21.54 26.97
CA TYR A 199 -6.61 -20.13 26.97
C TYR A 199 -5.08 -19.96 27.03
N LYS A 200 -4.43 -20.64 27.98
CA LYS A 200 -2.97 -20.65 28.03
C LYS A 200 -2.39 -21.14 26.71
N ASN A 201 -2.95 -22.19 26.13
CA ASN A 201 -2.45 -22.68 24.84
C ASN A 201 -2.52 -21.64 23.73
N THR A 202 -3.64 -20.95 23.59
CA THR A 202 -3.75 -19.92 22.54
C THR A 202 -2.74 -18.82 22.80
N ILE A 203 -2.43 -18.59 24.06
CA ILE A 203 -1.49 -17.54 24.40
C ILE A 203 -0.07 -17.92 23.96
N ILE A 204 0.30 -19.18 24.17
CA ILE A 204 1.57 -19.70 23.71
C ILE A 204 1.68 -19.51 22.22
N ALA A 205 0.59 -19.75 21.50
CA ALA A 205 0.60 -19.63 20.06
C ALA A 205 0.68 -18.17 19.62
N GLU A 206 -0.05 -17.27 20.28
CA GLU A 206 0.03 -15.85 19.96
C GLU A 206 1.44 -15.25 20.11
N ARG A 207 2.24 -15.81 21.02
CA ARG A 207 3.64 -15.38 21.11
C ARG A 207 4.39 -15.91 19.90
N GLY A 208 3.77 -16.83 19.17
CA GLY A 208 4.35 -17.24 17.91
C GLY A 208 5.16 -18.51 18.10
N ASP A 209 5.02 -19.12 19.28
CA ASP A 209 5.77 -20.33 19.63
C ASP A 209 4.96 -21.56 19.33
N ILE A 210 4.82 -21.82 18.05
CA ILE A 210 3.97 -22.88 17.53
C ILE A 210 4.49 -24.23 17.96
N GLU A 211 5.81 -24.34 18.05
CA GLU A 211 6.43 -25.57 18.52
C GLU A 211 5.95 -25.93 19.92
N ARG A 212 5.96 -24.95 20.80
CA ARG A 212 5.63 -25.18 22.20
C ARG A 212 4.14 -25.36 22.42
N ALA A 213 3.34 -24.63 21.66
CA ALA A 213 1.90 -24.72 21.82
C ALA A 213 1.42 -26.11 21.42
N LEU A 214 2.02 -26.68 20.38
CA LEU A 214 1.68 -28.04 19.94
C LEU A 214 2.12 -29.06 20.97
N GLN A 215 3.34 -28.88 21.46
CA GLN A 215 3.86 -29.70 22.55
C GLN A 215 2.91 -29.66 23.74
N HIS A 216 2.43 -28.46 24.10
CA HIS A 216 1.55 -28.28 25.25
C HIS A 216 0.18 -28.85 24.95
N LEU A 217 -0.23 -28.77 23.70
CA LEU A 217 -1.49 -29.31 23.27
C LEU A 217 -1.50 -30.82 23.50
N GLU A 218 -0.51 -31.52 22.93
CA GLU A 218 -0.45 -32.98 23.03
C GLU A 218 -0.21 -33.51 24.44
N THR A 219 0.56 -32.77 25.24
CA THR A 219 0.87 -33.21 26.60
C THR A 219 -0.22 -32.89 27.63
N ASP A 220 -0.74 -31.66 27.64
CA ASP A 220 -1.65 -31.28 28.73
C ASP A 220 -3.12 -31.15 28.29
N CYS A 221 -3.36 -30.97 27.00
CA CYS A 221 -4.69 -30.60 26.50
C CYS A 221 -5.31 -31.78 25.76
N LYS A 222 -4.60 -32.90 25.74
CA LYS A 222 -4.97 -34.01 24.87
C LYS A 222 -6.43 -34.39 25.09
N HIS A 223 -6.86 -34.39 26.35
CA HIS A 223 -8.19 -34.86 26.67
C HIS A 223 -9.20 -33.77 27.05
N CYS A 224 -8.93 -32.53 26.66
CA CYS A 224 -9.91 -31.44 26.92
C CYS A 224 -11.26 -31.69 26.26
N LEU A 225 -12.29 -31.09 26.87
CA LEU A 225 -13.67 -31.33 26.52
C LEU A 225 -14.09 -30.59 25.24
N ASP A 226 -13.47 -29.45 24.96
CA ASP A 226 -13.81 -28.76 23.71
C ASP A 226 -13.14 -29.50 22.54
N ARG A 227 -13.81 -30.53 22.02
CA ARG A 227 -13.14 -31.41 21.08
C ARG A 227 -12.79 -30.72 19.76
N LEU A 228 -13.70 -29.90 19.24
CA LEU A 228 -13.43 -29.18 18.00
C LEU A 228 -12.21 -28.25 18.15
N ALA A 229 -12.08 -27.62 19.31
CA ALA A 229 -10.95 -26.72 19.51
C ALA A 229 -9.62 -27.46 19.47
N VAL A 230 -9.55 -28.57 20.19
CA VAL A 230 -8.33 -29.38 20.22
C VAL A 230 -7.96 -29.91 18.82
N MET A 231 -8.95 -30.36 18.07
CA MET A 231 -8.73 -30.97 16.77
C MET A 231 -8.28 -29.95 15.73
N GLU A 232 -8.85 -28.75 15.81
CA GLU A 232 -8.50 -27.72 14.84
C GLU A 232 -7.13 -27.11 15.10
N LEU A 233 -6.81 -26.89 16.37
CA LEU A 233 -5.50 -26.41 16.77
C LEU A 233 -4.44 -27.42 16.34
N ARG A 234 -4.71 -28.69 16.55
CA ARG A 234 -3.76 -29.71 16.14
C ARG A 234 -3.50 -29.65 14.65
N ALA A 235 -4.55 -29.53 13.84
CA ALA A 235 -4.34 -29.52 12.41
C ALA A 235 -3.62 -28.25 11.97
N SER A 236 -4.05 -27.11 12.50
CA SER A 236 -3.45 -25.82 12.23
C SER A 236 -1.94 -25.81 12.54
N TYR A 237 -1.60 -26.34 13.71
CA TYR A 237 -0.21 -26.33 14.15
C TYR A 237 0.66 -27.28 13.33
N LEU A 238 0.18 -28.49 13.10
CA LEU A 238 0.92 -29.46 12.31
C LEU A 238 1.23 -28.93 10.92
N SER A 239 0.27 -28.26 10.30
CA SER A 239 0.49 -27.78 8.94
C SER A 239 1.58 -26.68 8.88
N LYS A 240 1.49 -25.72 9.78
CA LYS A 240 2.50 -24.66 9.90
C LYS A 240 3.89 -25.18 10.22
N LEU A 241 3.96 -26.32 10.88
CA LEU A 241 5.25 -26.91 11.20
C LEU A 241 5.74 -27.84 10.09
N ALA A 242 4.93 -27.92 9.03
CA ALA A 242 5.26 -28.71 7.84
C ALA A 242 5.38 -30.21 8.16
N ARG A 243 4.65 -30.66 9.17
CA ARG A 243 4.61 -32.09 9.48
C ARG A 243 3.39 -32.53 8.72
N LYS A 244 3.56 -32.72 7.41
CA LYS A 244 2.40 -32.73 6.52
C LYS A 244 1.56 -34.01 6.64
N ASP A 245 2.21 -35.17 6.64
CA ASP A 245 1.53 -36.44 6.84
C ASP A 245 0.61 -36.41 8.08
N GLU A 246 1.13 -35.93 9.19
CA GLU A 246 0.36 -35.89 10.44
C GLU A 246 -0.77 -34.85 10.35
N ALA A 247 -0.50 -33.72 9.70
CA ALA A 247 -1.52 -32.68 9.53
C ALA A 247 -2.62 -33.15 8.60
N ALA A 248 -2.25 -33.93 7.59
CA ALA A 248 -3.21 -34.54 6.69
C ALA A 248 -4.20 -35.35 7.51
N LYS A 249 -3.63 -36.20 8.37
CA LYS A 249 -4.38 -37.07 9.27
C LYS A 249 -5.28 -36.30 10.25
N ALA A 250 -4.82 -35.12 10.65
CA ALA A 250 -5.56 -34.30 11.62
C ALA A 250 -6.80 -33.70 10.96
N TYR A 251 -6.64 -33.27 9.72
CA TYR A 251 -7.77 -32.69 8.99
C TYR A 251 -8.79 -33.74 8.64
N ARG A 252 -8.35 -34.97 8.46
CA ARG A 252 -9.31 -36.05 8.25
C ARG A 252 -10.22 -36.28 9.47
N ALA A 253 -9.68 -36.25 10.68
CA ALA A 253 -10.53 -36.36 11.89
C ALA A 253 -11.59 -35.26 11.87
N LEU A 254 -11.17 -34.05 11.51
CA LEU A 254 -12.03 -32.86 11.42
C LEU A 254 -13.01 -32.95 10.27
N LEU A 255 -12.57 -33.59 9.19
CA LEU A 255 -13.39 -33.71 8.00
C LEU A 255 -14.59 -34.58 8.29
N ASP A 256 -14.33 -35.65 9.03
CA ASP A 256 -15.37 -36.59 9.44
C ASP A 256 -16.45 -35.94 10.33
N ARG A 257 -16.06 -34.90 11.07
CA ARG A 257 -16.98 -34.19 11.95
C ARG A 257 -17.92 -33.22 11.24
N ASN A 258 -17.45 -32.59 10.17
CA ASN A 258 -18.22 -31.55 9.47
C ASN A 258 -17.80 -31.37 8.01
N PRO A 259 -18.35 -32.19 7.12
CA PRO A 259 -18.05 -32.23 5.69
C PRO A 259 -18.40 -30.93 4.96
N GLU A 260 -18.97 -29.96 5.66
CA GLU A 260 -19.51 -28.77 4.99
C GLU A 260 -18.63 -27.54 5.17
N HIS A 261 -17.41 -27.69 5.70
CA HIS A 261 -16.61 -26.51 6.02
C HIS A 261 -15.42 -26.42 5.06
N MET A 262 -15.56 -25.58 4.04
CA MET A 262 -14.58 -25.39 2.95
C MET A 262 -13.10 -25.54 3.30
N ASP A 263 -12.67 -24.90 4.38
CA ASP A 263 -11.26 -24.85 4.75
C ASP A 263 -10.62 -26.17 5.15
N TYR A 264 -11.43 -27.12 5.62
CA TYR A 264 -10.87 -28.42 6.00
C TYR A 264 -10.34 -29.18 4.75
N TYR A 265 -11.04 -29.09 3.63
CA TYR A 265 -10.58 -29.72 2.39
C TYR A 265 -9.28 -29.05 1.95
N LYS A 266 -9.27 -27.74 2.00
CA LYS A 266 -8.11 -26.93 1.66
C LYS A 266 -6.92 -27.38 2.47
N GLY A 267 -7.11 -27.46 3.79
CA GLY A 267 -6.08 -27.94 4.69
C GLY A 267 -5.50 -29.28 4.32
N LEU A 268 -6.38 -30.26 4.07
CA LEU A 268 -5.98 -31.61 3.66
C LEU A 268 -5.12 -31.62 2.38
N ILE A 269 -5.63 -30.97 1.33
CA ILE A 269 -5.01 -30.98 0.01
C ILE A 269 -3.60 -30.38 0.03
N SER A 270 -3.42 -29.34 0.82
CA SER A 270 -2.08 -28.79 1.01
C SER A 270 -1.14 -29.81 1.64
N ALA A 271 -1.62 -30.55 2.65
CA ALA A 271 -0.76 -31.49 3.37
C ALA A 271 -0.29 -32.63 2.46
N LEU A 272 -1.05 -32.93 1.41
CA LEU A 272 -0.70 -34.00 0.48
C LEU A 272 0.29 -33.56 -0.60
N ASP A 273 0.57 -32.26 -0.63
CA ASP A 273 1.46 -31.68 -1.63
C ASP A 273 0.92 -31.84 -3.04
N ILE A 274 -0.33 -31.46 -3.23
CA ILE A 274 -0.92 -31.55 -4.55
C ILE A 274 -0.99 -30.15 -5.15
N SER A 275 -0.45 -30.00 -6.35
CA SER A 275 -0.37 -28.67 -6.96
C SER A 275 -1.72 -28.33 -7.56
N ALA A 276 -2.16 -27.08 -7.43
CA ALA A 276 -3.47 -26.66 -7.93
C ALA A 276 -3.65 -26.94 -9.43
N ASP A 277 -2.54 -27.08 -10.15
CA ASP A 277 -2.58 -27.42 -11.57
C ASP A 277 -3.05 -28.85 -11.81
N ASP A 278 -2.76 -29.74 -10.87
CA ASP A 278 -3.10 -31.16 -11.06
C ASP A 278 -4.59 -31.31 -10.72
N GLU A 279 -5.43 -31.17 -11.75
CA GLU A 279 -6.88 -31.15 -11.57
C GLU A 279 -7.43 -32.51 -11.13
N GLU A 280 -6.95 -33.58 -11.78
CA GLU A 280 -7.47 -34.91 -11.53
C GLU A 280 -7.11 -35.41 -10.15
N ALA A 281 -5.91 -35.09 -9.69
CA ALA A 281 -5.45 -35.52 -8.38
C ALA A 281 -6.26 -34.90 -7.24
N GLN A 282 -6.74 -33.67 -7.45
CA GLN A 282 -7.57 -32.99 -6.46
C GLN A 282 -8.96 -33.64 -6.39
N LYS A 283 -9.52 -33.98 -7.55
CA LYS A 283 -10.86 -34.50 -7.59
C LYS A 283 -10.93 -35.83 -6.85
N ALA A 284 -9.83 -36.58 -6.90
CA ALA A 284 -9.76 -37.88 -6.22
C ALA A 284 -10.03 -37.70 -4.72
N VAL A 285 -9.40 -36.70 -4.13
CA VAL A 285 -9.63 -36.32 -2.74
C VAL A 285 -11.09 -36.03 -2.45
N TYR A 286 -11.70 -35.19 -3.27
CA TYR A 286 -13.10 -34.81 -3.05
C TYR A 286 -14.06 -35.99 -3.23
N ASP A 287 -13.83 -36.80 -4.26
CA ASP A 287 -14.67 -37.95 -4.53
C ASP A 287 -14.65 -38.97 -3.40
N GLU A 288 -13.50 -39.14 -2.76
CA GLU A 288 -13.38 -40.12 -1.66
C GLU A 288 -14.39 -39.77 -0.58
N TYR A 289 -14.48 -38.50 -0.20
CA TYR A 289 -15.43 -38.06 0.81
C TYR A 289 -16.86 -37.93 0.29
N ALA A 290 -17.00 -37.68 -1.01
CA ALA A 290 -18.33 -37.62 -1.61
C ALA A 290 -18.94 -39.01 -1.52
N ALA A 291 -18.11 -40.03 -1.78
CA ALA A 291 -18.51 -41.41 -1.60
C ALA A 291 -18.80 -41.73 -0.13
N LYS A 292 -17.95 -41.23 0.76
CA LYS A 292 -18.04 -41.56 2.18
C LYS A 292 -19.18 -40.83 2.88
N TYR A 293 -19.53 -39.65 2.36
CA TYR A 293 -20.54 -38.78 2.96
C TYR A 293 -21.47 -38.22 1.89
N PRO A 294 -22.38 -39.06 1.39
CA PRO A 294 -23.30 -38.74 0.29
C PRO A 294 -24.09 -37.46 0.52
N ARG A 295 -24.22 -37.05 1.77
CA ARG A 295 -24.98 -35.84 2.08
C ARG A 295 -24.16 -34.55 2.16
N SER A 296 -22.85 -34.63 1.98
CA SER A 296 -22.06 -33.41 1.97
C SER A 296 -22.29 -32.69 0.65
N ASP A 297 -22.79 -31.45 0.68
CA ASP A 297 -22.86 -30.68 -0.56
C ASP A 297 -21.50 -30.22 -0.98
N ALA A 298 -20.73 -29.76 -0.01
CA ALA A 298 -19.40 -29.25 -0.25
C ALA A 298 -18.57 -30.23 -1.07
N ALA A 299 -18.59 -31.50 -0.68
CA ALA A 299 -17.78 -32.54 -1.30
C ALA A 299 -18.17 -32.80 -2.75
N LYS A 300 -19.31 -32.26 -3.17
CA LYS A 300 -19.72 -32.38 -4.56
C LYS A 300 -19.46 -31.07 -5.28
N ARG A 301 -19.62 -29.97 -4.57
CA ARG A 301 -19.64 -28.66 -5.21
C ARG A 301 -18.28 -28.01 -5.44
N LEU A 302 -17.39 -28.15 -4.47
CA LEU A 302 -16.08 -27.51 -4.46
C LEU A 302 -15.19 -27.86 -5.70
N PRO A 303 -15.13 -29.15 -6.12
CA PRO A 303 -14.35 -29.46 -7.33
C PRO A 303 -14.65 -28.64 -8.58
N LEU A 304 -15.76 -27.93 -8.61
CA LEU A 304 -16.06 -27.09 -9.76
C LEU A 304 -15.25 -25.80 -9.75
N ASN A 305 -14.50 -25.55 -8.68
CA ASN A 305 -13.70 -24.34 -8.61
C ASN A 305 -12.44 -24.40 -9.49
N PHE A 306 -11.78 -25.55 -9.52
CA PHE A 306 -10.51 -25.68 -10.25
C PHE A 306 -10.55 -26.55 -11.50
N LEU A 307 -11.62 -27.33 -11.66
CA LEU A 307 -11.83 -28.12 -12.87
C LEU A 307 -12.07 -27.25 -14.09
N SER A 308 -11.73 -27.76 -15.27
CA SER A 308 -11.80 -26.98 -16.52
C SER A 308 -12.02 -27.89 -17.74
N GLY A 309 -12.40 -27.26 -18.87
CA GLY A 309 -12.69 -27.97 -20.10
C GLY A 309 -13.73 -29.04 -19.88
N GLU A 310 -13.56 -30.19 -20.52
CA GLU A 310 -14.54 -31.29 -20.45
C GLU A 310 -14.68 -31.80 -19.02
N ARG A 311 -13.58 -31.75 -18.28
CA ARG A 311 -13.57 -32.19 -16.89
C ARG A 311 -14.57 -31.40 -16.07
N PHE A 312 -14.69 -30.10 -16.37
CA PHE A 312 -15.66 -29.24 -15.69
C PHE A 312 -17.06 -29.61 -16.12
N ARG A 313 -17.28 -29.71 -17.44
CA ARG A 313 -18.60 -30.01 -17.99
C ARG A 313 -19.17 -31.31 -17.45
N THR A 314 -18.37 -32.37 -17.48
CA THR A 314 -18.83 -33.69 -17.04
C THR A 314 -19.28 -33.66 -15.57
N THR A 315 -18.45 -33.08 -14.73
CA THR A 315 -18.74 -32.93 -13.30
C THR A 315 -19.92 -32.00 -13.01
N ALA A 316 -19.99 -30.90 -13.76
CA ALA A 316 -21.05 -29.90 -13.57
C ALA A 316 -22.42 -30.47 -13.92
N LYS A 317 -22.46 -31.30 -14.96
CA LYS A 317 -23.70 -31.96 -15.33
C LYS A 317 -24.17 -32.88 -14.22
N ALA A 318 -23.25 -33.67 -13.69
CA ALA A 318 -23.57 -34.63 -12.65
C ALA A 318 -24.06 -33.94 -11.40
N TYR A 319 -23.50 -32.76 -11.12
CA TYR A 319 -23.91 -31.95 -9.98
C TYR A 319 -25.28 -31.31 -10.22
N LEU A 320 -25.44 -30.71 -11.41
CA LEU A 320 -26.69 -30.08 -11.78
C LEU A 320 -27.85 -31.09 -11.73
N THR A 321 -27.59 -32.31 -12.20
CA THR A 321 -28.62 -33.36 -12.19
C THR A 321 -29.10 -33.69 -10.77
N LEU A 322 -28.17 -33.85 -9.83
CA LEU A 322 -28.51 -34.03 -8.42
C LEU A 322 -29.39 -32.95 -7.88
N MET A 323 -28.98 -31.71 -8.12
CA MET A 323 -29.65 -30.58 -7.51
C MET A 323 -31.00 -30.35 -8.14
N PHE A 324 -31.05 -30.38 -9.47
CA PHE A 324 -32.32 -30.17 -10.16
C PHE A 324 -33.32 -31.26 -9.83
N ASP A 325 -32.87 -32.51 -9.80
CA ASP A 325 -33.79 -33.59 -9.48
C ASP A 325 -34.34 -33.45 -8.07
N LYS A 326 -33.49 -32.94 -7.18
CA LYS A 326 -33.88 -32.73 -5.79
C LYS A 326 -34.64 -31.42 -5.62
N GLY A 327 -34.61 -30.59 -6.67
CA GLY A 327 -35.33 -29.33 -6.67
C GLY A 327 -34.71 -28.15 -5.95
N VAL A 328 -33.42 -28.26 -5.59
CA VAL A 328 -32.72 -27.24 -4.79
C VAL A 328 -32.69 -25.89 -5.51
N PRO A 329 -33.29 -24.86 -4.87
CA PRO A 329 -33.34 -23.48 -5.38
C PRO A 329 -32.11 -22.65 -5.23
N SER A 330 -31.19 -23.09 -4.39
CA SER A 330 -30.01 -22.31 -4.20
C SER A 330 -28.89 -22.76 -5.09
N THR A 331 -29.18 -23.58 -6.08
CA THR A 331 -28.11 -24.14 -6.90
C THR A 331 -27.34 -23.04 -7.67
N PHE A 332 -28.05 -22.16 -8.37
CA PHE A 332 -27.38 -21.06 -9.05
C PHE A 332 -26.56 -20.18 -8.14
N ALA A 333 -27.20 -19.79 -7.04
CA ALA A 333 -26.58 -18.89 -6.11
C ALA A 333 -25.34 -19.54 -5.56
N ASN A 334 -25.37 -20.87 -5.52
CA ASN A 334 -24.29 -21.65 -5.00
C ASN A 334 -23.11 -21.81 -5.99
N LEU A 335 -23.34 -21.46 -7.26
CA LEU A 335 -22.36 -21.65 -8.35
C LEU A 335 -21.95 -20.37 -9.09
N LYS A 336 -22.69 -19.28 -8.87
CA LYS A 336 -22.50 -18.04 -9.64
C LYS A 336 -21.13 -17.37 -9.49
N HIS A 337 -20.41 -17.69 -8.42
CA HIS A 337 -19.04 -17.18 -8.18
C HIS A 337 -18.11 -17.61 -9.29
N LEU A 338 -18.50 -18.67 -9.98
CA LEU A 338 -17.71 -19.21 -11.05
C LEU A 338 -17.86 -18.41 -12.33
N TYR A 339 -18.88 -17.55 -12.39
CA TYR A 339 -19.20 -16.84 -13.65
C TYR A 339 -18.16 -15.77 -14.02
N SER A 340 -17.12 -15.61 -13.21
CA SER A 340 -16.04 -14.70 -13.57
C SER A 340 -15.27 -15.29 -14.74
N ASP A 341 -15.23 -16.62 -14.79
CA ASP A 341 -14.61 -17.34 -15.91
C ASP A 341 -15.69 -17.58 -16.96
N SER A 342 -15.50 -17.02 -18.15
CA SER A 342 -16.47 -17.11 -19.24
C SER A 342 -16.85 -18.54 -19.67
N PHE A 343 -15.85 -19.41 -19.81
CA PHE A 343 -16.07 -20.79 -20.23
C PHE A 343 -17.03 -21.56 -19.30
N LYS A 344 -16.81 -21.44 -18.00
CA LYS A 344 -17.61 -22.11 -16.97
C LYS A 344 -19.02 -21.52 -16.94
N LYS A 345 -19.09 -20.23 -17.22
CA LYS A 345 -20.35 -19.53 -17.32
C LYS A 345 -21.25 -20.09 -18.41
N GLU A 346 -20.71 -20.15 -19.62
CA GLU A 346 -21.42 -20.61 -20.80
C GLU A 346 -21.75 -22.08 -20.71
N THR A 347 -20.82 -22.84 -20.14
CA THR A 347 -21.00 -24.28 -20.05
C THR A 347 -22.17 -24.67 -19.16
N LEU A 348 -22.35 -23.92 -18.07
CA LEU A 348 -23.41 -24.20 -17.12
C LEU A 348 -24.78 -23.92 -17.72
N ALA A 349 -24.86 -22.86 -18.52
CA ALA A 349 -26.12 -22.53 -19.18
C ALA A 349 -26.43 -23.61 -20.22
N SER A 350 -25.40 -24.00 -20.97
CA SER A 350 -25.54 -25.04 -21.99
C SER A 350 -25.95 -26.36 -21.37
N LEU A 351 -25.38 -26.69 -20.21
CA LEU A 351 -25.72 -27.94 -19.53
C LEU A 351 -27.16 -27.97 -19.02
N ALA A 352 -27.65 -26.84 -18.54
CA ALA A 352 -29.04 -26.74 -18.08
C ALA A 352 -29.99 -26.99 -19.21
N GLU A 353 -29.71 -26.31 -20.33
CA GLU A 353 -30.50 -26.45 -21.54
C GLU A 353 -30.49 -27.90 -22.02
N GLU A 354 -29.33 -28.56 -21.86
CA GLU A 354 -29.13 -29.95 -22.28
C GLU A 354 -29.98 -30.91 -21.48
N TYR A 355 -30.04 -30.64 -20.18
CA TYR A 355 -30.81 -31.40 -19.20
C TYR A 355 -32.32 -31.27 -19.41
N LEU A 356 -32.77 -30.04 -19.63
CA LEU A 356 -34.16 -29.75 -19.97
C LEU A 356 -34.76 -30.60 -21.11
N ASN A 357 -34.02 -30.71 -22.20
CA ASN A 357 -34.45 -31.47 -23.37
C ASN A 357 -34.42 -32.98 -23.11
N GLU A 358 -33.44 -33.37 -22.31
CA GLU A 358 -33.11 -34.75 -21.96
C GLU A 358 -33.99 -35.34 -20.86
N TYR A 359 -34.85 -34.50 -20.31
CA TYR A 359 -35.65 -34.81 -19.11
C TYR A 359 -36.76 -35.81 -19.41
N VAL A 360 -36.91 -36.77 -18.50
CA VAL A 360 -38.05 -37.68 -18.55
C VAL A 360 -38.74 -37.60 -17.19
N ASN A 361 -40.06 -37.69 -17.23
CA ASN A 361 -40.89 -37.51 -16.05
C ASN A 361 -40.63 -38.49 -14.92
N ASP A 372 -45.52 -32.59 -6.25
CA ASP A 372 -45.06 -32.20 -7.58
C ASP A 372 -44.11 -30.99 -7.50
N GLY A 373 -44.67 -29.81 -7.27
CA GLY A 373 -43.88 -28.60 -7.10
C GLY A 373 -42.96 -28.20 -8.23
N SER A 374 -41.87 -27.53 -7.87
CA SER A 374 -40.91 -27.12 -8.86
C SER A 374 -39.77 -28.09 -9.06
N LYS A 375 -40.02 -29.34 -8.68
CA LYS A 375 -38.99 -30.36 -8.75
C LYS A 375 -38.76 -30.61 -10.25
N GLY A 376 -37.53 -30.84 -10.70
CA GLY A 376 -37.34 -31.23 -12.09
C GLY A 376 -37.04 -30.21 -13.17
N LYS A 377 -37.90 -30.18 -14.18
CA LYS A 377 -37.73 -29.31 -15.35
C LYS A 377 -37.87 -27.80 -15.04
N GLY A 378 -38.82 -27.46 -14.18
CA GLY A 378 -38.99 -26.09 -13.70
C GLY A 378 -37.74 -25.58 -12.99
N ALA A 379 -37.15 -26.46 -12.19
CA ALA A 379 -35.99 -26.17 -11.34
C ALA A 379 -34.75 -25.83 -12.19
N ALA A 380 -34.62 -26.51 -13.34
CA ALA A 380 -33.54 -26.26 -14.29
C ALA A 380 -33.77 -24.89 -14.97
N LEU A 381 -35.03 -24.59 -15.28
CA LEU A 381 -35.43 -23.33 -15.92
C LEU A 381 -35.13 -22.17 -14.99
N TYR A 382 -35.34 -22.41 -13.71
CA TYR A 382 -35.05 -21.41 -12.68
C TYR A 382 -33.56 -21.12 -12.64
N TYR A 383 -32.72 -22.12 -12.90
CA TYR A 383 -31.29 -21.87 -12.93
C TYR A 383 -31.01 -20.94 -14.12
N LEU A 384 -31.65 -21.22 -15.25
CA LEU A 384 -31.45 -20.41 -16.44
C LEU A 384 -32.04 -19.01 -16.26
N ALA A 385 -33.15 -18.94 -15.53
CA ALA A 385 -33.82 -17.67 -15.28
C ALA A 385 -32.90 -16.75 -14.51
N GLN A 386 -32.24 -17.33 -13.52
CA GLN A 386 -31.35 -16.61 -12.64
C GLN A 386 -30.06 -16.28 -13.38
N HIS A 387 -29.63 -17.24 -14.22
CA HIS A 387 -28.45 -17.09 -15.07
C HIS A 387 -28.50 -15.80 -15.88
N TYR A 388 -29.60 -15.58 -16.59
CA TYR A 388 -29.71 -14.42 -17.46
C TYR A 388 -30.16 -13.17 -16.69
N ASN A 389 -30.39 -13.34 -15.39
CA ASN A 389 -30.64 -12.19 -14.53
C ASN A 389 -29.35 -11.71 -13.88
N TYR A 390 -28.40 -12.63 -13.74
CA TYR A 390 -27.11 -12.34 -13.11
C TYR A 390 -26.31 -11.38 -13.96
N TYR A 391 -25.62 -10.42 -13.36
CA TYR A 391 -25.01 -9.33 -14.11
C TYR A 391 -23.84 -9.76 -15.03
N MET A 392 -23.25 -10.91 -14.78
CA MET A 392 -22.11 -11.37 -15.59
C MET A 392 -22.58 -12.00 -16.89
N SER A 393 -23.83 -12.43 -16.97
CA SER A 393 -24.34 -13.05 -18.20
C SER A 393 -25.72 -12.51 -18.47
N ARG A 394 -25.94 -11.26 -18.08
CA ARG A 394 -27.27 -10.69 -18.05
C ARG A 394 -27.87 -10.62 -19.46
N ASP A 395 -29.10 -11.09 -19.54
CA ASP A 395 -29.97 -10.90 -20.71
C ASP A 395 -31.39 -10.91 -20.17
N LEU A 396 -31.88 -9.75 -19.77
CA LEU A 396 -33.12 -9.68 -18.99
C LEU A 396 -34.33 -10.19 -19.75
N THR A 397 -34.26 -10.08 -21.07
CA THR A 397 -35.35 -10.53 -21.90
C THR A 397 -35.49 -12.06 -21.88
N ARG A 398 -34.38 -12.77 -22.09
CA ARG A 398 -34.40 -14.23 -22.05
C ARG A 398 -34.74 -14.76 -20.66
N ALA A 399 -34.30 -14.03 -19.63
CA ALA A 399 -34.52 -14.39 -18.23
C ALA A 399 -36.01 -14.34 -17.90
N LEU A 400 -36.65 -13.29 -18.40
CA LEU A 400 -38.08 -13.12 -18.24
C LEU A 400 -38.79 -14.34 -18.81
N GLU A 401 -38.40 -14.75 -20.03
CA GLU A 401 -39.00 -15.89 -20.69
C GLU A 401 -38.88 -17.17 -19.85
N TYR A 402 -37.67 -17.44 -19.34
CA TYR A 402 -37.43 -18.66 -18.58
C TYR A 402 -38.23 -18.67 -17.30
N VAL A 403 -38.29 -17.51 -16.64
CA VAL A 403 -39.02 -17.37 -15.39
C VAL A 403 -40.52 -17.47 -15.67
N GLU A 404 -40.95 -16.94 -16.80
CA GLU A 404 -42.35 -17.03 -17.15
C GLU A 404 -42.69 -18.49 -17.37
N LYS A 405 -41.78 -19.24 -17.99
CA LYS A 405 -41.99 -20.68 -18.20
C LYS A 405 -42.00 -21.52 -16.93
N ALA A 406 -41.15 -21.15 -15.98
CA ALA A 406 -41.11 -21.79 -14.67
C ALA A 406 -42.42 -21.55 -13.94
N ILE A 407 -42.85 -20.29 -13.95
CA ILE A 407 -44.10 -19.88 -13.33
C ILE A 407 -45.30 -20.46 -14.07
N GLU A 408 -45.14 -20.64 -15.37
CA GLU A 408 -46.10 -21.39 -16.17
C GLU A 408 -46.31 -22.81 -15.61
N LEU A 409 -45.21 -23.47 -15.28
CA LEU A 409 -45.22 -24.86 -14.84
C LEU A 409 -45.67 -25.01 -13.38
N ASP A 410 -45.37 -23.98 -12.57
CA ASP A 410 -45.59 -23.98 -11.11
C ASP A 410 -45.94 -22.58 -10.62
N PRO A 411 -47.23 -22.23 -10.71
CA PRO A 411 -47.71 -20.86 -10.45
C PRO A 411 -47.66 -20.43 -8.99
N LYS A 412 -47.50 -21.35 -8.03
CA LYS A 412 -47.52 -20.94 -6.63
C LYS A 412 -46.14 -20.92 -5.95
N ASN A 413 -45.09 -21.06 -6.75
CA ASN A 413 -43.73 -21.06 -6.22
C ASN A 413 -43.26 -19.65 -5.87
N VAL A 414 -43.05 -19.39 -4.59
CA VAL A 414 -42.58 -18.10 -4.08
C VAL A 414 -41.26 -17.63 -4.68
N ASP A 415 -40.29 -18.52 -4.76
CA ASP A 415 -38.94 -18.18 -5.23
C ASP A 415 -38.93 -17.76 -6.70
N PHE A 416 -39.77 -18.39 -7.52
CA PHE A 416 -39.89 -18.00 -8.92
C PHE A 416 -40.33 -16.57 -9.14
N HIS A 417 -41.47 -16.20 -8.53
CA HIS A 417 -42.01 -14.87 -8.70
C HIS A 417 -41.11 -13.82 -8.13
N MET A 418 -40.41 -14.19 -7.06
CA MET A 418 -39.49 -13.30 -6.36
C MET A 418 -38.37 -12.93 -7.34
N THR A 419 -37.83 -13.93 -8.04
CA THR A 419 -36.80 -13.68 -9.04
C THR A 419 -37.38 -12.80 -10.17
N LYS A 420 -38.63 -13.04 -10.56
CA LYS A 420 -39.29 -12.24 -11.60
C LYS A 420 -39.29 -10.76 -11.22
N ALA A 421 -39.75 -10.48 -10.00
CA ALA A 421 -39.70 -9.14 -9.41
C ALA A 421 -38.31 -8.52 -9.49
N ARG A 422 -37.31 -9.36 -9.28
CA ARG A 422 -35.94 -8.88 -9.24
C ARG A 422 -35.51 -8.49 -10.66
N ILE A 423 -36.06 -9.17 -11.66
CA ILE A 423 -35.78 -8.87 -13.07
C ILE A 423 -36.36 -7.51 -13.46
N PHE A 424 -37.59 -7.26 -13.05
CA PHE A 424 -38.26 -5.96 -13.24
C PHE A 424 -37.40 -4.84 -12.64
N LYS A 425 -36.99 -5.03 -11.37
CA LYS A 425 -36.05 -4.13 -10.70
C LYS A 425 -34.89 -3.79 -11.65
N HIS A 426 -34.26 -4.81 -12.23
CA HIS A 426 -33.14 -4.59 -13.15
C HIS A 426 -33.54 -3.85 -14.43
N GLN A 427 -34.77 -4.00 -14.89
CA GLN A 427 -35.22 -3.21 -16.04
C GLN A 427 -35.39 -1.74 -15.63
N GLY A 428 -35.41 -1.49 -14.33
CA GLY A 428 -35.48 -0.15 -13.76
C GLY A 428 -36.89 0.25 -13.38
N ASP A 429 -37.83 -0.63 -13.62
CA ASP A 429 -39.25 -0.41 -13.32
C ASP A 429 -39.56 -0.89 -11.89
N LEU A 430 -39.23 -0.05 -10.91
CA LEU A 430 -39.38 -0.35 -9.50
C LEU A 430 -40.78 -0.65 -9.02
N ALA A 431 -41.76 0.07 -9.54
CA ALA A 431 -43.17 -0.17 -9.22
C ALA A 431 -43.57 -1.62 -9.54
N LYS A 432 -43.37 -2.05 -10.78
CA LYS A 432 -43.68 -3.42 -11.17
C LYS A 432 -42.95 -4.42 -10.27
N ALA A 433 -41.72 -4.08 -9.89
CA ALA A 433 -40.92 -4.98 -9.07
C ALA A 433 -41.52 -5.14 -7.67
N ALA A 434 -42.01 -4.05 -7.11
CA ALA A 434 -42.59 -4.10 -5.77
C ALA A 434 -43.95 -4.80 -5.78
N GLU A 435 -44.75 -4.54 -6.81
CA GLU A 435 -46.04 -5.19 -7.00
C GLU A 435 -45.91 -6.72 -7.09
N THR A 436 -44.91 -7.19 -7.85
CA THR A 436 -44.72 -8.62 -8.06
C THR A 436 -44.16 -9.28 -6.81
N MET A 437 -43.26 -8.58 -6.12
CA MET A 437 -42.69 -9.11 -4.91
C MET A 437 -43.73 -9.23 -3.83
N ASP A 438 -44.63 -8.25 -3.80
CA ASP A 438 -45.70 -8.22 -2.85
C ASP A 438 -46.64 -9.41 -3.17
N TYR A 439 -46.85 -9.68 -4.46
CA TYR A 439 -47.65 -10.83 -4.87
C TYR A 439 -47.01 -12.12 -4.37
N ALA A 440 -45.69 -12.21 -4.54
CA ALA A 440 -44.89 -13.35 -4.08
C ALA A 440 -45.15 -13.59 -2.58
N ARG A 441 -45.25 -12.52 -1.80
CA ARG A 441 -45.54 -12.59 -0.36
C ARG A 441 -46.89 -13.28 -0.19
N SER A 442 -47.88 -12.89 -0.98
CA SER A 442 -49.21 -13.42 -0.79
C SER A 442 -49.29 -14.94 -0.95
N LEU A 443 -48.29 -15.58 -1.54
CA LEU A 443 -48.33 -17.05 -1.68
C LEU A 443 -47.82 -17.82 -0.46
N ASP A 444 -47.02 -17.18 0.39
CA ASP A 444 -46.62 -17.78 1.67
C ASP A 444 -46.70 -16.71 2.73
N PRO A 445 -47.91 -16.39 3.17
CA PRO A 445 -48.03 -15.32 4.15
C PRO A 445 -47.44 -15.70 5.50
N LYS A 446 -47.12 -16.97 5.68
CA LYS A 446 -46.57 -17.38 6.97
C LYS A 446 -45.10 -17.22 7.02
N ASP A 447 -44.50 -16.84 5.90
CA ASP A 447 -43.06 -16.80 5.80
C ASP A 447 -42.52 -15.38 5.81
N ARG A 448 -41.71 -15.07 6.82
CA ARG A 448 -41.31 -13.69 6.98
C ARG A 448 -40.26 -13.24 5.97
N TYR A 449 -39.43 -14.14 5.46
CA TYR A 449 -38.38 -13.70 4.53
C TYR A 449 -38.93 -12.97 3.33
N ILE A 450 -39.94 -13.54 2.71
CA ILE A 450 -40.55 -12.93 1.54
C ILE A 450 -41.33 -11.69 1.99
N ASN A 451 -41.83 -11.69 3.21
CA ASN A 451 -42.48 -10.49 3.70
C ASN A 451 -41.50 -9.33 3.79
N SER A 452 -40.30 -9.59 4.29
CA SER A 452 -39.29 -8.54 4.43
C SER A 452 -38.86 -7.97 3.10
N LYS A 453 -38.73 -8.86 2.14
CA LYS A 453 -38.37 -8.51 0.78
C LYS A 453 -39.42 -7.60 0.17
N ALA A 454 -40.70 -7.92 0.41
CA ALA A 454 -41.79 -7.14 -0.17
C ALA A 454 -41.73 -5.73 0.39
N ALA A 455 -41.61 -5.64 1.71
CA ALA A 455 -41.45 -4.37 2.39
C ALA A 455 -40.27 -3.58 1.84
N LYS A 456 -39.19 -4.32 1.61
CA LYS A 456 -37.99 -3.70 1.10
C LYS A 456 -38.20 -3.14 -0.28
N TYR A 457 -38.76 -3.96 -1.17
CA TYR A 457 -39.06 -3.51 -2.52
C TYR A 457 -40.00 -2.33 -2.52
N GLN A 458 -40.95 -2.31 -1.59
CA GLN A 458 -41.87 -1.18 -1.48
C GLN A 458 -41.10 0.08 -1.03
N LEU A 459 -40.18 -0.07 -0.08
CA LEU A 459 -39.33 1.06 0.27
C LEU A 459 -38.47 1.51 -0.91
N ARG A 460 -37.95 0.56 -1.69
CA ARG A 460 -37.20 0.93 -2.88
C ARG A 460 -38.03 1.72 -3.88
N ASN A 461 -39.34 1.53 -3.85
CA ASN A 461 -40.24 2.33 -4.69
C ASN A 461 -40.79 3.55 -3.97
N ASN A 462 -40.15 3.90 -2.85
CA ASN A 462 -40.54 5.05 -2.04
C ASN A 462 -41.95 5.00 -1.53
N GLU A 463 -42.43 3.78 -1.29
CA GLU A 463 -43.74 3.64 -0.72
C GLU A 463 -43.66 3.30 0.78
N ASN A 464 -43.21 4.26 1.59
CA ASN A 464 -42.96 4.04 3.02
C ASN A 464 -44.13 3.52 3.86
N GLU A 465 -45.26 4.21 3.76
CA GLU A 465 -46.39 3.90 4.63
C GLU A 465 -46.89 2.50 4.31
N LYS A 466 -46.83 2.12 3.05
CA LYS A 466 -47.16 0.75 2.68
C LYS A 466 -46.17 -0.26 3.28
N ALA A 467 -44.88 -0.02 3.15
CA ALA A 467 -43.87 -0.94 3.67
C ALA A 467 -43.99 -1.23 5.18
N LEU A 468 -44.23 -0.20 5.99
CA LEU A 468 -44.38 -0.40 7.42
C LEU A 468 -45.58 -1.30 7.70
N ALA A 469 -46.61 -1.20 6.85
CA ALA A 469 -47.80 -2.00 7.07
C ALA A 469 -47.57 -3.42 6.67
N THR A 470 -46.67 -3.61 5.71
CA THR A 470 -46.24 -4.94 5.33
C THR A 470 -45.52 -5.62 6.47
N MET A 471 -44.60 -4.90 7.09
CA MET A 471 -43.83 -5.42 8.22
C MET A 471 -44.69 -5.72 9.40
N GLY A 472 -45.78 -4.96 9.54
CA GLY A 472 -46.78 -5.11 10.59
C GLY A 472 -47.45 -6.47 10.71
N LEU A 473 -47.45 -7.25 9.63
CA LEU A 473 -47.99 -8.59 9.66
C LEU A 473 -47.18 -9.48 10.58
N PHE A 474 -45.95 -9.08 10.92
CA PHE A 474 -45.08 -9.90 11.78
C PHE A 474 -44.54 -9.31 13.07
N THR A 475 -44.76 -8.02 13.33
CA THR A 475 -44.33 -7.42 14.58
C THR A 475 -45.37 -7.68 15.67
N ARG A 476 -44.92 -7.76 16.93
CA ARG A 476 -45.84 -8.11 18.00
C ARG A 476 -47.00 -7.11 18.06
N ALA A 477 -48.19 -7.67 18.19
CA ALA A 477 -49.43 -6.98 17.87
C ALA A 477 -49.68 -5.76 18.73
N GLU A 478 -49.72 -5.93 20.05
CA GLU A 478 -50.16 -4.82 20.87
C GLU A 478 -48.99 -3.96 21.31
N THR A 479 -47.90 -3.98 20.55
CA THR A 479 -46.80 -3.03 20.77
C THR A 479 -47.38 -1.62 20.67
N ALA A 480 -46.98 -0.73 21.59
CA ALA A 480 -47.48 0.64 21.56
C ALA A 480 -46.57 1.47 20.67
N GLY A 481 -47.18 2.18 19.72
CA GLY A 481 -46.38 2.92 18.77
C GLY A 481 -46.30 2.15 17.48
N GLY A 482 -47.10 1.11 17.36
CA GLY A 482 -47.14 0.33 16.13
C GLY A 482 -45.86 -0.39 15.77
N PRO A 483 -45.84 -1.05 14.60
CA PRO A 483 -44.70 -1.81 14.06
C PRO A 483 -43.32 -1.16 14.25
N LEU A 484 -43.24 0.12 13.94
CA LEU A 484 -41.98 0.86 14.00
C LEU A 484 -41.37 0.72 15.38
N ALA A 485 -42.21 0.76 16.39
CA ALA A 485 -41.69 0.66 17.75
C ALA A 485 -41.09 -0.70 18.01
N ASP A 486 -41.76 -1.76 17.57
CA ASP A 486 -41.25 -3.10 17.84
C ASP A 486 -39.92 -3.33 17.12
N LEU A 487 -39.85 -2.90 15.85
CA LEU A 487 -38.66 -3.09 15.03
C LEU A 487 -37.49 -2.30 15.64
N THR A 488 -37.78 -1.12 16.20
CA THR A 488 -36.73 -0.37 16.86
C THR A 488 -36.22 -1.14 18.07
N ASP A 489 -37.14 -1.52 18.95
CA ASP A 489 -36.84 -2.41 20.08
C ASP A 489 -36.00 -3.64 19.76
N MET A 490 -36.39 -4.32 18.69
CA MET A 490 -35.73 -5.55 18.29
C MET A 490 -34.51 -5.30 17.43
N GLN A 491 -34.06 -4.05 17.42
CA GLN A 491 -32.78 -3.67 16.84
C GLN A 491 -32.67 -4.00 15.36
N CYS A 492 -33.77 -3.75 14.65
CA CYS A 492 -33.85 -4.06 13.23
C CYS A 492 -33.21 -2.97 12.38
N ILE A 493 -31.92 -3.13 12.11
CA ILE A 493 -31.12 -2.12 11.43
C ILE A 493 -31.42 -2.04 9.94
N TRP A 494 -31.73 -3.19 9.33
CA TRP A 494 -31.98 -3.14 7.92
C TRP A 494 -33.15 -2.25 7.58
N PHE A 495 -34.25 -2.39 8.30
CA PHE A 495 -35.44 -1.64 7.98
C PHE A 495 -35.23 -0.16 8.29
N LEU A 496 -34.63 0.11 9.44
CA LEU A 496 -34.40 1.49 9.83
C LEU A 496 -33.60 2.25 8.81
N THR A 497 -32.55 1.62 8.29
CA THR A 497 -31.67 2.23 7.29
C THR A 497 -32.35 2.45 5.95
N GLU A 498 -32.98 1.39 5.44
CA GLU A 498 -33.71 1.49 4.18
C GLU A 498 -34.80 2.55 4.23
N ASP A 499 -35.59 2.56 5.32
CA ASP A 499 -36.66 3.54 5.50
C ASP A 499 -36.11 4.96 5.49
N GLY A 500 -34.97 5.15 6.13
CA GLY A 500 -34.36 6.48 6.22
C GLY A 500 -33.96 6.95 4.85
N GLU A 501 -33.25 6.09 4.13
CA GLU A 501 -32.79 6.41 2.80
C GLU A 501 -33.99 6.75 1.91
N ALA A 502 -35.08 6.00 2.07
CA ALA A 502 -36.33 6.26 1.36
C ALA A 502 -36.92 7.63 1.73
N TRP A 503 -37.00 7.90 3.02
CA TRP A 503 -37.50 9.19 3.47
C TRP A 503 -36.63 10.33 2.93
N GLN A 504 -35.32 10.10 2.87
CA GLN A 504 -34.37 11.08 2.35
C GLN A 504 -34.61 11.37 0.86
N ARG A 505 -34.88 10.31 0.11
CA ARG A 505 -35.14 10.44 -1.32
C ARG A 505 -36.38 11.28 -1.58
N ARG A 506 -37.28 11.33 -0.60
CA ARG A 506 -38.51 12.09 -0.74
C ARG A 506 -38.38 13.52 -0.23
N GLY A 507 -37.23 13.85 0.35
CA GLY A 507 -37.03 15.19 0.86
C GLY A 507 -37.38 15.30 2.33
N ASN A 508 -37.64 14.18 2.97
CA ASN A 508 -38.06 14.20 4.35
C ASN A 508 -36.88 14.13 5.30
N THR A 509 -36.14 15.23 5.41
CA THR A 509 -34.93 15.30 6.21
C THR A 509 -35.08 14.87 7.66
N ALA A 510 -36.24 15.19 8.23
CA ALA A 510 -36.52 14.92 9.63
C ALA A 510 -36.52 13.43 9.94
N LEU A 511 -37.31 12.65 9.20
CA LEU A 511 -37.39 11.23 9.51
C LEU A 511 -36.16 10.45 9.09
N ALA A 512 -35.52 10.92 8.03
CA ALA A 512 -34.28 10.31 7.56
C ALA A 512 -33.26 10.44 8.66
N LEU A 513 -33.10 11.63 9.18
CA LEU A 513 -32.11 11.82 10.22
C LEU A 513 -32.44 11.01 11.45
N LYS A 514 -33.72 10.96 11.81
CA LYS A 514 -34.16 10.21 12.99
C LYS A 514 -33.76 8.73 12.87
N ARG A 515 -33.98 8.14 11.69
CA ARG A 515 -33.61 6.76 11.45
C ARG A 515 -32.11 6.51 11.57
N TYR A 516 -31.30 7.31 10.87
CA TYR A 516 -29.85 7.16 10.94
C TYR A 516 -29.35 7.28 12.38
N HIS A 517 -29.87 8.25 13.13
CA HIS A 517 -29.52 8.39 14.53
C HIS A 517 -29.90 7.15 15.34
N THR A 518 -31.01 6.52 14.99
CA THR A 518 -31.46 5.33 15.70
C THR A 518 -30.46 4.20 15.48
N VAL A 519 -29.98 4.06 14.25
CA VAL A 519 -28.94 3.09 13.98
C VAL A 519 -27.68 3.45 14.77
N PHE A 520 -27.40 4.75 14.89
CA PHE A 520 -26.27 5.18 15.68
C PHE A 520 -26.49 4.75 17.15
N SER A 521 -27.72 4.95 17.64
CA SER A 521 -28.05 4.57 19.01
C SER A 521 -28.07 3.08 19.21
N ILE A 522 -28.49 2.32 18.23
CA ILE A 522 -28.41 0.87 18.35
C ILE A 522 -26.98 0.41 18.56
N PHE A 523 -26.02 1.04 17.90
CA PHE A 523 -24.65 0.61 18.07
C PHE A 523 -24.09 1.01 19.42
N ASP A 524 -24.54 2.13 19.97
CA ASP A 524 -24.09 2.52 21.30
C ASP A 524 -24.52 1.46 22.25
N THR A 525 -25.69 0.88 21.99
CA THR A 525 -26.22 -0.13 22.89
C THR A 525 -25.39 -1.39 22.82
N TRP A 526 -25.09 -1.82 21.60
CA TRP A 526 -24.24 -2.97 21.37
C TRP A 526 -22.88 -2.84 22.05
N GLN A 527 -22.33 -1.63 22.05
CA GLN A 527 -21.04 -1.39 22.70
C GLN A 527 -21.13 -1.47 24.22
N GLU A 528 -22.32 -1.16 24.74
CA GLU A 528 -22.55 -1.10 26.18
C GLU A 528 -22.97 -2.46 26.65
N ASP A 529 -23.39 -3.30 25.72
CA ASP A 529 -23.88 -4.65 26.00
C ASP A 529 -22.85 -5.54 26.65
N GLN A 530 -21.59 -5.24 26.42
CA GLN A 530 -20.54 -6.04 26.98
C GLN A 530 -20.34 -5.82 28.50
N PHE A 531 -21.04 -4.84 29.06
CA PHE A 531 -20.73 -4.35 30.41
C PHE A 531 -20.89 -5.41 31.45
N ASP A 532 -22.01 -6.11 31.42
CA ASP A 532 -22.25 -7.12 32.42
C ASP A 532 -21.36 -8.36 32.19
N PHE A 533 -20.73 -8.48 31.03
CA PHE A 533 -20.01 -9.72 30.71
C PHE A 533 -18.55 -9.78 31.18
N HIS A 534 -17.95 -8.62 31.44
CA HIS A 534 -16.62 -8.60 32.04
C HIS A 534 -16.59 -9.40 33.33
N SER A 535 -17.68 -9.32 34.10
CA SER A 535 -17.82 -10.09 35.32
C SER A 535 -18.39 -11.47 35.02
N PHE A 536 -19.38 -11.53 34.13
CA PHE A 536 -20.11 -12.77 33.86
C PHE A 536 -19.24 -13.88 33.31
N SER A 537 -18.35 -13.52 32.38
CA SER A 537 -17.43 -14.47 31.77
C SER A 537 -16.46 -15.11 32.77
N LEU A 538 -16.14 -14.40 33.85
CA LEU A 538 -15.28 -14.98 34.87
C LEU A 538 -15.99 -16.09 35.63
N ARG A 539 -17.32 -16.01 35.75
CA ARG A 539 -18.08 -17.04 36.45
C ARG A 539 -18.23 -18.29 35.60
N LYS A 540 -18.50 -18.10 34.31
CA LYS A 540 -18.58 -19.20 33.38
C LYS A 540 -17.20 -19.75 33.14
N GLY A 541 -16.18 -18.91 33.29
CA GLY A 541 -14.83 -19.34 33.01
C GLY A 541 -14.51 -19.45 31.54
N GLN A 542 -15.50 -19.16 30.69
CA GLN A 542 -15.36 -19.26 29.25
C GLN A 542 -14.63 -18.07 28.62
N ILE A 543 -13.30 -18.06 28.83
CA ILE A 543 -12.45 -16.88 28.66
C ILE A 543 -12.10 -16.54 27.22
N ARG A 544 -11.80 -17.56 26.42
CA ARG A 544 -11.50 -17.31 25.01
C ARG A 544 -12.64 -16.59 24.31
N ALA A 545 -13.88 -16.96 24.65
CA ALA A 545 -15.04 -16.32 24.05
C ALA A 545 -15.06 -14.87 24.49
N TYR A 546 -14.78 -14.68 25.76
CA TYR A 546 -14.69 -13.34 26.30
C TYR A 546 -13.67 -12.47 25.55
N VAL A 547 -12.47 -12.98 25.31
CA VAL A 547 -11.48 -12.13 24.64
C VAL A 547 -11.91 -11.91 23.19
N ASP A 548 -12.62 -12.88 22.59
CA ASP A 548 -13.18 -12.68 21.26
C ASP A 548 -14.18 -11.55 21.25
N MET A 549 -15.03 -11.47 22.26
CA MET A 549 -16.04 -10.42 22.27
C MET A 549 -15.37 -9.04 22.42
N VAL A 550 -14.52 -8.86 23.43
CA VAL A 550 -13.78 -7.60 23.59
C VAL A 550 -13.12 -7.17 22.29
N ARG A 551 -12.44 -8.10 21.64
CA ARG A 551 -11.73 -7.76 20.41
C ARG A 551 -12.69 -7.42 19.28
N TRP A 552 -13.79 -8.15 19.19
CA TRP A 552 -14.82 -7.80 18.23
C TRP A 552 -15.36 -6.43 18.58
N GLU A 553 -15.63 -6.19 19.85
CA GLU A 553 -16.09 -4.89 20.28
C GLU A 553 -15.05 -3.82 19.95
N ASP A 554 -13.76 -4.18 20.01
CA ASP A 554 -12.73 -3.21 19.71
C ASP A 554 -12.82 -2.72 18.27
N ARG A 555 -13.44 -3.51 17.41
CA ARG A 555 -13.58 -3.10 16.02
C ARG A 555 -15.06 -3.06 15.66
N LEU A 556 -15.92 -2.72 16.62
CA LEU A 556 -17.37 -2.91 16.48
C LEU A 556 -17.93 -2.25 15.24
N ARG A 557 -17.66 -0.96 15.11
CA ARG A 557 -18.35 -0.14 14.13
C ARG A 557 -17.68 -0.15 12.79
N GLU A 558 -16.81 -1.13 12.56
CA GLU A 558 -16.24 -1.31 11.24
C GLU A 558 -17.30 -2.05 10.41
N HIS A 559 -18.33 -2.53 11.10
CA HIS A 559 -19.37 -3.32 10.47
C HIS A 559 -20.10 -2.46 9.45
N PRO A 560 -20.37 -2.99 8.24
CA PRO A 560 -21.07 -2.21 7.23
C PRO A 560 -22.43 -1.71 7.67
N PHE A 561 -23.01 -2.41 8.63
CA PHE A 561 -24.29 -2.02 9.26
C PHE A 561 -24.25 -0.65 9.90
N TYR A 562 -23.11 -0.29 10.47
CA TYR A 562 -22.90 1.06 10.95
C TYR A 562 -22.61 2.01 9.79
N PHE A 563 -21.69 1.57 8.94
CA PHE A 563 -21.10 2.42 7.93
C PHE A 563 -22.13 3.00 7.01
N ARG A 564 -23.06 2.15 6.58
CA ARG A 564 -24.04 2.63 5.63
C ARG A 564 -24.86 3.80 6.13
N ALA A 565 -25.57 3.60 7.24
CA ALA A 565 -26.37 4.65 7.84
C ALA A 565 -25.55 5.89 8.22
N ALA A 566 -24.31 5.68 8.67
CA ALA A 566 -23.51 6.81 9.12
C ALA A 566 -23.07 7.69 7.96
N LEU A 567 -22.73 7.07 6.83
CA LEU A 567 -22.35 7.85 5.66
C LEU A 567 -23.54 8.59 5.07
N ASP A 568 -24.73 7.99 5.22
CA ASP A 568 -25.96 8.65 4.81
C ASP A 568 -26.18 9.93 5.59
N ALA A 569 -26.20 9.82 6.92
CA ALA A 569 -26.31 10.98 7.81
C ALA A 569 -25.37 12.11 7.43
N VAL A 570 -24.11 11.77 7.23
CA VAL A 570 -23.07 12.75 6.97
C VAL A 570 -23.34 13.42 5.63
N ASN A 571 -23.71 12.58 4.66
CA ASN A 571 -24.11 13.06 3.36
C ASN A 571 -25.33 13.97 3.40
N LEU A 572 -26.29 13.66 4.28
CA LEU A 572 -27.51 14.45 4.37
C LEU A 572 -27.23 15.77 5.07
N TYR A 573 -26.31 15.77 6.03
CA TYR A 573 -25.90 17.00 6.68
C TYR A 573 -25.11 17.90 5.74
N LEU A 574 -24.26 17.29 4.92
CA LEU A 574 -23.54 18.03 3.89
C LEU A 574 -24.52 18.75 2.96
N SER A 575 -25.57 18.07 2.55
CA SER A 575 -26.61 18.65 1.72
C SER A 575 -27.31 19.80 2.43
N MET A 576 -27.69 19.56 3.67
CA MET A 576 -28.34 20.56 4.50
C MET A 576 -27.49 21.80 4.72
N TYR A 577 -26.19 21.62 4.73
CA TYR A 577 -25.29 22.75 4.93
C TYR A 577 -25.27 23.69 3.73
N ASP A 578 -25.45 23.18 2.52
CA ASP A 578 -25.38 24.07 1.37
C ASP A 578 -26.75 24.65 1.00
N LYS A 579 -27.81 24.12 1.60
CA LYS A 579 -29.16 24.52 1.22
C LYS A 579 -29.98 24.86 2.49
N PRO A 580 -29.55 25.89 3.25
CA PRO A 580 -30.31 26.18 4.47
C PRO A 580 -31.73 26.69 4.22
N LYS A 645 -39.97 8.95 27.85
CA LYS A 645 -40.54 9.97 26.98
C LYS A 645 -39.66 10.41 25.77
N ASP A 646 -40.22 10.29 24.57
CA ASP A 646 -39.60 10.71 23.28
C ASP A 646 -39.54 12.25 23.20
N ASP A 647 -38.36 12.85 23.14
CA ASP A 647 -38.18 14.29 22.97
C ASP A 647 -38.22 14.76 21.49
N ASP A 648 -38.19 13.83 20.53
CA ASP A 648 -38.19 14.21 19.11
C ASP A 648 -38.72 13.08 18.23
N PRO A 649 -40.03 12.75 18.35
CA PRO A 649 -40.55 11.62 17.59
C PRO A 649 -40.56 11.78 16.08
N ASN A 650 -40.66 12.97 15.51
CA ASN A 650 -40.63 13.04 14.04
C ASN A 650 -39.29 13.53 13.51
N GLY A 651 -38.27 13.55 14.37
CA GLY A 651 -36.93 13.96 13.99
C GLY A 651 -36.85 15.38 13.45
N GLU A 652 -37.86 16.18 13.80
CA GLU A 652 -37.99 17.59 13.44
C GLU A 652 -36.86 18.54 13.94
N LYS A 653 -36.32 18.28 15.14
CA LYS A 653 -35.21 19.09 15.65
C LYS A 653 -33.94 18.96 14.87
N LEU A 654 -33.70 17.75 14.38
CA LEU A 654 -32.58 17.46 13.53
C LEU A 654 -32.57 18.29 12.26
N ALA A 655 -33.68 18.34 11.53
CA ALA A 655 -33.65 19.10 10.29
C ALA A 655 -33.43 20.58 10.56
N ALA A 656 -33.86 21.05 11.72
CA ALA A 656 -33.79 22.49 12.04
C ALA A 656 -32.48 22.88 12.72
N THR A 657 -31.46 22.03 12.60
CA THR A 657 -30.21 22.28 13.32
C THR A 657 -29.50 23.52 12.79
N LYS A 658 -28.79 24.24 13.65
CA LYS A 658 -27.97 25.37 13.20
C LYS A 658 -26.53 24.98 12.96
N ASP A 659 -26.14 23.82 13.48
CA ASP A 659 -24.78 23.32 13.34
C ASP A 659 -24.84 21.91 12.83
N PRO A 660 -25.01 21.76 11.51
CA PRO A 660 -25.12 20.47 10.84
C PRO A 660 -23.79 19.77 10.80
N LEU A 661 -22.75 20.54 10.54
CA LEU A 661 -21.43 19.97 10.47
C LEU A 661 -20.98 19.44 11.83
N GLY A 662 -21.38 20.12 12.90
CA GLY A 662 -21.12 19.64 14.25
C GLY A 662 -21.85 18.36 14.60
N ASP A 663 -23.09 18.25 14.12
CA ASP A 663 -23.89 17.08 14.41
C ASP A 663 -23.37 15.88 13.63
N ALA A 664 -22.65 16.14 12.54
CA ALA A 664 -22.11 15.06 11.70
C ALA A 664 -20.87 14.38 12.31
N MET A 665 -20.15 15.08 13.18
CA MET A 665 -18.86 14.57 13.71
C MET A 665 -18.95 13.21 14.39
N LYS A 666 -19.99 12.99 15.20
CA LYS A 666 -20.13 11.72 15.90
C LYS A 666 -20.31 10.56 14.91
N PHE A 667 -20.97 10.82 13.79
CA PHE A 667 -21.02 9.80 12.75
C PHE A 667 -19.65 9.64 12.10
N LEU A 668 -19.03 10.76 11.75
CA LEU A 668 -17.79 10.76 11.00
C LEU A 668 -16.59 10.18 11.75
N ASN A 669 -16.43 10.60 13.00
CA ASN A 669 -15.35 10.07 13.82
C ASN A 669 -15.25 8.54 13.82
N TYR A 670 -16.39 7.88 13.96
CA TYR A 670 -16.39 6.41 13.93
C TYR A 670 -16.06 5.89 12.53
N ILE A 671 -16.50 6.59 11.50
CA ILE A 671 -16.23 6.16 10.13
C ILE A 671 -14.74 6.13 9.86
N LEU A 672 -14.10 7.25 10.16
CA LEU A 672 -12.67 7.41 9.93
C LEU A 672 -11.78 6.56 10.84
N GLN A 673 -12.24 6.26 12.04
CA GLN A 673 -11.38 5.55 12.97
C GLN A 673 -11.43 4.02 12.81
N PHE A 674 -12.58 3.53 12.36
CA PHE A 674 -12.83 2.08 12.25
C PHE A 674 -12.94 1.53 10.84
N SER A 675 -13.17 2.45 9.91
CA SER A 675 -13.29 2.11 8.50
C SER A 675 -12.36 2.93 7.57
N PRO A 676 -11.07 3.11 7.94
CA PRO A 676 -10.17 3.96 7.16
C PRO A 676 -9.98 3.55 5.71
N LYS A 677 -10.13 2.27 5.38
CA LYS A 677 -9.90 1.78 4.00
C LYS A 677 -11.01 2.10 2.99
N ASN A 678 -12.00 2.87 3.40
CA ASN A 678 -13.11 3.16 2.51
C ASN A 678 -12.96 4.58 1.97
N ILE A 679 -12.63 4.72 0.67
CA ILE A 679 -12.29 6.03 0.08
C ILE A 679 -13.46 6.97 0.27
N ASP A 680 -14.65 6.38 0.17
CA ASP A 680 -15.93 7.06 0.31
C ASP A 680 -16.04 7.79 1.65
N GLY A 681 -15.58 7.13 2.71
CA GLY A 681 -15.53 7.76 4.02
C GLY A 681 -14.60 8.95 4.07
N GLN A 682 -13.40 8.75 3.53
CA GLN A 682 -12.38 9.79 3.47
C GLN A 682 -12.76 10.99 2.63
N ILE A 683 -13.41 10.72 1.50
CA ILE A 683 -13.87 11.81 0.65
C ILE A 683 -14.91 12.64 1.39
N ALA A 684 -15.80 11.95 2.10
CA ALA A 684 -16.85 12.64 2.83
C ALA A 684 -16.27 13.39 4.04
N GLY A 685 -15.29 12.79 4.70
CA GLY A 685 -14.56 13.43 5.79
C GLY A 685 -13.91 14.72 5.31
N PHE A 686 -13.28 14.65 4.14
CA PHE A 686 -12.64 15.83 3.59
C PHE A 686 -13.61 16.99 3.40
N GLU A 687 -14.73 16.71 2.77
CA GLU A 687 -15.81 17.66 2.54
C GLU A 687 -16.33 18.30 3.86
N VAL A 688 -16.44 17.48 4.91
CA VAL A 688 -16.88 17.96 6.23
C VAL A 688 -15.87 18.91 6.83
N TYR A 689 -14.59 18.57 6.74
CA TYR A 689 -13.53 19.39 7.34
C TYR A 689 -13.17 20.70 6.60
N ILE A 690 -13.21 20.73 5.26
CA ILE A 690 -12.96 22.00 4.56
C ILE A 690 -14.02 23.03 4.89
N ARG A 691 -15.26 22.54 5.02
CA ARG A 691 -16.41 23.37 5.35
C ARG A 691 -16.28 23.87 6.79
N LYS A 692 -15.69 23.03 7.62
CA LYS A 692 -15.44 23.31 9.04
C LYS A 692 -14.28 24.28 9.20
N LYS A 693 -13.64 24.62 8.07
CA LYS A 693 -12.47 25.50 8.04
C LYS A 693 -11.27 24.85 8.73
N LYS A 694 -11.31 23.53 8.86
CA LYS A 694 -10.23 22.79 9.47
C LYS A 694 -9.37 22.14 8.40
N TYR A 695 -8.49 22.94 7.80
CA TYR A 695 -7.75 22.53 6.61
C TYR A 695 -6.68 21.47 6.86
N LEU A 696 -6.26 21.29 8.11
CA LEU A 696 -5.26 20.27 8.42
C LEU A 696 -5.81 18.85 8.40
N LEU A 697 -7.02 18.69 8.94
CA LEU A 697 -7.73 17.41 8.95
C LEU A 697 -8.19 17.03 7.54
N ALA A 698 -8.59 18.05 6.76
CA ALA A 698 -8.91 17.86 5.35
C ALA A 698 -7.79 17.15 4.62
N LEU A 699 -6.56 17.64 4.82
CA LEU A 699 -5.40 17.04 4.17
C LEU A 699 -5.19 15.59 4.59
N ARG A 700 -5.46 15.28 5.85
CA ARG A 700 -5.26 13.92 6.39
C ARG A 700 -6.22 12.98 5.67
N CYS A 701 -7.47 13.42 5.56
CA CYS A 701 -8.49 12.76 4.73
C CYS A 701 -8.01 12.62 3.29
N LEU A 702 -7.50 13.72 2.71
CA LEU A 702 -6.98 13.72 1.33
C LEU A 702 -5.84 12.71 1.14
N LYS A 703 -4.86 12.77 2.03
CA LYS A 703 -3.74 11.83 1.98
C LYS A 703 -4.18 10.38 2.14
N ALA A 704 -5.24 10.16 2.91
CA ALA A 704 -5.79 8.81 3.07
C ALA A 704 -6.45 8.34 1.79
N ALA A 705 -7.39 9.16 1.31
CA ALA A 705 -8.10 8.88 0.09
C ALA A 705 -7.12 8.67 -1.08
N SER A 706 -6.04 9.43 -1.13
CA SER A 706 -5.11 9.33 -2.26
C SER A 706 -4.26 8.08 -2.18
N ALA A 707 -3.99 7.63 -0.96
CA ALA A 707 -3.22 6.41 -0.74
C ALA A 707 -3.99 5.14 -1.12
N ILE A 708 -5.32 5.21 -1.10
CA ILE A 708 -6.14 4.07 -1.47
C ILE A 708 -6.36 3.95 -2.97
N ASP A 709 -6.68 5.07 -3.59
CA ASP A 709 -6.85 5.19 -5.04
C ASP A 709 -6.33 6.50 -5.57
N LYS A 710 -5.07 6.50 -5.99
CA LYS A 710 -4.41 7.66 -6.57
C LYS A 710 -5.24 8.43 -7.60
N ASN A 711 -5.85 7.72 -8.54
CA ASN A 711 -6.50 8.38 -9.67
C ASN A 711 -8.01 8.47 -9.59
N HIS A 712 -8.55 8.24 -8.41
CA HIS A 712 -9.97 8.47 -8.16
C HIS A 712 -10.39 9.90 -8.53
N PRO A 713 -11.46 10.05 -9.32
CA PRO A 713 -11.91 11.35 -9.85
C PRO A 713 -12.21 12.42 -8.77
N LYS A 714 -12.78 12.02 -7.64
CA LYS A 714 -13.14 12.97 -6.59
C LYS A 714 -11.95 13.55 -5.85
N VAL A 715 -10.97 12.71 -5.53
CA VAL A 715 -9.82 13.16 -4.76
C VAL A 715 -8.94 14.13 -5.53
N LEU A 716 -8.96 14.03 -6.86
CA LEU A 716 -8.18 14.94 -7.71
C LEU A 716 -8.83 16.31 -7.70
N GLU A 717 -10.15 16.33 -7.79
CA GLU A 717 -10.90 17.56 -7.72
C GLU A 717 -10.72 18.26 -6.37
N GLN A 718 -10.94 17.54 -5.27
CA GLN A 718 -10.76 18.11 -3.92
C GLN A 718 -9.33 18.52 -3.63
N ALA A 719 -8.38 17.76 -4.15
CA ALA A 719 -6.96 18.07 -4.01
C ALA A 719 -6.68 19.43 -4.64
N ALA A 720 -7.22 19.62 -5.83
CA ALA A 720 -7.06 20.87 -6.55
C ALA A 720 -7.82 21.95 -5.80
N LYS A 721 -8.95 21.59 -5.20
CA LYS A 721 -9.75 22.59 -4.49
C LYS A 721 -9.04 23.08 -3.23
N LEU A 722 -8.30 22.21 -2.54
CA LEU A 722 -7.64 22.64 -1.31
C LEU A 722 -6.55 23.66 -1.59
N ARG A 723 -5.70 23.36 -2.57
CA ARG A 723 -4.56 24.21 -2.88
C ARG A 723 -5.05 25.63 -3.26
N LYS A 724 -6.21 25.76 -3.90
CA LYS A 724 -6.74 27.10 -4.19
C LYS A 724 -7.02 27.79 -2.87
N ILE A 725 -7.68 27.06 -1.96
CA ILE A 725 -8.03 27.64 -0.66
C ILE A 725 -6.75 27.99 0.10
N VAL A 726 -5.76 27.09 0.06
CA VAL A 726 -4.49 27.34 0.74
C VAL A 726 -3.76 28.57 0.24
N SER A 727 -3.61 28.72 -1.08
CA SER A 727 -2.93 29.88 -1.62
C SER A 727 -3.63 31.21 -1.34
N SER A 728 -4.92 31.15 -1.02
CA SER A 728 -5.71 32.37 -0.84
C SER A 728 -5.70 32.82 0.62
N ALA A 729 -6.00 31.89 1.52
CA ALA A 729 -6.19 32.19 2.94
C ALA A 729 -4.98 31.87 3.81
N LEU A 730 -3.79 31.80 3.22
CA LEU A 730 -2.62 31.37 3.97
C LEU A 730 -2.05 32.52 4.81
N ASP A 731 -2.28 33.76 4.38
CA ASP A 731 -1.85 34.89 5.18
C ASP A 731 -2.56 35.07 6.52
N SER A 732 -3.77 34.53 6.68
CA SER A 732 -4.51 34.80 7.91
C SER A 732 -4.25 33.73 8.97
N MET A 733 -3.86 32.55 8.52
CA MET A 733 -3.60 31.42 9.39
C MET A 733 -2.14 31.39 9.83
N ALA A 734 -1.86 30.84 11.00
CA ALA A 734 -0.50 30.71 11.52
C ALA A 734 0.48 30.00 10.56
N PRO A 735 1.76 30.40 10.63
CA PRO A 735 2.88 29.94 9.79
C PRO A 735 3.21 28.46 9.86
N LYS A 736 3.02 27.82 11.01
CA LYS A 736 3.33 26.40 11.09
C LYS A 736 2.31 25.62 10.28
N LEU A 737 1.06 26.06 10.34
CA LEU A 737 0.04 25.42 9.53
C LEU A 737 0.34 25.62 8.05
N ARG A 738 0.68 26.82 7.62
CA ARG A 738 1.04 27.02 6.21
C ARG A 738 2.16 26.09 5.81
N GLU A 739 3.16 25.95 6.68
CA GLU A 739 4.32 25.14 6.38
C GLU A 739 3.99 23.66 6.25
N VAL A 740 3.27 23.11 7.23
CA VAL A 740 2.96 21.68 7.21
C VAL A 740 2.04 21.39 6.01
N ILE A 741 1.12 22.31 5.76
CA ILE A 741 0.18 22.20 4.64
C ILE A 741 0.95 22.09 3.35
N GLN A 742 1.77 23.10 3.09
CA GLN A 742 2.51 23.21 1.86
C GLN A 742 3.49 22.06 1.72
N ALA A 743 4.04 21.59 2.83
CA ALA A 743 5.01 20.51 2.76
C ALA A 743 4.41 19.19 2.34
N GLU A 744 3.32 18.80 3.01
CA GLU A 744 2.69 17.51 2.80
C GLU A 744 1.67 17.56 1.66
N LEU A 745 1.46 18.75 1.13
CA LEU A 745 0.56 18.96 -0.01
C LEU A 745 1.21 18.63 -1.34
N VAL A 746 2.49 18.95 -1.52
CA VAL A 746 3.13 18.66 -2.79
C VAL A 746 3.12 17.16 -3.11
N GLY A 747 3.13 16.32 -2.07
CA GLY A 747 3.15 14.86 -2.24
C GLY A 747 2.06 14.48 -3.23
N VAL A 748 0.87 14.87 -2.79
CA VAL A 748 -0.43 14.66 -3.41
C VAL A 748 -0.59 15.25 -4.81
N PRO A 749 -0.74 14.37 -5.80
CA PRO A 749 -1.03 14.91 -7.12
C PRO A 749 -2.51 15.17 -7.33
N GLY A 750 -2.82 16.39 -7.77
CA GLY A 750 -4.16 16.79 -8.16
C GLY A 750 -4.25 16.96 -9.68
N FME B 1 -23.89 -25.64 2.15
CN FME B 1 -24.60 -26.08 3.23
O1 FME B 1 -24.62 -25.46 4.31
CA FME B 1 -23.08 -24.44 2.16
CB FME B 1 -23.79 -23.14 2.61
CG FME B 1 -23.52 -22.05 1.62
SD FME B 1 -22.51 -22.76 0.35
CE FME B 1 -21.74 -21.39 -0.42
C FME B 1 -21.79 -24.58 2.98
O FME B 1 -20.93 -25.43 2.69
N ASP B 2 -21.63 -23.73 3.99
CA ASP B 2 -20.40 -23.73 4.80
C ASP B 2 -20.86 -23.68 6.27
N ILE B 3 -20.58 -24.76 7.01
CA ILE B 3 -20.86 -24.83 8.45
C ILE B 3 -19.70 -24.74 9.42
N ARG B 4 -19.84 -23.85 10.38
CA ARG B 4 -18.78 -23.60 11.35
C ARG B 4 -19.35 -23.09 12.68
N LEU B 5 -18.52 -23.15 13.72
CA LEU B 5 -18.93 -22.72 15.04
C LEU B 5 -19.28 -21.23 15.09
N LEU B 6 -20.30 -20.89 15.87
CA LEU B 6 -20.66 -19.48 16.08
C LEU B 6 -19.47 -18.65 16.56
N ARG B 7 -19.41 -17.43 16.03
CA ARG B 7 -18.42 -16.43 16.40
C ARG B 7 -19.13 -15.18 16.89
N PRO B 8 -18.63 -14.55 17.97
CA PRO B 8 -19.24 -13.30 18.46
C PRO B 8 -19.44 -12.23 17.37
N SER B 9 -18.50 -12.07 16.43
CA SER B 9 -18.67 -11.05 15.38
C SER B 9 -19.81 -11.39 14.44
N ASP B 10 -20.27 -12.64 14.45
CA ASP B 10 -21.39 -12.98 13.62
C ASP B 10 -22.68 -12.47 14.19
N ILE B 11 -22.66 -12.05 15.45
CA ILE B 11 -23.93 -11.83 16.12
C ILE B 11 -24.81 -10.77 15.47
N PRO B 12 -24.23 -9.65 15.00
CA PRO B 12 -25.17 -8.72 14.34
C PRO B 12 -25.90 -9.32 13.14
N LEU B 13 -25.22 -10.08 12.29
CA LEU B 13 -25.82 -10.69 11.09
C LEU B 13 -26.64 -11.94 11.39
N ILE B 14 -26.31 -12.63 12.47
CA ILE B 14 -27.21 -13.68 12.93
C ILE B 14 -28.54 -13.10 13.34
N GLN B 15 -28.47 -12.07 14.17
CA GLN B 15 -29.65 -11.38 14.62
C GLN B 15 -30.47 -10.90 13.43
N HIS B 16 -29.80 -10.43 12.41
CA HIS B 16 -30.47 -9.93 11.22
C HIS B 16 -31.17 -11.09 10.47
N ALA B 17 -30.54 -12.26 10.46
CA ALA B 17 -31.14 -13.42 9.82
C ALA B 17 -32.38 -13.82 10.59
N ASN B 18 -32.28 -13.77 11.91
CA ASN B 18 -33.42 -14.05 12.74
C ASN B 18 -34.60 -13.11 12.50
N LEU B 19 -34.32 -11.81 12.45
CA LEU B 19 -35.31 -10.78 12.15
C LEU B 19 -36.01 -11.01 10.81
N GLU B 20 -35.29 -11.55 9.84
CA GLU B 20 -35.85 -11.76 8.52
C GLU B 20 -36.77 -12.99 8.47
N ASN B 21 -36.45 -14.05 9.20
CA ASN B 21 -37.11 -15.35 9.04
C ASN B 21 -38.01 -15.80 10.15
N LEU B 22 -37.92 -15.13 11.28
CA LEU B 22 -38.64 -15.62 12.42
C LEU B 22 -39.35 -14.51 13.17
N PRO B 23 -40.56 -14.82 13.70
CA PRO B 23 -41.30 -13.82 14.47
C PRO B 23 -40.78 -13.64 15.89
N GLU B 24 -40.03 -14.62 16.40
CA GLU B 24 -39.43 -14.50 17.71
C GLU B 24 -38.07 -13.83 17.60
N ASN B 25 -37.96 -12.62 18.14
CA ASN B 25 -36.73 -11.86 18.05
C ASN B 25 -36.18 -11.52 19.42
N TYR B 26 -34.89 -11.22 19.48
CA TYR B 26 -34.27 -10.90 20.75
C TYR B 26 -33.30 -9.75 20.63
N PHE B 27 -32.96 -9.16 21.77
CA PHE B 27 -31.90 -8.18 21.81
C PHE B 27 -30.55 -8.83 21.50
N LEU B 28 -29.63 -8.06 20.92
CA LEU B 28 -28.28 -8.56 20.67
C LEU B 28 -27.65 -9.12 21.92
N LYS B 29 -27.89 -8.43 23.05
CA LYS B 29 -27.36 -8.84 24.33
C LYS B 29 -27.67 -10.31 24.67
N TYR B 30 -28.79 -10.83 24.13
CA TYR B 30 -29.26 -12.19 24.42
C TYR B 30 -28.49 -13.24 23.66
N TYR B 31 -28.08 -12.89 22.43
CA TYR B 31 -27.11 -13.71 21.69
C TYR B 31 -25.76 -13.76 22.36
N LEU B 32 -25.24 -12.62 22.82
CA LEU B 32 -24.01 -12.61 23.61
C LEU B 32 -24.03 -13.62 24.73
N TYR B 33 -25.13 -13.62 25.49
CA TYR B 33 -25.27 -14.47 26.67
C TYR B 33 -25.14 -15.95 26.31
N HIS B 34 -25.66 -16.31 25.14
CA HIS B 34 -25.44 -17.66 24.61
C HIS B 34 -23.98 -17.85 24.25
N ALA B 35 -23.47 -16.92 23.45
CA ALA B 35 -22.11 -16.98 22.92
C ALA B 35 -21.04 -17.05 24.00
N LEU B 36 -21.27 -16.37 25.11
CA LEU B 36 -20.29 -16.39 26.16
C LEU B 36 -20.46 -17.49 27.23
N SER B 37 -21.65 -18.08 27.32
CA SER B 37 -21.89 -19.17 28.28
C SER B 37 -21.61 -20.52 27.67
N TRP B 38 -22.08 -20.71 26.45
CA TRP B 38 -21.90 -21.98 25.79
C TRP B 38 -21.46 -21.77 24.34
N PRO B 39 -20.20 -21.31 24.17
CA PRO B 39 -19.66 -21.00 22.84
C PRO B 39 -19.48 -22.26 21.99
N GLN B 40 -19.54 -23.43 22.60
CA GLN B 40 -19.34 -24.68 21.89
C GLN B 40 -20.61 -25.27 21.29
N LEU B 41 -21.75 -24.61 21.50
CA LEU B 41 -23.03 -25.24 21.16
C LEU B 41 -23.76 -24.64 19.97
N SER B 42 -23.36 -23.46 19.54
CA SER B 42 -24.07 -22.78 18.46
C SER B 42 -23.28 -22.77 17.17
N PHE B 43 -23.95 -23.07 16.07
CA PHE B 43 -23.27 -23.18 14.79
C PHE B 43 -24.00 -22.35 13.76
N VAL B 44 -23.30 -22.02 12.69
CA VAL B 44 -23.88 -21.22 11.65
C VAL B 44 -23.66 -21.84 10.27
N ALA B 45 -24.60 -21.57 9.37
CA ALA B 45 -24.43 -21.81 7.96
C ALA B 45 -24.09 -20.49 7.31
N VAL B 46 -23.04 -20.49 6.50
CA VAL B 46 -22.47 -19.28 5.90
C VAL B 46 -22.48 -19.36 4.38
N ASP B 47 -22.94 -18.28 3.75
CA ASP B 47 -22.88 -18.15 2.30
C ASP B 47 -21.52 -17.60 1.84
N VAL B 48 -20.61 -18.53 1.55
CA VAL B 48 -19.19 -18.29 1.31
C VAL B 48 -18.90 -17.85 -0.09
N SER B 49 -19.82 -18.14 -1.01
CA SER B 49 -19.57 -17.83 -2.40
C SER B 49 -20.10 -16.45 -2.74
N ARG B 50 -20.57 -15.76 -1.72
CA ARG B 50 -20.89 -14.33 -1.79
C ARG B 50 -19.71 -13.40 -2.06
N PRO B 51 -19.74 -12.68 -3.19
CA PRO B 51 -18.68 -11.72 -3.55
C PRO B 51 -18.59 -10.59 -2.52
N ALA B 52 -17.42 -10.08 -2.15
CA ALA B 52 -17.38 -9.06 -1.09
C ALA B 52 -17.52 -7.64 -1.69
N LYS B 53 -18.50 -6.88 -1.22
CA LYS B 53 -18.73 -5.50 -1.66
C LYS B 53 -17.75 -4.45 -1.09
N SER B 54 -17.04 -4.83 -0.04
CA SER B 54 -16.23 -3.88 0.74
C SER B 54 -15.11 -4.58 1.48
N PRO B 55 -14.03 -3.86 1.82
CA PRO B 55 -12.94 -4.47 2.58
C PRO B 55 -13.34 -4.95 3.98
N TYR B 56 -14.47 -4.51 4.51
CA TYR B 56 -14.88 -4.92 5.85
C TYR B 56 -16.16 -5.79 5.92
N ASP B 57 -16.57 -6.40 4.82
CA ASP B 57 -17.76 -7.25 4.85
C ASP B 57 -17.60 -8.40 5.81
N TYR B 58 -18.63 -8.62 6.62
CA TYR B 58 -18.65 -9.73 7.54
C TYR B 58 -19.31 -10.92 6.84
N PRO B 59 -19.17 -12.14 7.39
CA PRO B 59 -19.80 -13.31 6.75
C PRO B 59 -21.31 -13.23 6.69
N LYS B 60 -21.87 -13.48 5.52
CA LYS B 60 -23.31 -13.37 5.28
C LYS B 60 -23.98 -14.64 5.83
N ILE B 61 -24.75 -14.50 6.91
CA ILE B 61 -25.35 -15.63 7.60
C ILE B 61 -26.69 -16.06 7.01
N VAL B 62 -26.75 -17.28 6.47
CA VAL B 62 -27.97 -17.81 5.85
C VAL B 62 -28.66 -18.91 6.67
N GLY B 63 -28.08 -19.29 7.79
CA GLY B 63 -28.70 -20.25 8.70
C GLY B 63 -27.99 -20.20 10.03
N TYR B 64 -28.64 -20.69 11.08
CA TYR B 64 -28.01 -20.77 12.41
C TYR B 64 -28.73 -21.72 13.35
N VAL B 65 -28.02 -22.21 14.36
CA VAL B 65 -28.68 -22.83 15.48
C VAL B 65 -28.15 -22.22 16.75
N LEU B 66 -29.04 -21.70 17.57
CA LEU B 66 -28.62 -21.11 18.83
C LEU B 66 -29.01 -21.99 19.99
N ALA B 67 -28.04 -22.57 20.70
CA ALA B 67 -28.46 -23.56 21.68
C ALA B 67 -27.90 -23.23 23.03
N LYS B 68 -28.55 -23.71 24.07
CA LYS B 68 -28.03 -23.49 25.38
C LYS B 68 -28.34 -24.69 26.25
N MET B 69 -27.66 -24.84 27.37
CA MET B 69 -28.09 -25.79 28.40
C MET B 69 -28.88 -25.15 29.58
N GLU B 70 -29.82 -25.85 30.21
CA GLU B 70 -30.50 -25.22 31.34
C GLU B 70 -29.58 -25.31 32.56
N GLU B 71 -29.25 -24.15 33.12
CA GLU B 71 -28.31 -24.05 34.23
C GLU B 71 -28.90 -24.76 35.46
N GLU B 72 -30.23 -24.77 35.57
CA GLU B 72 -30.94 -25.51 36.61
C GLU B 72 -31.58 -26.77 36.01
N PRO B 73 -30.88 -27.90 36.12
CA PRO B 73 -31.31 -29.24 35.71
C PRO B 73 -32.61 -29.71 36.36
N ALA B 74 -33.41 -30.43 35.58
CA ALA B 74 -34.71 -30.96 36.01
C ALA B 74 -34.55 -31.82 37.25
N ASP B 75 -33.67 -32.82 37.19
CA ASP B 75 -33.43 -33.68 38.35
C ASP B 75 -31.93 -33.85 38.65
N GLY B 76 -31.19 -32.77 38.44
CA GLY B 76 -29.73 -32.81 38.49
C GLY B 76 -29.24 -33.51 37.24
N VAL B 77 -30.06 -33.45 36.19
CA VAL B 77 -29.72 -34.09 34.92
C VAL B 77 -29.55 -33.09 33.79
N PRO B 78 -28.30 -32.93 33.30
CA PRO B 78 -27.95 -31.88 32.32
C PRO B 78 -28.64 -32.12 30.98
N HIS B 79 -29.19 -31.08 30.39
CA HIS B 79 -29.85 -31.23 29.09
C HIS B 79 -29.80 -29.92 28.31
N GLY B 80 -29.67 -30.04 26.99
CA GLY B 80 -29.65 -28.89 26.11
C GLY B 80 -31.03 -28.44 25.68
N HIS B 81 -31.11 -27.17 25.25
CA HIS B 81 -32.33 -26.61 24.68
C HIS B 81 -32.02 -25.78 23.45
N ILE B 82 -32.83 -25.93 22.40
CA ILE B 82 -32.62 -25.13 21.21
C ILE B 82 -33.41 -23.85 21.39
N THR B 83 -32.71 -22.74 21.50
CA THR B 83 -33.38 -21.45 21.71
C THR B 83 -34.00 -20.98 20.41
N SER B 84 -33.28 -21.17 19.31
CA SER B 84 -33.73 -20.68 18.01
C SER B 84 -33.00 -21.45 16.94
N LEU B 85 -33.70 -21.76 15.85
CA LEU B 85 -33.14 -22.45 14.70
C LEU B 85 -33.83 -21.94 13.46
N SER B 86 -33.07 -21.45 12.47
CA SER B 86 -33.70 -21.13 11.20
C SER B 86 -32.79 -21.15 10.01
N VAL B 87 -33.39 -21.36 8.84
CA VAL B 87 -32.71 -21.30 7.58
C VAL B 87 -33.38 -20.38 6.58
N MET B 88 -32.63 -19.46 5.98
CA MET B 88 -33.13 -18.59 4.88
C MET B 88 -33.93 -19.36 3.82
N ARG B 89 -35.02 -18.79 3.33
CA ARG B 89 -35.82 -19.52 2.34
C ARG B 89 -35.04 -19.89 1.08
N THR B 90 -34.14 -19.01 0.66
CA THR B 90 -33.30 -19.21 -0.53
C THR B 90 -32.34 -20.38 -0.38
N HIS B 91 -32.20 -20.91 0.82
CA HIS B 91 -31.22 -21.95 1.12
C HIS B 91 -31.80 -23.21 1.73
N ARG B 92 -33.10 -23.40 1.52
CA ARG B 92 -33.82 -24.54 2.08
C ARG B 92 -33.60 -25.72 1.14
N ARG B 93 -33.80 -26.92 1.72
CA ARG B 93 -33.65 -28.20 1.04
C ARG B 93 -32.22 -28.53 0.62
N LEU B 94 -31.25 -28.08 1.41
CA LEU B 94 -29.85 -28.52 1.31
C LEU B 94 -29.41 -29.34 2.53
N GLY B 95 -30.35 -29.65 3.42
CA GLY B 95 -30.00 -30.43 4.59
C GLY B 95 -29.46 -29.65 5.76
N ILE B 96 -29.48 -28.32 5.67
CA ILE B 96 -28.82 -27.47 6.66
C ILE B 96 -29.33 -27.60 8.10
N ALA B 97 -30.64 -27.49 8.31
CA ALA B 97 -31.14 -27.59 9.67
C ALA B 97 -30.71 -28.89 10.35
N GLU B 98 -30.74 -29.97 9.59
CA GLU B 98 -30.30 -31.26 10.09
C GLU B 98 -28.81 -31.17 10.50
N LYS B 99 -27.96 -30.63 9.62
CA LYS B 99 -26.53 -30.51 9.93
C LYS B 99 -26.21 -29.68 11.18
N LEU B 100 -26.89 -28.55 11.33
CA LEU B 100 -26.68 -27.65 12.45
C LEU B 100 -27.03 -28.35 13.74
N MET B 101 -28.12 -29.10 13.68
CA MET B 101 -28.58 -29.83 14.85
C MET B 101 -27.56 -30.90 15.18
N ARG B 102 -27.01 -31.60 14.19
CA ARG B 102 -26.07 -32.68 14.49
C ARG B 102 -24.76 -32.15 15.02
N GLN B 103 -24.33 -30.98 14.57
CA GLN B 103 -23.12 -30.38 15.15
C GLN B 103 -23.34 -30.01 16.59
N SER B 104 -24.47 -29.37 16.86
CA SER B 104 -24.83 -28.94 18.20
C SER B 104 -25.04 -30.07 19.21
N GLN B 105 -25.78 -31.10 18.80
CA GLN B 105 -26.07 -32.23 19.69
C GLN B 105 -24.77 -32.89 20.15
N LEU B 106 -23.87 -33.03 19.20
CA LEU B 106 -22.56 -33.65 19.43
C LEU B 106 -21.72 -32.86 20.43
N ALA B 107 -21.72 -31.54 20.30
CA ALA B 107 -20.96 -30.70 21.23
C ALA B 107 -21.59 -30.67 22.63
N MET B 108 -22.92 -30.72 22.70
CA MET B 108 -23.65 -30.77 23.98
C MET B 108 -23.29 -32.00 24.80
N VAL B 109 -23.19 -33.13 24.13
CA VAL B 109 -22.81 -34.38 24.77
C VAL B 109 -21.35 -34.34 25.19
N GLU B 110 -20.47 -34.05 24.23
CA GLU B 110 -19.03 -34.04 24.48
C GLU B 110 -18.65 -33.08 25.61
N THR B 111 -18.99 -31.81 25.49
CA THR B 111 -18.54 -30.81 26.47
C THR B 111 -19.36 -30.78 27.76
N TYR B 112 -20.66 -31.03 27.66
CA TYR B 112 -21.53 -30.84 28.82
C TYR B 112 -22.27 -32.09 29.30
N ASN B 113 -22.01 -33.24 28.66
CA ASN B 113 -22.62 -34.50 29.09
C ASN B 113 -24.14 -34.47 29.01
N ALA B 114 -24.64 -33.77 28.01
CA ALA B 114 -26.08 -33.61 27.85
C ALA B 114 -26.71 -34.99 27.75
N HIS B 115 -27.78 -35.21 28.52
CA HIS B 115 -28.50 -36.48 28.50
C HIS B 115 -29.58 -36.47 27.44
N TYR B 116 -30.15 -35.30 27.19
CA TYR B 116 -31.11 -35.11 26.12
C TYR B 116 -31.10 -33.67 25.61
N VAL B 117 -31.85 -33.44 24.54
CA VAL B 117 -32.01 -32.09 24.00
C VAL B 117 -33.51 -31.91 23.79
N SER B 118 -33.97 -30.69 24.07
CA SER B 118 -35.38 -30.31 23.99
C SER B 118 -35.59 -29.01 23.24
N LEU B 119 -36.84 -28.70 22.97
CA LEU B 119 -37.24 -27.53 22.22
C LEU B 119 -38.75 -27.35 22.37
N HIS B 120 -39.21 -26.17 22.05
CA HIS B 120 -40.62 -25.81 22.00
C HIS B 120 -41.13 -25.47 20.63
N VAL B 121 -42.36 -25.79 20.29
CA VAL B 121 -42.78 -25.33 19.00
C VAL B 121 -44.20 -24.87 19.03
N ARG B 122 -44.42 -23.72 18.41
CA ARG B 122 -45.77 -23.19 18.23
C ARG B 122 -46.49 -24.33 17.46
N VAL B 123 -47.76 -24.58 17.78
CA VAL B 123 -48.54 -25.70 17.22
C VAL B 123 -48.86 -25.83 15.70
N SER B 124 -48.90 -24.73 14.96
CA SER B 124 -49.21 -24.82 13.53
C SER B 124 -48.04 -25.12 12.53
N ASN B 125 -46.82 -25.40 13.01
CA ASN B 125 -45.69 -25.59 12.10
C ASN B 125 -45.77 -27.04 11.65
N LYS B 126 -45.17 -27.36 10.51
CA LYS B 126 -45.23 -28.69 9.93
C LYS B 126 -43.84 -29.13 9.49
N ALA B 127 -43.23 -28.30 8.66
CA ALA B 127 -41.91 -28.53 8.05
C ALA B 127 -40.95 -28.89 9.18
N ALA B 128 -40.95 -28.04 10.21
CA ALA B 128 -40.10 -28.22 11.39
C ALA B 128 -40.45 -29.50 12.14
N ILE B 129 -41.73 -29.77 12.32
CA ILE B 129 -42.16 -30.96 13.03
C ILE B 129 -41.65 -32.22 12.31
N HIS B 130 -41.60 -32.20 10.98
CA HIS B 130 -41.10 -33.36 10.25
C HIS B 130 -39.58 -33.43 10.43
N LEU B 131 -38.95 -32.27 10.55
CA LEU B 131 -37.53 -32.24 10.84
C LEU B 131 -37.25 -32.88 12.21
N TYR B 132 -37.98 -32.41 13.23
CA TYR B 132 -37.70 -32.86 14.60
C TYR B 132 -38.13 -34.31 14.83
N ARG B 133 -39.32 -34.64 14.38
CA ARG B 133 -39.86 -36.00 14.54
C ARG B 133 -39.26 -37.01 13.57
N ASP B 134 -39.46 -36.75 12.27
CA ASP B 134 -39.15 -37.73 11.24
C ASP B 134 -37.66 -37.83 10.92
N THR B 135 -36.96 -36.69 10.99
CA THR B 135 -35.56 -36.65 10.61
C THR B 135 -34.63 -36.77 11.82
N LEU B 136 -34.98 -36.11 12.92
CA LEU B 136 -34.09 -36.06 14.07
C LEU B 136 -34.49 -37.04 15.17
N GLY B 137 -35.72 -37.52 15.14
CA GLY B 137 -36.19 -38.52 16.08
C GLY B 137 -36.68 -37.97 17.40
N PHE B 138 -37.08 -36.70 17.42
CA PHE B 138 -37.73 -36.15 18.60
C PHE B 138 -39.10 -36.78 18.82
N LYS B 139 -39.40 -37.09 20.09
CA LYS B 139 -40.74 -37.46 20.51
C LYS B 139 -41.38 -36.25 21.18
N THR B 140 -42.70 -36.24 21.22
CA THR B 140 -43.43 -35.15 21.87
C THR B 140 -43.64 -35.48 23.34
N GLU B 141 -43.42 -34.53 24.24
CA GLU B 141 -43.46 -34.81 25.68
C GLU B 141 -44.71 -34.26 26.36
N LYS B 142 -45.14 -33.06 25.97
CA LYS B 142 -46.28 -32.40 26.59
C LYS B 142 -46.74 -31.17 25.81
N VAL B 143 -47.88 -30.62 26.20
CA VAL B 143 -48.35 -29.40 25.60
C VAL B 143 -48.28 -28.21 26.51
N GLU B 144 -47.65 -27.15 26.02
CA GLU B 144 -47.67 -25.95 26.80
C GLU B 144 -48.82 -25.01 26.32
N ALA B 145 -49.93 -24.88 27.07
CA ALA B 145 -51.04 -23.98 26.63
C ALA B 145 -50.63 -22.52 26.73
N LYS B 146 -50.93 -21.68 25.73
CA LYS B 146 -50.55 -20.25 25.79
C LYS B 146 -49.13 -20.25 26.24
N TYR B 147 -48.22 -20.62 25.34
CA TYR B 147 -46.83 -20.64 25.71
C TYR B 147 -46.50 -19.15 26.03
N TYR B 148 -46.94 -18.17 25.23
CA TYR B 148 -46.61 -16.78 25.61
C TYR B 148 -47.73 -15.78 25.22
N ALA B 149 -47.34 -14.53 24.94
CA ALA B 149 -48.30 -13.44 24.72
C ALA B 149 -49.26 -13.88 23.64
N ASP B 150 -48.71 -14.63 22.68
CA ASP B 150 -49.48 -15.12 21.54
C ASP B 150 -50.11 -16.41 22.08
N GLY B 151 -51.42 -16.51 21.90
CA GLY B 151 -52.16 -17.69 22.30
C GLY B 151 -51.90 -19.11 21.83
N GLU B 152 -51.09 -19.31 20.80
CA GLU B 152 -50.86 -20.68 20.30
C GLU B 152 -50.18 -21.52 21.37
N ASP B 153 -50.69 -22.72 21.53
CA ASP B 153 -50.13 -23.75 22.39
C ASP B 153 -48.75 -24.15 21.91
N ALA B 154 -47.92 -24.68 22.78
CA ALA B 154 -46.67 -25.21 22.27
C ALA B 154 -46.48 -26.67 22.62
N TYR B 155 -45.85 -27.40 21.70
CA TYR B 155 -45.29 -28.70 21.99
C TYR B 155 -43.91 -28.57 22.59
N CYS B 156 -43.66 -29.28 23.67
CA CYS B 156 -42.29 -29.51 24.12
C CYS B 156 -41.77 -30.81 23.54
N MET B 157 -40.78 -30.77 22.65
CA MET B 157 -40.30 -32.02 22.08
C MET B 157 -38.90 -32.37 22.58
N LYS B 158 -38.63 -33.66 22.72
CA LYS B 158 -37.39 -34.15 23.31
C LYS B 158 -36.71 -35.28 22.54
N LEU B 159 -35.38 -35.19 22.45
CA LEU B 159 -34.56 -36.23 21.83
C LEU B 159 -33.65 -36.89 22.87
N ASP B 160 -33.82 -38.19 23.06
CA ASP B 160 -32.92 -38.98 23.90
C ASP B 160 -31.57 -39.14 23.21
N LEU B 161 -30.51 -38.73 23.89
CA LEU B 161 -29.17 -38.81 23.32
C LEU B 161 -28.37 -40.02 23.79
N THR B 162 -29.02 -40.91 24.54
CA THR B 162 -28.41 -42.16 25.05
C THR B 162 -27.66 -42.90 23.95
N ALA B 163 -28.31 -43.06 22.80
CA ALA B 163 -27.70 -43.73 21.65
C ALA B 163 -26.42 -43.04 21.21
N LEU B 164 -26.43 -41.71 21.12
CA LEU B 164 -25.24 -40.97 20.71
C LEU B 164 -24.15 -41.17 21.76
N ARG B 165 -24.54 -41.18 23.02
CA ARG B 165 -23.60 -41.32 24.13
C ARG B 165 -22.87 -42.66 24.13
N GLU B 166 -23.54 -43.76 23.85
CA GLU B 166 -22.82 -45.02 23.84
C GLU B 166 -21.90 -45.09 22.63
N GLN B 167 -22.40 -44.68 21.46
CA GLN B 167 -21.56 -44.59 20.27
C GLN B 167 -20.31 -43.72 20.49
N ILE B 168 -20.50 -42.56 21.12
CA ILE B 168 -19.37 -41.71 21.49
C ILE B 168 -18.43 -42.30 22.54
N ALA B 169 -19.01 -42.85 23.60
CA ALA B 169 -18.19 -43.43 24.66
C ALA B 169 -17.43 -44.67 24.23
N ALA B 170 -18.02 -45.43 23.31
CA ALA B 170 -17.31 -46.59 22.79
C ALA B 170 -16.12 -46.16 21.96
N GLN B 171 -16.31 -45.13 21.13
CA GLN B 171 -15.19 -44.64 20.35
C GLN B 171 -14.19 -43.75 21.10
N ARG B 172 -14.60 -43.11 22.20
CA ARG B 172 -13.61 -42.32 22.94
C ARG B 172 -12.67 -43.20 23.77
N GLU B 173 -13.22 -44.30 24.27
CA GLU B 173 -12.44 -45.23 25.07
C GLU B 173 -11.50 -46.08 24.23
N LYS B 174 -11.97 -46.46 23.05
CA LYS B 174 -11.18 -47.25 22.12
C LYS B 174 -9.97 -46.54 21.50
N GLU B 175 -10.08 -45.23 21.31
CA GLU B 175 -8.95 -44.45 20.79
C GLU B 175 -7.89 -44.21 21.85
N PRO C 33 -35.04 -4.99 33.97
CA PRO C 33 -34.82 -5.86 35.13
C PRO C 33 -35.89 -6.94 35.29
N ALA C 34 -35.56 -8.17 34.91
CA ALA C 34 -36.44 -9.32 35.10
C ALA C 34 -37.84 -9.16 34.49
N ALA C 35 -37.91 -8.75 33.23
CA ALA C 35 -39.18 -8.63 32.53
C ALA C 35 -39.84 -10.00 32.41
N LYS C 36 -41.15 -10.04 32.63
CA LYS C 36 -41.89 -11.29 32.80
C LYS C 36 -41.78 -12.31 31.66
N SER C 37 -42.02 -11.88 30.43
CA SER C 37 -42.15 -12.80 29.30
C SER C 37 -40.90 -13.63 29.03
N ALA C 38 -41.12 -14.87 28.56
CA ALA C 38 -40.08 -15.82 28.17
C ALA C 38 -39.40 -16.50 29.36
N GLU C 39 -39.69 -16.03 30.57
CA GLU C 39 -38.99 -16.47 31.77
C GLU C 39 -37.45 -16.30 31.66
N ASP C 40 -36.85 -16.78 30.57
CA ASP C 40 -35.40 -16.71 30.38
C ASP C 40 -34.89 -15.27 30.18
N ARG C 41 -35.62 -14.46 29.41
CA ARG C 41 -35.21 -13.07 29.19
C ARG C 41 -35.12 -12.36 30.55
N LYS C 42 -36.01 -12.74 31.47
CA LYS C 42 -35.89 -12.36 32.87
C LYS C 42 -34.62 -12.98 33.50
N ALA C 43 -34.39 -14.25 33.19
CA ALA C 43 -33.22 -14.99 33.67
C ALA C 43 -31.89 -14.44 33.12
N ALA C 44 -31.91 -13.97 31.88
CA ALA C 44 -30.70 -13.40 31.27
C ALA C 44 -30.25 -12.22 32.12
N ALA C 45 -31.20 -11.43 32.59
CA ALA C 45 -30.90 -10.35 33.53
C ALA C 45 -30.41 -10.93 34.85
N ALA C 46 -31.04 -12.02 35.29
CA ALA C 46 -30.67 -12.68 36.54
C ALA C 46 -29.27 -13.29 36.51
N LEU C 47 -28.91 -13.96 35.42
CA LEU C 47 -27.59 -14.55 35.32
C LEU C 47 -26.59 -13.41 35.28
N SER C 48 -26.93 -12.37 34.53
CA SER C 48 -26.15 -11.14 34.48
C SER C 48 -26.21 -10.30 35.77
N LYS C 49 -27.25 -10.48 36.59
CA LYS C 49 -27.25 -9.87 37.92
C LYS C 49 -26.55 -10.82 38.90
N VAL C 64 -5.31 -24.98 52.03
CA VAL C 64 -4.86 -23.60 51.98
C VAL C 64 -3.34 -23.53 52.13
N ASP C 65 -2.63 -23.80 51.04
CA ASP C 65 -1.17 -23.80 51.02
C ASP C 65 -0.63 -22.43 50.59
N GLN C 66 -0.84 -21.44 51.44
CA GLN C 66 -0.55 -20.04 51.15
C GLN C 66 0.89 -19.63 50.78
N GLU C 67 1.89 -20.32 51.33
CA GLU C 67 3.29 -19.89 51.17
C GLU C 67 3.76 -19.72 49.70
N ALA C 68 3.48 -20.70 48.85
CA ALA C 68 3.85 -20.59 47.44
C ALA C 68 3.16 -19.39 46.80
N VAL C 69 1.89 -19.22 47.13
CA VAL C 69 1.09 -18.10 46.64
C VAL C 69 1.65 -16.73 47.05
N LYS C 70 1.87 -16.53 48.35
CA LYS C 70 2.36 -15.26 48.86
C LYS C 70 3.68 -14.85 48.19
N ASN C 71 4.60 -15.81 48.11
CA ASN C 71 5.88 -15.59 47.44
C ASN C 71 5.68 -15.31 45.94
N ALA C 72 4.76 -16.07 45.33
CA ALA C 72 4.44 -15.88 43.93
C ALA C 72 3.93 -14.46 43.67
N MSE C 73 3.17 -13.93 44.62
CA MSE C 73 2.56 -12.62 44.46
C MSE C 73 3.52 -11.47 44.72
O MSE C 73 3.46 -10.44 44.05
CB MSE C 73 1.35 -12.49 45.38
CG MSE C 73 0.27 -13.50 45.07
SE MSE C 73 -1.46 -12.69 45.31
CE MSE C 73 -1.16 -11.14 44.16
N SER C 74 4.41 -11.65 45.70
CA SER C 74 5.47 -10.68 45.93
C SER C 74 6.40 -10.66 44.72
N ALA C 75 6.45 -11.80 44.03
CA ALA C 75 7.21 -11.94 42.79
C ALA C 75 6.51 -11.15 41.68
N LEU C 76 5.19 -11.07 41.77
CA LEU C 76 4.38 -10.41 40.75
C LEU C 76 4.45 -8.88 40.78
N SER C 77 5.23 -8.33 41.71
CA SER C 77 5.36 -6.88 41.84
C SER C 77 6.48 -6.52 42.82
N LYS C 88 10.34 14.33 28.59
CA LYS C 88 10.67 15.00 29.84
C LYS C 88 11.41 16.32 29.59
N VAL C 89 11.54 16.66 28.31
CA VAL C 89 12.24 17.88 27.88
C VAL C 89 11.13 18.90 27.95
N LYS C 90 11.35 19.99 28.71
CA LYS C 90 10.34 21.06 28.87
C LYS C 90 9.57 21.30 27.57
N VAL C 91 8.29 21.63 27.70
CA VAL C 91 7.43 21.73 26.52
C VAL C 91 6.73 23.09 26.42
N ASP C 92 6.50 23.55 25.20
CA ASP C 92 5.83 24.83 24.99
C ASP C 92 4.30 24.77 24.99
N PRO C 93 3.65 25.55 25.88
CA PRO C 93 2.20 25.54 26.06
C PRO C 93 1.39 25.92 24.81
N ALA C 94 1.91 26.89 24.06
CA ALA C 94 1.33 27.31 22.77
C ALA C 94 1.29 26.25 21.69
N ASP C 95 2.29 25.37 21.66
CA ASP C 95 2.30 24.28 20.69
C ASP C 95 1.13 23.36 20.97
N VAL C 96 0.92 23.07 22.25
CA VAL C 96 -0.19 22.23 22.68
C VAL C 96 -1.53 22.85 22.29
N ASN C 97 -1.63 24.17 22.44
CA ASN C 97 -2.86 24.89 22.08
C ASN C 97 -3.08 24.96 20.57
N LEU C 98 -2.00 24.94 19.80
CA LEU C 98 -2.12 24.96 18.35
C LEU C 98 -2.69 23.63 17.81
N LEU C 99 -2.11 22.51 18.27
CA LEU C 99 -2.53 21.15 17.89
C LEU C 99 -3.96 20.78 18.30
N VAL C 100 -4.38 21.25 19.47
CA VAL C 100 -5.74 20.98 19.96
C VAL C 100 -6.71 21.55 18.93
N GLU C 101 -6.49 22.79 18.52
CA GLU C 101 -7.40 23.48 17.60
C GLU C 101 -7.41 22.89 16.20
N GLU C 102 -6.26 22.44 15.70
CA GLU C 102 -6.18 22.09 14.29
C GLU C 102 -6.31 20.59 14.07
N LEU C 103 -6.20 19.81 15.13
CA LEU C 103 -6.43 18.37 15.01
C LEU C 103 -7.66 17.96 15.80
N GLU C 104 -8.19 18.89 16.58
CA GLU C 104 -9.42 18.67 17.35
C GLU C 104 -9.24 17.54 18.34
N LEU C 105 -8.09 17.58 19.02
CA LEU C 105 -7.72 16.62 20.04
C LEU C 105 -7.88 17.21 21.44
N SER C 106 -8.06 16.35 22.44
CA SER C 106 -8.04 16.80 23.84
C SER C 106 -6.64 17.32 24.16
N LYS C 107 -6.56 18.23 25.14
CA LYS C 107 -5.28 18.78 25.59
C LYS C 107 -4.30 17.68 26.00
N ALA C 108 -4.84 16.59 26.57
CA ALA C 108 -4.03 15.45 26.97
C ALA C 108 -3.37 14.78 25.76
N LYS C 109 -4.17 14.47 24.73
CA LYS C 109 -3.64 13.80 23.54
C LYS C 109 -2.72 14.73 22.74
N ALA C 110 -3.02 16.03 22.76
CA ALA C 110 -2.20 16.97 22.00
C ALA C 110 -0.82 17.09 22.63
N THR C 111 -0.79 17.16 23.97
CA THR C 111 0.46 17.25 24.72
C THR C 111 1.28 15.97 24.56
N GLU C 112 0.60 14.84 24.76
CA GLU C 112 1.20 13.51 24.60
C GLU C 112 1.82 13.34 23.22
N LEU C 113 1.12 13.81 22.19
CA LEU C 113 1.61 13.68 20.82
C LEU C 113 2.89 14.50 20.66
N LEU C 114 2.87 15.73 21.17
CA LEU C 114 4.07 16.58 21.18
C LEU C 114 5.21 15.92 21.94
N LYS C 115 4.89 15.31 23.08
CA LYS C 115 5.90 14.66 23.90
C LYS C 115 6.50 13.46 23.18
N ALA C 116 5.73 12.84 22.29
CA ALA C 116 6.21 11.70 21.53
C ALA C 116 7.26 12.10 20.49
N HIS C 117 7.34 13.40 20.19
CA HIS C 117 8.23 13.90 19.14
C HIS C 117 9.16 15.02 19.64
N ASP C 118 9.45 15.03 20.94
CA ASP C 118 10.36 16.01 21.56
C ASP C 118 9.94 17.47 21.33
N GLY C 119 8.65 17.76 21.55
CA GLY C 119 8.12 19.11 21.42
C GLY C 119 8.22 19.77 20.05
N ASP C 120 8.51 18.97 19.03
CA ASP C 120 8.56 19.47 17.66
C ASP C 120 7.17 19.41 17.03
N ALA C 121 6.45 20.53 17.06
CA ALA C 121 5.07 20.60 16.60
C ALA C 121 4.91 20.25 15.12
N ILE C 122 5.85 20.71 14.30
CA ILE C 122 5.80 20.44 12.86
C ILE C 122 6.08 18.97 12.57
N LYS C 123 6.91 18.34 13.38
CA LYS C 123 7.19 16.92 13.23
C LYS C 123 5.97 16.11 13.67
N ALA C 124 5.39 16.48 14.80
CA ALA C 124 4.24 15.76 15.34
C ALA C 124 3.06 15.81 14.39
N MSE C 125 2.77 17.01 13.85
CA MSE C 125 1.66 17.16 12.90
C MSE C 125 1.90 16.36 11.61
O MSE C 125 0.96 15.78 11.06
CB MSE C 125 1.42 18.63 12.54
CG MSE C 125 0.77 19.48 13.62
SE MSE C 125 1.04 21.40 13.28
CE MSE C 125 -0.76 22.05 12.99
N LYS C 126 3.14 16.31 11.13
CA LYS C 126 3.45 15.55 9.93
C LYS C 126 3.27 14.06 10.15
N ALA C 127 3.64 13.59 11.33
CA ALA C 127 3.52 12.16 11.65
C ALA C 127 2.09 11.68 11.72
N TYR C 128 1.25 12.46 12.40
CA TYR C 128 -0.16 12.16 12.65
C TYR C 128 -1.03 12.00 11.40
N ILE C 129 -0.72 12.75 10.34
CA ILE C 129 -1.53 12.69 9.14
C ILE C 129 -1.05 11.63 8.15
N GLN C 130 -0.04 10.86 8.51
CA GLN C 130 0.34 9.75 7.65
C GLN C 130 -0.53 8.55 7.85
N PRO C 131 -1.10 8.02 6.76
CA PRO C 131 -1.98 6.84 6.80
C PRO C 131 -1.24 5.54 7.13
N ALA C 132 -1.98 4.53 7.57
CA ALA C 132 -1.43 3.19 7.77
C ALA C 132 -0.81 2.66 6.48
N PRO D 11 64.84 18.99 14.88
CA PRO D 11 64.46 18.21 13.69
C PRO D 11 65.46 18.40 12.57
N LEU D 12 64.97 18.76 11.39
CA LEU D 12 65.81 19.17 10.27
C LEU D 12 66.57 20.47 10.51
N SER D 13 67.70 20.64 9.83
CA SER D 13 68.50 21.84 10.04
C SER D 13 68.33 22.75 8.85
N THR D 14 68.66 24.01 9.05
CA THR D 14 68.36 25.05 8.08
C THR D 14 68.70 24.78 6.63
N ARG D 15 69.75 24.01 6.35
CA ARG D 15 70.02 23.66 4.96
C ARG D 15 69.15 22.54 4.37
N GLU D 16 68.79 21.56 5.18
CA GLU D 16 67.83 20.56 4.72
C GLU D 16 66.49 21.25 4.61
N ALA D 17 66.25 22.21 5.51
CA ALA D 17 65.04 23.02 5.55
C ALA D 17 64.88 23.71 4.18
N ASN D 18 65.95 24.29 3.64
CA ASN D 18 65.85 24.86 2.31
C ASN D 18 65.77 23.79 1.24
N LEU D 19 66.35 22.63 1.53
CA LEU D 19 66.28 21.57 0.55
C LEU D 19 64.86 20.97 0.47
N PHE D 20 64.17 20.91 1.60
CA PHE D 20 62.78 20.46 1.64
C PHE D 20 61.89 21.40 0.82
N ARG D 21 62.20 22.69 0.87
CA ARG D 21 61.45 23.71 0.12
C ARG D 21 61.60 23.49 -1.37
N THR D 22 62.77 23.02 -1.81
CA THR D 22 62.99 22.83 -3.23
C THR D 22 62.35 21.51 -3.66
N VAL D 23 61.90 20.72 -2.70
CA VAL D 23 61.14 19.51 -3.01
C VAL D 23 59.73 19.94 -3.29
N ILE D 24 59.28 20.93 -2.52
CA ILE D 24 57.97 21.51 -2.77
C ILE D 24 57.96 22.29 -4.09
N ARG D 25 58.99 23.08 -4.36
CA ARG D 25 59.07 23.79 -5.64
C ARG D 25 59.07 22.88 -6.85
N HIS D 26 59.86 21.80 -6.79
CA HIS D 26 59.92 20.90 -7.92
C HIS D 26 58.66 20.07 -8.14
N TYR D 27 57.84 19.92 -7.10
CA TYR D 27 56.63 19.14 -7.27
C TYR D 27 55.63 20.07 -7.93
N GLU D 28 55.58 21.30 -7.45
CA GLU D 28 54.68 22.28 -8.01
C GLU D 28 55.10 22.76 -9.39
N ASP D 29 56.30 22.37 -9.82
CA ASP D 29 56.77 22.72 -11.17
C ASP D 29 56.82 21.47 -12.05
N LYS D 30 56.26 20.39 -11.51
CA LYS D 30 56.19 19.10 -12.19
C LYS D 30 57.58 18.56 -12.56
N GLN D 31 58.62 19.02 -11.87
CA GLN D 31 59.94 18.45 -12.10
C GLN D 31 60.10 17.31 -11.09
N TYR D 32 59.51 16.17 -11.41
CA TYR D 32 59.53 15.01 -10.50
C TYR D 32 60.93 14.49 -10.19
N LYS D 33 61.70 14.22 -11.24
CA LYS D 33 63.01 13.59 -11.07
C LYS D 33 63.91 14.44 -10.19
N ARG D 34 63.88 15.75 -10.42
CA ARG D 34 64.67 16.64 -9.58
C ARG D 34 64.23 16.55 -8.12
N GLY D 35 62.98 16.17 -7.89
CA GLY D 35 62.45 16.16 -6.56
C GLY D 35 62.86 14.94 -5.78
N LEU D 36 62.83 13.76 -6.41
CA LEU D 36 63.37 12.58 -5.75
C LEU D 36 64.83 12.79 -5.39
N LYS D 37 65.61 13.28 -6.35
CA LYS D 37 67.03 13.54 -6.13
C LYS D 37 67.26 14.53 -4.99
N ALA D 38 66.29 15.38 -4.72
CA ALA D 38 66.42 16.36 -3.66
C ALA D 38 65.89 15.68 -2.40
N ALA D 39 64.75 14.98 -2.53
CA ALA D 39 64.21 14.19 -1.42
C ALA D 39 65.26 13.17 -0.93
N GLU D 40 65.77 12.35 -1.86
CA GLU D 40 66.79 11.33 -1.58
C GLU D 40 68.02 11.90 -0.87
N GLN D 41 68.33 13.17 -1.12
CA GLN D 41 69.47 13.78 -0.44
C GLN D 41 69.10 13.98 1.02
N ILE D 42 67.94 14.55 1.33
CA ILE D 42 67.59 14.71 2.74
C ILE D 42 67.46 13.34 3.43
N LEU D 43 66.91 12.39 2.70
CA LEU D 43 66.74 11.04 3.23
C LEU D 43 68.05 10.31 3.53
N LYS D 44 69.13 10.66 2.85
CA LYS D 44 70.39 9.99 3.17
C LYS D 44 70.98 10.56 4.45
N LYS D 45 70.65 11.82 4.75
CA LYS D 45 71.06 12.45 6.00
C LYS D 45 70.12 11.98 7.10
N ASN D 46 68.84 11.87 6.72
CA ASN D 46 67.75 11.54 7.62
C ASN D 46 66.96 10.39 7.00
N PRO D 47 67.31 9.13 7.32
CA PRO D 47 66.49 8.09 6.70
C PRO D 47 65.15 7.82 7.37
N LYS D 48 64.96 8.21 8.63
CA LYS D 48 63.63 8.06 9.19
C LYS D 48 62.92 9.40 9.32
N HIS D 49 62.99 10.18 8.24
CA HIS D 49 62.21 11.39 8.17
C HIS D 49 60.93 11.25 7.37
N GLY D 50 59.79 11.10 8.06
CA GLY D 50 58.51 10.88 7.42
C GLY D 50 58.00 11.86 6.35
N ASP D 51 58.06 13.15 6.64
CA ASP D 51 57.56 14.18 5.73
C ASP D 51 58.23 14.06 4.38
N THR D 52 59.51 13.76 4.39
CA THR D 52 60.20 13.61 3.13
C THR D 52 59.75 12.33 2.42
N MET D 53 59.58 11.25 3.18
CA MET D 53 59.16 9.98 2.57
C MET D 53 57.78 10.12 1.91
N SER D 54 56.85 10.80 2.56
CA SER D 54 55.53 11.05 2.00
C SER D 54 55.64 11.89 0.71
N MET D 55 56.48 12.92 0.73
CA MET D 55 56.71 13.77 -0.46
C MET D 55 57.30 12.94 -1.58
N LYS D 56 58.08 11.93 -1.22
CA LYS D 56 58.67 11.02 -2.19
C LYS D 56 57.55 10.08 -2.69
N ALA D 57 56.64 9.77 -1.79
CA ALA D 57 55.47 8.94 -2.06
C ALA D 57 54.53 9.62 -3.06
N LEU D 58 54.43 10.94 -2.97
CA LEU D 58 53.61 11.69 -3.93
C LEU D 58 54.10 11.58 -5.35
N ILE D 59 55.37 11.87 -5.53
CA ILE D 59 55.98 11.84 -6.83
C ILE D 59 55.92 10.46 -7.49
N LEU D 60 56.10 9.40 -6.69
CA LEU D 60 55.98 8.05 -7.21
C LEU D 60 54.57 7.81 -7.73
N ASN D 61 53.58 8.22 -6.96
CA ASN D 61 52.19 8.07 -7.37
C ASN D 61 51.91 8.93 -8.60
N ALA D 62 52.61 10.04 -8.71
CA ALA D 62 52.44 10.93 -9.84
C ALA D 62 53.18 10.37 -11.05
N GLN D 63 53.80 9.21 -10.89
CA GLN D 63 54.49 8.55 -12.00
C GLN D 63 54.17 7.05 -12.01
N GLY D 64 52.92 6.72 -11.72
CA GLY D 64 52.41 5.36 -11.82
C GLY D 64 53.16 4.30 -11.03
N LYS D 65 53.55 4.65 -9.83
CA LYS D 65 54.12 3.70 -8.91
C LYS D 65 53.16 3.65 -7.74
N THR D 66 51.86 3.65 -8.06
CA THR D 66 50.77 3.45 -7.11
C THR D 66 51.08 2.50 -5.97
N GLU D 67 51.61 1.31 -6.25
CA GLU D 67 51.83 0.37 -5.16
C GLU D 67 53.01 0.93 -4.37
N GLU D 68 54.10 1.20 -5.08
CA GLU D 68 55.34 1.59 -4.43
C GLU D 68 55.07 2.86 -3.62
N ALA D 69 54.29 3.76 -4.21
CA ALA D 69 53.93 5.01 -3.57
C ALA D 69 53.14 4.73 -2.31
N PHE D 70 52.12 3.88 -2.44
CA PHE D 70 51.27 3.54 -1.30
C PHE D 70 52.06 2.92 -0.15
N ALA D 71 52.94 1.97 -0.46
CA ALA D 71 53.71 1.29 0.58
C ALA D 71 54.63 2.28 1.27
N LEU D 72 55.23 3.16 0.48
CA LEU D 72 56.08 4.20 1.02
C LEU D 72 55.33 5.15 1.95
N ALA D 73 54.11 5.53 1.55
CA ALA D 73 53.29 6.45 2.35
C ALA D 73 52.85 5.76 3.63
N LYS D 74 52.48 4.49 3.50
CA LYS D 74 52.09 3.63 4.62
C LYS D 74 53.25 3.56 5.57
N GLU D 75 54.45 3.45 5.01
CA GLU D 75 55.67 3.32 5.80
C GLU D 75 55.90 4.67 6.49
N ALA D 76 55.83 5.76 5.71
CA ALA D 76 55.98 7.12 6.25
C ALA D 76 55.01 7.47 7.40
N LEU D 77 53.73 7.13 7.26
CA LEU D 77 52.69 7.45 8.25
C LEU D 77 52.89 6.76 9.60
N THR D 78 53.32 5.50 9.58
CA THR D 78 53.67 4.82 10.82
C THR D 78 54.79 5.56 11.57
N ILE D 79 55.73 6.17 10.84
CA ILE D 79 56.90 6.76 11.49
C ILE D 79 56.47 8.02 12.24
N ASP D 80 55.65 8.83 11.60
CA ASP D 80 55.18 10.10 12.15
C ASP D 80 53.69 10.27 11.94
N MET D 81 52.88 9.76 12.86
CA MET D 81 51.45 10.04 12.84
C MET D 81 51.05 11.48 13.18
N LYS D 82 51.98 12.28 13.65
CA LYS D 82 51.61 13.65 13.99
C LYS D 82 52.01 14.60 12.87
N SER D 83 52.38 14.06 11.72
CA SER D 83 52.69 14.91 10.56
C SER D 83 51.46 15.19 9.72
N TYR D 84 51.15 16.45 9.45
CA TYR D 84 49.93 16.73 8.71
C TYR D 84 50.19 16.41 7.23
N ILE D 85 51.46 16.43 6.85
CA ILE D 85 51.89 16.05 5.49
C ILE D 85 51.71 14.56 5.16
N CYS D 86 52.15 13.66 6.04
CA CYS D 86 51.98 12.22 5.77
C CYS D 86 50.52 11.82 5.56
N TRP D 87 49.64 12.35 6.39
CA TRP D 87 48.24 12.01 6.27
C TRP D 87 47.60 12.64 5.03
N HIS D 88 47.94 13.89 4.74
CA HIS D 88 47.46 14.53 3.52
C HIS D 88 47.82 13.71 2.29
N VAL D 89 49.09 13.33 2.19
CA VAL D 89 49.56 12.47 1.11
C VAL D 89 48.75 11.17 1.11
N TYR D 90 48.67 10.53 2.28
CA TYR D 90 47.89 9.29 2.44
C TYR D 90 46.49 9.48 1.86
N GLY D 91 45.88 10.61 2.16
CA GLY D 91 44.57 10.92 1.61
C GLY D 91 44.58 11.08 0.10
N ILE D 92 45.55 11.86 -0.40
CA ILE D 92 45.70 12.08 -1.84
C ILE D 92 45.83 10.76 -2.58
N LEU D 93 46.65 9.86 -2.07
CA LEU D 93 46.75 8.52 -2.66
C LEU D 93 45.38 7.84 -2.69
N TYR D 94 44.74 7.76 -1.54
CA TYR D 94 43.39 7.20 -1.46
C TYR D 94 42.42 7.85 -2.45
N ARG D 95 42.37 9.17 -2.50
CA ARG D 95 41.49 9.87 -3.41
C ARG D 95 41.77 9.51 -4.88
N THR D 96 43.03 9.31 -5.26
CA THR D 96 43.32 8.90 -6.65
C THR D 96 42.76 7.49 -6.92
N ASN D 97 42.96 6.57 -5.96
CA ASN D 97 42.47 5.20 -6.05
C ASN D 97 40.99 5.01 -5.63
N LYS D 98 40.26 6.12 -5.56
CA LYS D 98 38.82 6.13 -5.39
C LYS D 98 38.31 5.57 -4.06
N ASN D 99 39.16 5.35 -3.04
CA ASN D 99 38.58 4.99 -1.75
C ASN D 99 38.30 6.26 -0.97
N PHE D 100 37.22 6.93 -1.37
CA PHE D 100 36.88 8.23 -0.82
C PHE D 100 36.50 8.27 0.66
N ASP D 101 36.05 7.16 1.24
CA ASP D 101 35.58 7.28 2.62
C ASP D 101 36.71 7.32 3.64
N GLU D 102 37.72 6.47 3.51
CA GLU D 102 38.80 6.58 4.48
C GLU D 102 39.65 7.82 4.21
N ALA D 103 39.69 8.24 2.94
CA ALA D 103 40.38 9.47 2.59
C ALA D 103 39.76 10.72 3.20
N ILE D 104 38.43 10.84 3.13
CA ILE D 104 37.76 12.04 3.65
C ILE D 104 38.02 12.24 5.15
N LYS D 105 37.89 11.15 5.89
CA LYS D 105 38.09 11.12 7.34
C LYS D 105 39.51 11.57 7.63
N ALA D 106 40.44 11.19 6.76
CA ALA D 106 41.87 11.43 6.98
C ALA D 106 42.14 12.88 6.56
N TYR D 107 41.56 13.31 5.45
CA TYR D 107 41.61 14.72 5.09
C TYR D 107 41.02 15.60 6.20
N LYS D 108 39.89 15.18 6.78
CA LYS D 108 39.20 16.00 7.81
C LYS D 108 39.99 16.37 9.06
N PHE D 109 40.76 15.43 9.59
CA PHE D 109 41.53 15.69 10.80
C PHE D 109 42.76 16.52 10.42
N ALA D 110 43.34 16.19 9.27
CA ALA D 110 44.41 16.99 8.71
C ALA D 110 43.93 18.44 8.66
N LEU D 111 42.72 18.73 8.20
CA LEU D 111 42.33 20.14 8.25
C LEU D 111 42.25 20.64 9.67
N LYS D 112 41.87 19.78 10.61
CA LYS D 112 41.85 20.18 12.01
C LYS D 112 43.31 20.25 12.48
N LEU D 113 44.17 19.50 11.79
CA LEU D 113 45.60 19.46 12.05
C LEU D 113 46.25 20.62 11.30
N GLU D 114 46.49 21.70 12.03
CA GLU D 114 47.07 22.94 11.51
C GLU D 114 46.07 23.54 10.52
N PRO D 115 44.89 23.98 11.02
CA PRO D 115 43.74 24.48 10.24
C PRO D 115 44.02 25.69 9.35
N GLU D 116 42.94 26.31 8.88
CA GLU D 116 42.99 27.50 8.02
C GLU D 116 43.53 27.37 6.59
N SER D 117 44.15 26.23 6.28
CA SER D 117 44.80 25.98 4.98
C SER D 117 43.66 25.84 3.97
N HIS D 118 43.48 26.88 3.16
CA HIS D 118 42.42 26.95 2.17
C HIS D 118 42.43 25.90 1.06
N GLN D 119 43.61 25.44 0.65
CA GLN D 119 43.67 24.46 -0.43
C GLN D 119 43.12 23.08 0.01
N ILE D 120 43.52 22.67 1.21
CA ILE D 120 43.14 21.39 1.84
C ILE D 120 41.63 21.31 2.16
N GLN D 121 41.04 22.42 2.60
CA GLN D 121 39.62 22.49 2.94
C GLN D 121 38.73 22.27 1.72
N ARG D 122 39.19 22.76 0.56
CA ARG D 122 38.48 22.66 -0.72
C ARG D 122 38.34 21.18 -0.97
N ASP D 123 39.40 20.41 -0.73
CA ASP D 123 39.41 19.01 -1.07
C ASP D 123 38.51 18.31 -0.07
N LEU D 124 38.47 18.79 1.17
CA LEU D 124 37.52 18.21 2.14
C LEU D 124 36.08 18.41 1.71
N ALA D 125 35.79 19.61 1.24
CA ALA D 125 34.47 19.97 0.84
C ALA D 125 33.96 19.06 -0.28
N VAL D 126 34.82 18.77 -1.24
CA VAL D 126 34.41 17.90 -2.32
C VAL D 126 34.07 16.49 -1.84
N LEU D 127 34.95 15.85 -1.09
CA LEU D 127 34.68 14.50 -0.56
C LEU D 127 33.40 14.47 0.27
N GLN D 128 33.15 15.50 1.06
CA GLN D 128 31.98 15.46 1.93
C GLN D 128 30.69 15.43 1.11
N ILE D 129 30.58 16.25 0.07
CA ILE D 129 29.36 16.22 -0.73
C ILE D 129 29.36 14.92 -1.50
N GLN D 130 30.54 14.48 -1.95
CA GLN D 130 30.61 13.18 -2.59
C GLN D 130 30.10 12.01 -1.75
N MET D 131 30.25 12.05 -0.44
CA MET D 131 29.74 10.93 0.35
C MET D 131 28.46 11.34 1.05
N ARG D 132 27.93 12.49 0.63
CA ARG D 132 26.69 13.02 1.15
C ARG D 132 26.69 13.14 2.68
N ASP D 133 27.84 13.51 3.24
CA ASP D 133 27.97 13.98 4.61
C ASP D 133 27.57 15.45 4.61
N TYR D 134 26.26 15.67 4.63
CA TYR D 134 25.67 16.99 4.43
C TYR D 134 26.10 17.95 5.52
N ALA D 135 26.05 17.48 6.77
CA ALA D 135 26.42 18.30 7.90
C ALA D 135 27.89 18.74 7.82
N GLY D 136 28.77 17.83 7.45
CA GLY D 136 30.15 18.17 7.24
C GLY D 136 30.26 19.24 6.16
N TYR D 137 29.43 19.08 5.14
CA TYR D 137 29.50 19.91 3.94
C TYR D 137 28.98 21.33 4.22
N VAL D 138 27.89 21.44 5.00
CA VAL D 138 27.35 22.74 5.43
C VAL D 138 28.38 23.55 6.23
N GLN D 139 28.94 22.94 7.27
CA GLN D 139 29.96 23.53 8.11
C GLN D 139 31.11 24.03 7.23
N SER D 140 31.50 23.15 6.31
CA SER D 140 32.56 23.41 5.35
C SER D 140 32.27 24.65 4.51
N ARG D 141 31.07 24.74 4.00
CA ARG D 141 30.68 25.86 3.14
C ARG D 141 30.59 27.19 3.84
N LEU D 142 30.13 27.19 5.08
CA LEU D 142 30.04 28.39 5.90
C LEU D 142 31.45 28.97 6.05
N ASN D 143 32.40 28.06 6.23
CA ASN D 143 33.82 28.37 6.30
C ASN D 143 34.32 28.96 4.99
N MET D 144 34.02 28.34 3.85
CA MET D 144 34.47 28.91 2.58
C MET D 144 33.93 30.32 2.35
N LEU D 145 32.67 30.57 2.70
CA LEU D 145 32.09 31.91 2.56
C LEU D 145 32.77 32.99 3.41
N LYS D 146 33.18 32.64 4.62
CA LYS D 146 33.86 33.61 5.46
C LYS D 146 35.21 34.11 4.91
N ALA D 147 35.97 33.22 4.28
CA ALA D 147 37.30 33.59 3.83
C ALA D 147 37.37 34.46 2.57
N ARG D 148 36.46 34.23 1.64
CA ARG D 148 36.45 34.94 0.36
C ARG D 148 35.02 35.32 -0.03
N PRO D 149 34.43 36.27 0.71
CA PRO D 149 33.02 36.67 0.53
C PRO D 149 32.76 37.63 -0.63
N GLN D 150 33.79 38.06 -1.35
CA GLN D 150 33.52 38.93 -2.49
C GLN D 150 33.15 38.03 -3.68
N ILE D 151 33.38 36.73 -3.52
CA ILE D 151 33.12 35.76 -4.57
C ILE D 151 31.80 35.02 -4.33
N ARG D 152 30.89 35.14 -5.28
CA ARG D 152 29.52 34.66 -5.17
C ARG D 152 29.42 33.15 -4.93
N GLN D 153 30.35 32.40 -5.53
CA GLN D 153 30.36 30.94 -5.39
C GLN D 153 30.21 30.41 -3.98
N ASN D 154 30.87 31.03 -3.03
CA ASN D 154 30.81 30.53 -1.66
C ASN D 154 29.44 30.65 -1.00
N TRP D 155 28.62 31.60 -1.47
CA TRP D 155 27.27 31.73 -0.96
C TRP D 155 26.39 30.62 -1.51
N THR D 156 26.44 30.49 -2.83
CA THR D 156 25.71 29.46 -3.52
C THR D 156 26.01 28.06 -3.02
N ALA D 157 27.27 27.76 -2.81
CA ALA D 157 27.69 26.47 -2.28
C ALA D 157 27.07 26.11 -0.94
N LEU D 158 27.03 27.06 -0.01
CA LEU D 158 26.42 26.80 1.29
C LEU D 158 24.90 26.60 1.16
N ALA D 159 24.28 27.35 0.25
CA ALA D 159 22.86 27.16 -0.04
C ALA D 159 22.64 25.75 -0.53
N ILE D 160 23.53 25.26 -1.40
CA ILE D 160 23.43 23.89 -1.89
C ILE D 160 23.53 22.93 -0.71
N ALA D 161 24.47 23.18 0.20
CA ALA D 161 24.66 22.31 1.35
C ALA D 161 23.45 22.21 2.26
N TYR D 162 22.85 23.36 2.55
CA TYR D 162 21.66 23.42 3.36
C TYR D 162 20.50 22.72 2.67
N HIS D 163 20.33 23.04 1.40
CA HIS D 163 19.30 22.50 0.55
C HIS D 163 19.33 20.98 0.54
N LEU D 164 20.49 20.39 0.32
CA LEU D 164 20.57 18.93 0.28
C LEU D 164 20.38 18.30 1.66
N GLU D 165 20.64 19.08 2.71
CA GLU D 165 20.45 18.59 4.08
C GLU D 165 18.95 18.59 4.43
N GLY D 166 18.15 19.28 3.64
CA GLY D 166 16.73 19.44 3.93
C GLY D 166 16.38 20.76 4.59
N ASN D 167 17.39 21.57 4.86
CA ASN D 167 17.18 22.89 5.46
C ASN D 167 16.99 23.94 4.38
N LEU D 168 15.81 23.89 3.75
CA LEU D 168 15.47 24.77 2.63
C LEU D 168 15.39 26.25 2.99
N GLU D 169 14.77 26.54 4.14
CA GLU D 169 14.67 27.91 4.65
C GLU D 169 16.01 28.61 4.81
N LYS D 170 16.99 27.89 5.35
CA LYS D 170 18.30 28.48 5.55
C LYS D 170 19.00 28.61 4.19
N ALA D 171 18.73 27.66 3.30
CA ALA D 171 19.30 27.70 1.96
C ALA D 171 18.77 28.91 1.20
N GLU D 172 17.47 29.20 1.36
CA GLU D 172 16.86 30.37 0.73
C GLU D 172 17.46 31.65 1.33
N HIS D 173 17.66 31.62 2.65
CA HIS D 173 18.26 32.71 3.40
C HIS D 173 19.67 33.09 2.92
N ILE D 174 20.51 32.10 2.65
CA ILE D 174 21.88 32.38 2.24
C ILE D 174 21.90 33.07 0.89
N LEU D 175 21.04 32.60 0.01
CA LEU D 175 20.90 33.16 -1.33
C LEU D 175 20.37 34.59 -1.32
N THR D 176 19.34 34.84 -0.51
CA THR D 176 18.71 36.15 -0.43
C THR D 176 19.62 37.21 0.20
N THR D 177 20.46 36.78 1.15
CA THR D 177 21.37 37.69 1.83
C THR D 177 22.37 38.33 0.86
N TYR D 178 22.88 37.51 -0.04
CA TYR D 178 23.79 37.93 -1.09
C TYR D 178 23.20 38.99 -2.02
N GLU D 179 22.02 38.70 -2.56
CA GLU D 179 21.32 39.58 -3.49
C GLU D 179 21.15 41.01 -2.98
N LYS D 180 21.01 41.16 -1.67
CA LYS D 180 20.78 42.46 -1.05
C LYS D 180 22.06 43.31 -0.98
N SER D 181 23.21 42.70 -1.16
CA SER D 181 24.47 43.43 -1.18
C SER D 181 24.77 44.13 -2.51
N LEU D 182 24.13 43.68 -3.59
CA LEU D 182 24.37 44.28 -4.91
C LEU D 182 23.95 45.75 -4.90
N THR D 183 24.90 46.65 -5.17
CA THR D 183 24.57 48.07 -5.26
C THR D 183 23.88 48.42 -6.57
N THR D 184 24.30 47.77 -7.65
CA THR D 184 23.70 48.00 -8.96
C THR D 184 23.10 46.73 -9.53
N PRO D 185 21.90 46.82 -10.13
CA PRO D 185 21.30 45.63 -10.74
C PRO D 185 22.10 45.13 -11.94
N PRO D 186 22.52 43.86 -11.90
CA PRO D 186 23.27 43.27 -13.02
C PRO D 186 22.45 43.29 -14.30
N PRO D 187 23.13 43.42 -15.45
CA PRO D 187 22.42 43.43 -16.75
C PRO D 187 21.81 42.07 -17.07
N LYS D 188 20.72 42.08 -17.83
CA LYS D 188 20.00 40.85 -18.16
C LYS D 188 20.83 39.87 -19.00
N THR D 189 22.00 40.31 -19.46
CA THR D 189 22.92 39.43 -20.17
C THR D 189 23.78 38.56 -19.26
N ASP D 190 23.84 38.96 -17.98
CA ASP D 190 24.57 38.23 -16.94
C ASP D 190 23.90 36.89 -16.67
N LEU D 191 24.48 35.82 -17.21
CA LEU D 191 23.90 34.49 -17.07
C LEU D 191 23.95 33.94 -15.64
N GLU D 192 24.99 34.27 -14.91
CA GLU D 192 25.11 33.83 -13.52
C GLU D 192 23.98 34.30 -12.60
N HIS D 193 23.69 35.60 -12.65
CA HIS D 193 22.62 36.16 -11.86
C HIS D 193 21.28 35.59 -12.29
N SER D 194 21.09 35.47 -13.59
CA SER D 194 19.86 34.89 -14.13
C SER D 194 19.60 33.50 -13.61
N GLU D 195 20.61 32.63 -13.72
CA GLU D 195 20.49 31.28 -13.18
C GLU D 195 20.28 31.25 -11.67
N ALA D 196 20.90 32.17 -10.95
CA ALA D 196 20.76 32.22 -9.50
C ALA D 196 19.35 32.58 -9.04
N LEU D 197 18.70 33.45 -9.80
CA LEU D 197 17.32 33.83 -9.52
C LEU D 197 16.37 32.64 -9.67
N LEU D 198 16.53 31.85 -10.73
CA LEU D 198 15.63 30.73 -10.94
C LEU D 198 15.85 29.67 -9.87
N TYR D 199 17.11 29.49 -9.49
CA TYR D 199 17.45 28.54 -8.44
C TYR D 199 16.72 28.94 -7.14
N LYS D 200 16.84 30.21 -6.76
CA LYS D 200 16.09 30.70 -5.62
C LYS D 200 14.61 30.43 -5.86
N ASN D 201 14.10 30.69 -7.07
CA ASN D 201 12.69 30.40 -7.33
C ASN D 201 12.27 28.95 -7.10
N THR D 202 13.03 27.99 -7.61
CA THR D 202 12.66 26.59 -7.40
C THR D 202 12.70 26.27 -5.91
N ILE D 203 13.60 26.93 -5.18
CA ILE D 203 13.68 26.66 -3.75
C ILE D 203 12.43 27.16 -3.05
N ILE D 204 11.97 28.35 -3.43
CA ILE D 204 10.72 28.89 -2.93
C ILE D 204 9.59 27.92 -3.22
N ALA D 205 9.61 27.37 -4.42
CA ALA D 205 8.56 26.44 -4.83
C ALA D 205 8.63 25.11 -4.09
N GLU D 206 9.82 24.54 -3.92
CA GLU D 206 9.92 23.30 -3.17
C GLU D 206 9.43 23.36 -1.71
N ARG D 207 9.54 24.51 -1.05
CA ARG D 207 8.93 24.61 0.28
C ARG D 207 7.42 24.66 0.10
N GLY D 208 6.99 24.87 -1.14
CA GLY D 208 5.58 24.78 -1.46
C GLY D 208 4.84 26.10 -1.49
N ASP D 209 5.54 27.24 -1.46
CA ASP D 209 4.85 28.54 -1.44
C ASP D 209 4.72 29.15 -2.82
N ILE D 210 3.82 28.54 -3.60
CA ILE D 210 3.59 28.84 -5.00
C ILE D 210 3.03 30.23 -5.27
N GLU D 211 2.21 30.76 -4.38
CA GLU D 211 1.73 32.12 -4.57
C GLU D 211 2.88 33.12 -4.68
N ARG D 212 3.84 33.01 -3.77
CA ARG D 212 4.95 33.98 -3.71
C ARG D 212 5.93 33.69 -4.82
N ALA D 213 6.08 32.40 -5.12
CA ALA D 213 6.99 31.97 -6.15
C ALA D 213 6.59 32.47 -7.54
N LEU D 214 5.30 32.52 -7.86
CA LEU D 214 4.91 33.04 -9.18
C LEU D 214 5.22 34.53 -9.26
N GLN D 215 4.87 35.27 -8.21
CA GLN D 215 5.23 36.68 -8.10
C GLN D 215 6.75 36.88 -8.24
N HIS D 216 7.54 36.05 -7.57
CA HIS D 216 9.00 36.19 -7.60
C HIS D 216 9.47 35.82 -8.99
N LEU D 217 8.76 34.90 -9.63
CA LEU D 217 9.09 34.50 -10.98
C LEU D 217 8.92 35.79 -11.80
N GLU D 218 7.72 36.37 -11.72
CA GLU D 218 7.36 37.58 -12.47
C GLU D 218 8.13 38.83 -12.05
N THR D 219 8.51 38.97 -10.77
CA THR D 219 9.20 40.19 -10.35
C THR D 219 10.70 40.18 -10.65
N ASP D 220 11.41 39.10 -10.34
CA ASP D 220 12.85 39.16 -10.47
C ASP D 220 13.32 38.33 -11.67
N CYS D 221 12.49 37.39 -12.08
CA CYS D 221 12.91 36.38 -13.05
C CYS D 221 12.27 36.56 -14.43
N LYS D 222 11.45 37.58 -14.59
CA LYS D 222 10.59 37.70 -15.77
C LYS D 222 11.38 37.58 -17.07
N HIS D 223 12.55 38.21 -17.11
CA HIS D 223 13.35 38.29 -18.32
C HIS D 223 14.62 37.40 -18.32
N CYS D 224 14.63 36.39 -17.46
CA CYS D 224 15.75 35.44 -17.43
C CYS D 224 15.92 34.78 -18.78
N LEU D 225 17.16 34.37 -19.03
CA LEU D 225 17.55 33.87 -20.33
C LEU D 225 17.10 32.44 -20.61
N ASP D 226 16.97 31.63 -19.57
CA ASP D 226 16.45 30.27 -19.77
C ASP D 226 14.93 30.36 -20.00
N ARG D 227 14.52 30.60 -21.24
CA ARG D 227 13.13 30.93 -21.55
C ARG D 227 12.15 29.79 -21.27
N LEU D 228 12.53 28.56 -21.59
CA LEU D 228 11.67 27.41 -21.33
C LEU D 228 11.40 27.26 -19.84
N ALA D 229 12.41 27.54 -19.04
CA ALA D 229 12.27 27.41 -17.59
C ALA D 229 11.23 28.40 -17.03
N VAL D 230 11.32 29.66 -17.42
CA VAL D 230 10.38 30.66 -16.96
C VAL D 230 8.93 30.33 -17.37
N MET D 231 8.77 29.88 -18.61
CA MET D 231 7.46 29.59 -19.20
C MET D 231 6.75 28.36 -18.64
N GLU D 232 7.53 27.32 -18.36
CA GLU D 232 6.96 26.09 -17.85
C GLU D 232 6.58 26.24 -16.38
N LEU D 233 7.46 26.92 -15.64
CA LEU D 233 7.19 27.25 -14.25
C LEU D 233 5.95 28.12 -14.18
N ARG D 234 5.85 29.09 -15.09
CA ARG D 234 4.68 29.95 -15.10
C ARG D 234 3.42 29.11 -15.31
N ALA D 235 3.46 28.18 -16.25
CA ALA D 235 2.26 27.39 -16.52
C ALA D 235 1.93 26.48 -15.34
N SER D 236 2.96 25.81 -14.84
CA SER D 236 2.86 24.92 -13.68
C SER D 236 2.25 25.63 -12.47
N TYR D 237 2.75 26.84 -12.19
CA TYR D 237 2.31 27.60 -11.04
C TYR D 237 0.88 28.09 -11.19
N LEU D 238 0.57 28.65 -12.35
CA LEU D 238 -0.77 29.15 -12.62
C LEU D 238 -1.83 28.06 -12.45
N SER D 239 -1.52 26.85 -12.93
CA SER D 239 -2.50 25.77 -12.85
C SER D 239 -2.78 25.37 -11.39
N LYS D 240 -1.71 25.21 -10.61
CA LYS D 240 -1.84 24.91 -9.19
C LYS D 240 -2.57 26.02 -8.45
N LEU D 241 -2.50 27.24 -8.95
CA LEU D 241 -3.24 28.28 -8.26
C LEU D 241 -4.66 28.35 -8.79
N ALA D 242 -4.97 27.47 -9.75
CA ALA D 242 -6.30 27.35 -10.32
C ALA D 242 -6.69 28.66 -11.00
N ARG D 243 -5.68 29.35 -11.50
CA ARG D 243 -5.88 30.57 -12.26
C ARG D 243 -5.93 30.17 -13.72
N LYS D 244 -7.09 29.65 -14.12
CA LYS D 244 -7.19 28.85 -15.34
C LYS D 244 -7.08 29.63 -16.65
N ASP D 245 -7.81 30.73 -16.77
CA ASP D 245 -7.70 31.60 -17.93
C ASP D 245 -6.24 31.96 -18.23
N GLU D 246 -5.52 32.36 -17.19
CA GLU D 246 -4.11 32.76 -17.30
C GLU D 246 -3.21 31.56 -17.59
N ALA D 247 -3.51 30.42 -16.98
CA ALA D 247 -2.74 29.19 -17.16
C ALA D 247 -2.91 28.65 -18.58
N ALA D 248 -4.11 28.83 -19.11
CA ALA D 248 -4.39 28.45 -20.48
C ALA D 248 -3.42 29.17 -21.39
N LYS D 249 -3.30 30.48 -21.22
CA LYS D 249 -2.39 31.30 -22.01
C LYS D 249 -0.92 30.89 -21.89
N ALA D 250 -0.51 30.42 -20.72
CA ALA D 250 0.89 30.07 -20.53
C ALA D 250 1.18 28.77 -21.29
N TYR D 251 0.24 27.83 -21.21
CA TYR D 251 0.39 26.55 -21.91
C TYR D 251 0.24 26.76 -23.40
N ARG D 252 -0.57 27.73 -23.78
CA ARG D 252 -0.67 28.09 -25.19
C ARG D 252 0.65 28.63 -25.73
N ALA D 253 1.33 29.49 -24.97
CA ALA D 253 2.64 29.99 -25.37
C ALA D 253 3.67 28.87 -25.59
N LEU D 254 3.68 27.89 -24.68
CA LEU D 254 4.59 26.76 -24.72
C LEU D 254 4.26 25.78 -25.84
N LEU D 255 2.98 25.64 -26.13
CA LEU D 255 2.55 24.71 -27.14
C LEU D 255 3.08 25.27 -28.46
N ASP D 256 2.97 26.59 -28.63
CA ASP D 256 3.48 27.28 -29.80
C ASP D 256 5.01 27.14 -30.01
N ARG D 257 5.75 26.98 -28.92
CA ARG D 257 7.21 26.81 -29.01
C ARG D 257 7.64 25.40 -29.43
N ASN D 258 6.87 24.41 -29.00
CA ASN D 258 7.21 23.01 -29.18
C ASN D 258 5.96 22.11 -29.16
N PRO D 259 5.29 22.00 -30.32
CA PRO D 259 4.03 21.26 -30.56
C PRO D 259 4.15 19.75 -30.32
N GLU D 260 5.33 19.26 -29.97
CA GLU D 260 5.55 17.82 -29.92
C GLU D 260 5.58 17.22 -28.50
N HIS D 261 5.21 18.01 -27.50
CA HIS D 261 5.35 17.60 -26.09
C HIS D 261 3.99 17.35 -25.44
N MET D 262 3.56 16.09 -25.32
CA MET D 262 2.23 15.75 -24.75
C MET D 262 1.62 16.60 -23.66
N ASP D 263 2.39 16.90 -22.63
CA ASP D 263 1.88 17.58 -21.45
C ASP D 263 1.42 19.01 -21.69
N TYR D 264 1.96 19.65 -22.72
CA TYR D 264 1.53 21.01 -23.02
C TYR D 264 0.06 20.99 -23.49
N TYR D 265 -0.33 19.97 -24.26
CA TYR D 265 -1.72 19.83 -24.67
C TYR D 265 -2.61 19.55 -23.46
N LYS D 266 -2.14 18.63 -22.61
CA LYS D 266 -2.83 18.28 -21.37
C LYS D 266 -3.08 19.50 -20.51
N GLY D 267 -2.02 20.27 -20.29
CA GLY D 267 -2.13 21.49 -19.52
C GLY D 267 -3.24 22.39 -20.05
N LEU D 268 -3.24 22.66 -21.35
CA LEU D 268 -4.28 23.50 -21.93
C LEU D 268 -5.69 22.96 -21.69
N ILE D 269 -5.90 21.69 -22.05
CA ILE D 269 -7.23 21.09 -21.97
C ILE D 269 -7.75 21.10 -20.54
N SER D 270 -6.87 20.84 -19.58
CA SER D 270 -7.23 20.96 -18.18
C SER D 270 -7.61 22.39 -17.85
N ALA D 271 -6.84 23.37 -18.36
CA ALA D 271 -7.09 24.76 -18.00
C ALA D 271 -8.44 25.25 -18.55
N LEU D 272 -8.91 24.63 -19.64
CA LEU D 272 -10.20 25.03 -20.23
C LEU D 272 -11.36 24.35 -19.54
N ASP D 273 -11.04 23.40 -18.65
CA ASP D 273 -12.05 22.64 -17.92
C ASP D 273 -12.90 21.78 -18.85
N ILE D 274 -12.26 21.01 -19.71
CA ILE D 274 -12.99 20.14 -20.62
C ILE D 274 -12.90 18.71 -20.10
N SER D 275 -14.06 18.08 -19.93
CA SER D 275 -14.16 16.76 -19.34
C SER D 275 -13.79 15.70 -20.38
N ALA D 276 -13.07 14.66 -19.94
CA ALA D 276 -12.61 13.61 -20.85
C ALA D 276 -13.76 12.94 -21.60
N ASP D 277 -14.97 13.08 -21.07
CA ASP D 277 -16.14 12.54 -21.73
C ASP D 277 -16.46 13.34 -22.99
N ASP D 278 -16.14 14.63 -22.97
CA ASP D 278 -16.51 15.49 -24.10
C ASP D 278 -15.48 15.28 -25.22
N GLU D 279 -15.78 14.33 -26.09
CA GLU D 279 -14.87 13.90 -27.15
C GLU D 279 -14.70 15.00 -28.20
N GLU D 280 -15.80 15.61 -28.60
CA GLU D 280 -15.78 16.60 -29.68
C GLU D 280 -15.05 17.87 -29.30
N ALA D 281 -15.20 18.30 -28.05
CA ALA D 281 -14.53 19.52 -27.61
C ALA D 281 -13.02 19.39 -27.56
N GLN D 282 -12.51 18.20 -27.28
CA GLN D 282 -11.06 18.00 -27.26
C GLN D 282 -10.51 18.00 -28.68
N LYS D 283 -11.19 17.32 -29.61
CA LYS D 283 -10.65 17.23 -30.97
C LYS D 283 -10.59 18.59 -31.63
N ALA D 284 -11.53 19.46 -31.25
CA ALA D 284 -11.58 20.81 -31.80
C ALA D 284 -10.27 21.51 -31.47
N VAL D 285 -9.85 21.38 -30.23
CA VAL D 285 -8.55 21.89 -29.80
C VAL D 285 -7.36 21.36 -30.57
N TYR D 286 -7.28 20.05 -30.71
CA TYR D 286 -6.13 19.45 -31.41
C TYR D 286 -6.06 19.78 -32.90
N ASP D 287 -7.20 19.72 -33.59
CA ASP D 287 -7.21 20.02 -35.01
C ASP D 287 -6.79 21.45 -35.24
N GLU D 288 -7.21 22.30 -34.31
CA GLU D 288 -6.94 23.73 -34.34
C GLU D 288 -5.43 23.93 -34.34
N TYR D 289 -4.72 23.18 -33.50
CA TYR D 289 -3.27 23.26 -33.40
C TYR D 289 -2.58 22.50 -34.54
N ALA D 290 -3.28 21.51 -35.10
CA ALA D 290 -2.82 20.75 -36.24
C ALA D 290 -2.72 21.63 -37.49
N ALA D 291 -3.69 22.53 -37.67
CA ALA D 291 -3.63 23.51 -38.76
C ALA D 291 -2.45 24.47 -38.61
N LYS D 292 -2.19 24.92 -37.39
CA LYS D 292 -1.15 25.93 -37.18
C LYS D 292 0.24 25.31 -37.32
N TYR D 293 0.33 24.02 -37.00
CA TYR D 293 1.61 23.30 -36.99
C TYR D 293 1.49 21.94 -37.67
N PRO D 294 1.42 21.95 -39.01
CA PRO D 294 1.20 20.79 -39.87
C PRO D 294 2.19 19.65 -39.60
N ARG D 295 3.35 19.94 -39.01
CA ARG D 295 4.34 18.91 -38.74
C ARG D 295 4.29 18.22 -37.36
N SER D 296 3.36 18.63 -36.50
CA SER D 296 3.22 17.97 -35.21
C SER D 296 2.57 16.61 -35.44
N ASP D 297 3.24 15.54 -35.03
CA ASP D 297 2.59 14.23 -35.07
C ASP D 297 1.56 14.21 -33.98
N ALA D 298 1.94 14.73 -32.83
CA ALA D 298 1.06 14.74 -31.67
C ALA D 298 -0.31 15.34 -31.97
N ALA D 299 -0.35 16.50 -32.63
CA ALA D 299 -1.61 17.19 -32.87
C ALA D 299 -2.52 16.38 -33.77
N LYS D 300 -1.95 15.38 -34.42
CA LYS D 300 -2.74 14.49 -35.24
C LYS D 300 -2.95 13.17 -34.47
N ARG D 301 -1.94 12.76 -33.72
CA ARG D 301 -1.93 11.41 -33.15
C ARG D 301 -2.68 11.34 -31.82
N LEU D 302 -2.48 12.35 -31.00
CA LEU D 302 -3.03 12.39 -29.64
C LEU D 302 -4.58 12.25 -29.60
N PRO D 303 -5.33 12.96 -30.46
CA PRO D 303 -6.79 12.76 -30.46
C PRO D 303 -7.29 11.33 -30.60
N LEU D 304 -6.44 10.41 -31.05
CA LEU D 304 -6.83 9.02 -31.18
C LEU D 304 -6.82 8.33 -29.83
N ASN D 305 -6.36 9.02 -28.81
CA ASN D 305 -6.33 8.42 -27.49
C ASN D 305 -7.64 8.30 -26.75
N PHE D 306 -8.47 9.33 -26.86
CA PHE D 306 -9.73 9.43 -26.14
C PHE D 306 -10.98 9.35 -26.99
N LEU D 307 -10.82 9.49 -28.30
CA LEU D 307 -11.88 9.33 -29.27
C LEU D 307 -12.40 7.90 -29.33
N SER D 308 -13.67 7.74 -29.70
CA SER D 308 -14.31 6.42 -29.69
C SER D 308 -15.44 6.30 -30.73
N GLY D 309 -15.85 5.06 -30.97
CA GLY D 309 -16.87 4.74 -31.96
C GLY D 309 -16.49 5.31 -33.32
N GLU D 310 -17.48 5.82 -34.04
CA GLU D 310 -17.28 6.34 -35.39
C GLU D 310 -16.32 7.52 -35.39
N ARG D 311 -16.34 8.28 -34.30
CA ARG D 311 -15.47 9.43 -34.15
C ARG D 311 -14.01 9.00 -34.25
N PHE D 312 -13.70 7.85 -33.69
CA PHE D 312 -12.36 7.30 -33.76
C PHE D 312 -11.95 6.81 -35.15
N ARG D 313 -12.83 6.01 -35.77
CA ARG D 313 -12.54 5.43 -37.07
C ARG D 313 -12.23 6.50 -38.12
N THR D 314 -13.07 7.52 -38.22
CA THR D 314 -12.88 8.56 -39.23
C THR D 314 -11.53 9.27 -39.10
N THR D 315 -11.20 9.67 -37.87
CA THR D 315 -9.92 10.33 -37.57
C THR D 315 -8.69 9.43 -37.74
N ALA D 316 -8.82 8.16 -37.33
CA ALA D 316 -7.73 7.19 -37.42
C ALA D 316 -7.40 6.93 -38.88
N LYS D 317 -8.44 6.90 -39.70
CA LYS D 317 -8.26 6.71 -41.13
C LYS D 317 -7.45 7.89 -41.65
N ALA D 318 -7.85 9.10 -41.25
CA ALA D 318 -7.19 10.31 -41.70
C ALA D 318 -5.73 10.32 -41.26
N TYR D 319 -5.45 9.75 -40.08
CA TYR D 319 -4.08 9.66 -39.59
C TYR D 319 -3.27 8.62 -40.37
N LEU D 320 -3.83 7.43 -40.56
CA LEU D 320 -3.13 6.38 -41.31
C LEU D 320 -2.80 6.77 -42.76
N THR D 321 -3.70 7.44 -43.46
CA THR D 321 -3.42 7.83 -44.84
C THR D 321 -2.21 8.76 -44.98
N LEU D 322 -2.12 9.78 -44.13
CA LEU D 322 -0.95 10.66 -44.08
C LEU D 322 0.33 9.86 -43.88
N MET D 323 0.32 8.97 -42.88
CA MET D 323 1.53 8.28 -42.50
C MET D 323 1.90 7.26 -43.56
N PHE D 324 0.93 6.49 -44.02
CA PHE D 324 1.19 5.50 -45.03
C PHE D 324 1.64 6.17 -46.33
N ASP D 325 0.99 7.28 -46.71
CA ASP D 325 1.39 7.96 -47.93
C ASP D 325 2.82 8.49 -47.84
N LYS D 326 3.20 8.93 -46.63
CA LYS D 326 4.51 9.46 -46.29
C LYS D 326 5.54 8.33 -46.01
N GLY D 327 5.02 7.11 -45.88
CA GLY D 327 5.84 5.94 -45.68
C GLY D 327 6.37 5.67 -44.30
N VAL D 328 5.84 6.35 -43.28
CA VAL D 328 6.37 6.24 -41.90
C VAL D 328 6.28 4.83 -41.30
N PRO D 329 7.45 4.26 -40.94
CA PRO D 329 7.57 2.94 -40.30
C PRO D 329 7.28 2.88 -38.81
N SER D 330 7.24 4.03 -38.16
CA SER D 330 6.97 4.06 -36.74
C SER D 330 5.50 4.26 -36.44
N THR D 331 4.66 4.12 -37.45
CA THR D 331 3.23 4.37 -37.29
C THR D 331 2.58 3.40 -36.27
N PHE D 332 2.81 2.11 -36.46
CA PHE D 332 2.31 1.07 -35.55
C PHE D 332 2.73 1.28 -34.11
N ALA D 333 4.02 1.56 -33.93
CA ALA D 333 4.58 1.72 -32.61
C ALA D 333 3.90 2.85 -31.87
N ASN D 334 3.41 3.85 -32.60
CA ASN D 334 2.77 4.99 -31.97
C ASN D 334 1.34 4.70 -31.54
N LEU D 335 0.78 3.57 -31.99
CA LEU D 335 -0.62 3.28 -31.70
C LEU D 335 -0.84 1.98 -30.94
N LYS D 336 0.17 1.14 -30.85
CA LYS D 336 -0.04 -0.18 -30.27
C LYS D 336 -0.47 -0.16 -28.78
N HIS D 337 -0.20 0.95 -28.09
CA HIS D 337 -0.66 1.13 -26.71
C HIS D 337 -2.18 1.10 -26.65
N LEU D 338 -2.82 1.36 -27.78
CA LEU D 338 -4.27 1.38 -27.84
C LEU D 338 -4.89 0.00 -27.92
N TYR D 339 -4.10 -1.03 -28.21
CA TYR D 339 -4.67 -2.36 -28.46
C TYR D 339 -5.22 -2.94 -27.15
N SER D 340 -5.08 -2.19 -26.06
CA SER D 340 -5.64 -2.57 -24.77
C SER D 340 -7.16 -2.44 -24.89
N ASP D 341 -7.57 -1.49 -25.72
CA ASP D 341 -8.97 -1.28 -26.04
C ASP D 341 -9.31 -2.12 -27.25
N SER D 342 -10.22 -3.07 -27.07
CA SER D 342 -10.59 -4.00 -28.14
C SER D 342 -11.10 -3.35 -29.42
N PHE D 343 -12.00 -2.37 -29.28
CA PHE D 343 -12.57 -1.67 -30.44
C PHE D 343 -11.53 -1.02 -31.37
N LYS D 344 -10.59 -0.30 -30.77
CA LYS D 344 -9.54 0.41 -31.50
C LYS D 344 -8.55 -0.55 -32.18
N LYS D 345 -8.30 -1.69 -31.54
CA LYS D 345 -7.45 -2.73 -32.12
C LYS D 345 -7.99 -3.23 -33.43
N GLU D 346 -9.25 -3.66 -33.35
CA GLU D 346 -9.95 -4.25 -34.46
C GLU D 346 -10.21 -3.23 -35.55
N THR D 347 -10.50 -1.99 -35.15
CA THR D 347 -10.81 -0.94 -36.10
C THR D 347 -9.61 -0.60 -36.96
N LEU D 348 -8.43 -0.61 -36.35
CA LEU D 348 -7.21 -0.26 -37.03
C LEU D 348 -6.84 -1.31 -38.07
N ALA D 349 -7.09 -2.57 -37.74
CA ALA D 349 -6.83 -3.65 -38.67
C ALA D 349 -7.83 -3.53 -39.84
N SER D 350 -9.10 -3.25 -39.53
CA SER D 350 -10.13 -3.07 -40.56
C SER D 350 -9.75 -1.91 -41.49
N LEU D 351 -9.23 -0.84 -40.91
CA LEU D 351 -8.81 0.35 -41.64
C LEU D 351 -7.63 0.16 -42.59
N ALA D 352 -6.66 -0.66 -42.18
CA ALA D 352 -5.49 -0.97 -43.02
C ALA D 352 -5.80 -1.66 -44.33
N GLU D 353 -6.64 -2.70 -44.28
CA GLU D 353 -7.05 -3.41 -45.48
C GLU D 353 -7.72 -2.45 -46.44
N GLU D 354 -8.47 -1.49 -45.91
CA GLU D 354 -9.20 -0.54 -46.73
C GLU D 354 -8.31 0.39 -47.54
N TYR D 355 -7.23 0.86 -46.94
CA TYR D 355 -6.29 1.74 -47.63
C TYR D 355 -5.57 0.98 -48.74
N LEU D 356 -5.13 -0.24 -48.39
CA LEU D 356 -4.52 -1.19 -49.31
C LEU D 356 -5.25 -1.44 -50.64
N ASN D 357 -6.56 -1.64 -50.60
CA ASN D 357 -7.29 -1.90 -51.84
C ASN D 357 -7.38 -0.67 -52.75
N GLU D 358 -7.50 0.48 -52.12
CA GLU D 358 -7.67 1.77 -52.77
C GLU D 358 -6.42 2.51 -53.29
N TYR D 359 -6.11 2.45 -54.58
CA TYR D 359 -4.83 3.00 -55.07
C TYR D 359 -5.02 4.29 -55.91
N VAL D 360 -4.22 5.31 -55.63
CA VAL D 360 -4.17 6.51 -56.50
C VAL D 360 -2.74 6.87 -56.93
N ASN D 361 -2.59 7.34 -58.17
CA ASN D 361 -1.28 7.63 -58.76
C ASN D 361 -1.38 8.10 -60.22
N ASP D 372 8.66 2.77 -55.85
CA ASP D 372 10.02 3.31 -55.84
C ASP D 372 10.48 3.62 -54.42
N GLY D 373 9.54 3.54 -53.47
CA GLY D 373 9.89 3.62 -52.06
C GLY D 373 9.11 2.53 -51.37
N SER D 374 8.87 2.67 -50.06
CA SER D 374 7.98 1.72 -49.44
C SER D 374 6.69 2.44 -49.03
N LYS D 375 6.50 3.57 -49.71
CA LYS D 375 5.41 4.50 -49.47
C LYS D 375 4.13 3.79 -49.94
N GLY D 376 3.00 3.95 -49.26
CA GLY D 376 1.79 3.38 -49.82
C GLY D 376 1.36 2.01 -49.37
N LYS D 377 1.32 1.09 -50.32
CA LYS D 377 0.86 -0.28 -50.08
C LYS D 377 1.75 -1.06 -49.16
N GLY D 378 3.06 -0.91 -49.30
CA GLY D 378 4.03 -1.49 -48.39
C GLY D 378 3.78 -1.04 -46.96
N ALA D 379 3.51 0.26 -46.81
CA ALA D 379 3.35 0.87 -45.49
C ALA D 379 2.13 0.30 -44.78
N ALA D 380 1.05 0.05 -45.52
CA ALA D 380 -0.15 -0.57 -44.95
C ALA D 380 0.14 -2.04 -44.64
N LEU D 381 0.84 -2.70 -45.55
CA LEU D 381 1.19 -4.10 -45.38
C LEU D 381 2.09 -4.22 -44.18
N TYR D 382 3.00 -3.25 -44.03
CA TYR D 382 3.90 -3.23 -42.88
C TYR D 382 3.11 -3.01 -41.60
N TYR D 383 2.04 -2.21 -41.64
CA TYR D 383 1.22 -2.01 -40.46
C TYR D 383 0.56 -3.36 -40.12
N LEU D 384 0.05 -4.04 -41.14
CA LEU D 384 -0.62 -5.31 -40.91
C LEU D 384 0.35 -6.39 -40.46
N ALA D 385 1.58 -6.31 -40.98
CA ALA D 385 2.59 -7.29 -40.62
C ALA D 385 2.91 -7.21 -39.14
N GLN D 386 3.05 -5.99 -38.65
CA GLN D 386 3.41 -5.72 -37.27
C GLN D 386 2.23 -5.98 -36.36
N HIS D 387 1.04 -5.63 -36.87
CA HIS D 387 -0.23 -5.85 -36.17
C HIS D 387 -0.36 -7.29 -35.71
N TYR D 388 -0.18 -8.21 -36.64
CA TYR D 388 -0.39 -9.62 -36.36
C TYR D 388 0.87 -10.22 -35.72
N ASN D 389 1.88 -9.37 -35.55
CA ASN D 389 3.07 -9.77 -34.80
C ASN D 389 2.92 -9.33 -33.35
N TYR D 390 2.08 -8.32 -33.12
CA TYR D 390 1.87 -7.77 -31.79
C TYR D 390 1.15 -8.77 -30.91
N TYR D 391 1.55 -8.85 -29.64
CA TYR D 391 1.09 -9.92 -28.78
C TYR D 391 -0.39 -9.86 -28.43
N MET D 392 -1.03 -8.70 -28.59
CA MET D 392 -2.43 -8.62 -28.22
C MET D 392 -3.30 -9.19 -29.34
N SER D 393 -2.79 -9.27 -30.56
CA SER D 393 -3.61 -9.84 -31.62
C SER D 393 -2.78 -10.77 -32.47
N ARG D 394 -1.78 -11.38 -31.84
CA ARG D 394 -0.79 -12.12 -32.61
C ARG D 394 -1.47 -13.35 -33.28
N ASP D 395 -1.19 -13.50 -34.57
CA ASP D 395 -1.51 -14.70 -35.34
C ASP D 395 -0.40 -14.71 -36.36
N LEU D 396 0.69 -15.37 -35.99
CA LEU D 396 2.00 -15.29 -36.63
C LEU D 396 1.92 -15.78 -38.06
N THR D 397 0.96 -16.64 -38.34
CA THR D 397 0.80 -17.16 -39.68
C THR D 397 0.35 -16.02 -40.61
N ARG D 398 -0.68 -15.27 -40.19
CA ARG D 398 -1.15 -14.14 -40.98
C ARG D 398 -0.10 -13.04 -41.12
N ALA D 399 0.70 -12.86 -40.06
CA ALA D 399 1.73 -11.84 -40.03
C ALA D 399 2.80 -12.09 -41.06
N LEU D 400 3.19 -13.36 -41.17
CA LEU D 400 4.17 -13.78 -42.15
C LEU D 400 3.76 -13.41 -43.57
N GLU D 401 2.51 -13.72 -43.96
CA GLU D 401 2.05 -13.39 -45.30
C GLU D 401 2.12 -11.90 -45.64
N TYR D 402 1.63 -11.06 -44.72
CA TYR D 402 1.58 -9.62 -44.92
C TYR D 402 2.99 -9.04 -45.05
N VAL D 403 3.89 -9.54 -44.21
CA VAL D 403 5.26 -9.08 -44.23
C VAL D 403 5.93 -9.59 -45.51
N GLU D 404 5.56 -10.80 -45.91
CA GLU D 404 6.10 -11.38 -47.13
C GLU D 404 5.67 -10.60 -48.34
N LYS D 405 4.42 -10.12 -48.36
CA LYS D 405 3.96 -9.30 -49.49
C LYS D 405 4.64 -7.95 -49.58
N ALA D 406 4.89 -7.35 -48.42
CA ALA D 406 5.61 -6.09 -48.32
C ALA D 406 7.06 -6.16 -48.79
N ILE D 407 7.77 -7.19 -48.31
CA ILE D 407 9.16 -7.42 -48.69
C ILE D 407 9.30 -7.79 -50.15
N GLU D 408 8.29 -8.48 -50.67
CA GLU D 408 8.08 -8.74 -52.08
C GLU D 408 8.05 -7.47 -52.91
N LEU D 409 7.36 -6.45 -52.41
CA LEU D 409 7.13 -5.20 -53.13
C LEU D 409 8.42 -4.34 -53.08
N ASP D 410 9.19 -4.47 -52.01
CA ASP D 410 10.40 -3.65 -51.72
C ASP D 410 11.42 -4.53 -51.02
N PRO D 411 12.20 -5.28 -51.82
CA PRO D 411 13.09 -6.33 -51.30
C PRO D 411 14.32 -5.86 -50.55
N LYS D 412 14.74 -4.61 -50.64
CA LYS D 412 15.97 -4.19 -49.93
C LYS D 412 15.66 -3.33 -48.70
N ASN D 413 14.40 -3.26 -48.33
CA ASN D 413 13.99 -2.47 -47.19
C ASN D 413 14.35 -3.20 -45.90
N VAL D 414 15.28 -2.61 -45.16
CA VAL D 414 15.77 -3.13 -43.89
C VAL D 414 14.72 -3.37 -42.79
N ASP D 415 13.84 -2.40 -42.59
CA ASP D 415 12.86 -2.50 -41.49
C ASP D 415 11.87 -3.65 -41.64
N PHE D 416 11.48 -3.93 -42.86
CA PHE D 416 10.60 -5.05 -43.17
C PHE D 416 11.18 -6.42 -42.77
N HIS D 417 12.40 -6.71 -43.22
CA HIS D 417 13.00 -8.01 -42.92
C HIS D 417 13.24 -8.15 -41.46
N MET D 418 13.52 -7.01 -40.84
CA MET D 418 13.79 -6.94 -39.42
C MET D 418 12.52 -7.43 -38.72
N THR D 419 11.36 -6.94 -39.14
CA THR D 419 10.10 -7.40 -38.56
C THR D 419 9.89 -8.90 -38.82
N LYS D 420 10.24 -9.37 -40.02
CA LYS D 420 10.11 -10.78 -40.39
C LYS D 420 10.89 -11.66 -39.43
N ALA D 421 12.16 -11.30 -39.23
CA ALA D 421 13.03 -11.94 -38.25
C ALA D 421 12.40 -11.98 -36.87
N ARG D 422 11.71 -10.90 -36.51
CA ARG D 422 11.14 -10.82 -35.18
C ARG D 422 9.96 -11.79 -35.07
N ILE D 423 9.30 -12.03 -36.19
CA ILE D 423 8.19 -12.99 -36.25
C ILE D 423 8.69 -14.40 -36.04
N PHE D 424 9.81 -14.73 -36.68
CA PHE D 424 10.49 -16.02 -36.49
C PHE D 424 10.80 -16.21 -35.00
N LYS D 425 11.42 -15.22 -34.36
CA LYS D 425 11.64 -15.26 -32.90
C LYS D 425 10.39 -15.73 -32.17
N HIS D 426 9.26 -15.07 -32.44
CA HIS D 426 8.01 -15.44 -31.78
C HIS D 426 7.56 -16.84 -32.17
N GLN D 427 7.89 -17.27 -33.39
CA GLN D 427 7.59 -18.65 -33.78
C GLN D 427 8.50 -19.61 -33.03
N GLY D 428 9.55 -19.07 -32.43
CA GLY D 428 10.46 -19.86 -31.62
C GLY D 428 11.71 -20.28 -32.36
N ASP D 429 11.80 -19.87 -33.62
CA ASP D 429 12.94 -20.24 -34.46
C ASP D 429 14.05 -19.20 -34.29
N LEU D 430 14.79 -19.33 -33.20
CA LEU D 430 15.84 -18.39 -32.88
C LEU D 430 16.90 -18.36 -33.96
N ALA D 431 17.25 -19.51 -34.48
CA ALA D 431 18.19 -19.59 -35.60
C ALA D 431 17.75 -18.78 -36.81
N LYS D 432 16.56 -19.11 -37.33
CA LYS D 432 15.96 -18.40 -38.46
C LYS D 432 15.83 -16.92 -38.20
N ALA D 433 15.51 -16.58 -36.95
CA ALA D 433 15.32 -15.18 -36.60
C ALA D 433 16.64 -14.44 -36.69
N ALA D 434 17.71 -15.09 -36.25
CA ALA D 434 19.01 -14.45 -36.31
C ALA D 434 19.54 -14.39 -37.74
N GLU D 435 19.34 -15.47 -38.49
CA GLU D 435 19.75 -15.50 -39.89
C GLU D 435 19.08 -14.40 -40.72
N THR D 436 17.79 -14.19 -40.51
CA THR D 436 17.04 -13.19 -41.30
C THR D 436 17.43 -11.79 -40.83
N MET D 437 17.61 -11.63 -39.53
CA MET D 437 18.04 -10.35 -38.99
C MET D 437 19.44 -10.04 -39.48
N ASP D 438 20.25 -11.08 -39.54
CA ASP D 438 21.59 -10.91 -40.00
C ASP D 438 21.55 -10.54 -41.50
N TYR D 439 20.64 -11.17 -42.26
CA TYR D 439 20.43 -10.83 -43.67
C TYR D 439 19.99 -9.38 -43.79
N ALA D 440 19.05 -9.01 -42.91
CA ALA D 440 18.52 -7.67 -42.81
C ALA D 440 19.68 -6.70 -42.62
N ARG D 441 20.64 -7.09 -41.80
CA ARG D 441 21.86 -6.29 -41.53
C ARG D 441 22.58 -6.06 -42.85
N SER D 442 22.72 -7.13 -43.61
CA SER D 442 23.48 -7.11 -44.84
C SER D 442 22.89 -6.11 -45.85
N LEU D 443 21.66 -5.67 -45.63
CA LEU D 443 21.01 -4.69 -46.53
C LEU D 443 21.36 -3.21 -46.25
N ASP D 444 21.83 -2.91 -45.04
CA ASP D 444 22.35 -1.58 -44.71
C ASP D 444 23.62 -1.72 -43.87
N PRO D 445 24.73 -2.07 -44.51
CA PRO D 445 25.93 -2.28 -43.69
C PRO D 445 26.46 -1.00 -43.08
N LYS D 446 25.95 0.14 -43.52
CA LYS D 446 26.45 1.40 -42.98
C LYS D 446 25.72 1.79 -41.75
N ASP D 447 24.68 1.04 -41.42
CA ASP D 447 23.82 1.44 -40.31
C ASP D 447 24.01 0.57 -39.07
N ARG D 448 24.42 1.19 -37.96
CA ARG D 448 24.77 0.40 -36.81
C ARG D 448 23.56 -0.19 -36.10
N TYR D 449 22.40 0.47 -36.16
CA TYR D 449 21.22 -0.03 -35.44
C TYR D 449 20.88 -1.45 -35.81
N ILE D 450 20.82 -1.73 -37.10
CA ILE D 450 20.50 -3.07 -37.53
C ILE D 450 21.67 -4.03 -37.20
N ASN D 451 22.89 -3.50 -37.22
CA ASN D 451 24.03 -4.31 -36.84
C ASN D 451 23.97 -4.78 -35.39
N SER D 452 23.60 -3.86 -34.50
CA SER D 452 23.51 -4.19 -33.09
C SER D 452 22.45 -5.17 -32.76
N LYS D 453 21.36 -4.96 -33.45
CA LYS D 453 20.21 -5.80 -33.32
C LYS D 453 20.55 -7.24 -33.75
N ALA D 454 21.28 -7.37 -34.86
CA ALA D 454 21.65 -8.66 -35.45
C ALA D 454 22.55 -9.38 -34.46
N ALA D 455 23.54 -8.66 -33.96
CA ALA D 455 24.45 -9.15 -32.93
C ALA D 455 23.63 -9.67 -31.76
N LYS D 456 22.59 -8.94 -31.39
CA LYS D 456 21.75 -9.32 -30.28
C LYS D 456 21.04 -10.64 -30.55
N TYR D 457 20.39 -10.79 -31.71
CA TYR D 457 19.74 -12.06 -32.04
C TYR D 457 20.70 -13.22 -32.08
N GLN D 458 21.93 -12.98 -32.52
CA GLN D 458 22.93 -14.04 -32.53
C GLN D 458 23.28 -14.44 -31.10
N LEU D 459 23.42 -13.49 -30.20
CA LEU D 459 23.61 -13.84 -28.79
C LEU D 459 22.42 -14.59 -28.24
N ARG D 460 21.19 -14.20 -28.61
CA ARG D 460 20.01 -14.96 -28.21
C ARG D 460 19.99 -16.39 -28.71
N ASN D 461 20.66 -16.65 -29.84
CA ASN D 461 20.79 -18.01 -30.35
C ASN D 461 22.06 -18.67 -29.89
N ASN D 462 22.65 -18.07 -28.86
CA ASN D 462 23.88 -18.53 -28.23
C ASN D 462 25.08 -18.62 -29.16
N GLU D 463 25.11 -17.75 -30.15
CA GLU D 463 26.26 -17.68 -31.04
C GLU D 463 27.13 -16.47 -30.68
N ASN D 464 27.78 -16.56 -29.52
CA ASN D 464 28.55 -15.45 -28.97
C ASN D 464 29.65 -14.98 -29.91
N GLU D 465 30.44 -15.93 -30.38
CA GLU D 465 31.60 -15.60 -31.17
C GLU D 465 31.22 -14.96 -32.49
N LYS D 466 30.11 -15.40 -33.08
CA LYS D 466 29.60 -14.74 -34.27
C LYS D 466 29.17 -13.31 -33.89
N ALA D 467 28.42 -13.19 -32.80
CA ALA D 467 27.91 -11.90 -32.34
C ALA D 467 29.00 -10.87 -32.07
N LEU D 468 30.10 -11.28 -31.45
CA LEU D 468 31.21 -10.36 -31.20
C LEU D 468 31.81 -9.86 -32.50
N ALA D 469 31.80 -10.70 -33.53
CA ALA D 469 32.39 -10.33 -34.80
C ALA D 469 31.47 -9.40 -35.56
N THR D 470 30.18 -9.53 -35.31
CA THR D 470 29.19 -8.61 -35.85
C THR D 470 29.39 -7.21 -35.32
N MET D 471 29.56 -7.10 -34.00
CA MET D 471 29.77 -5.82 -33.35
C MET D 471 31.07 -5.17 -33.77
N GLY D 472 32.06 -6.01 -34.10
CA GLY D 472 33.38 -5.59 -34.58
C GLY D 472 33.47 -4.71 -35.82
N LEU D 473 32.42 -4.74 -36.65
CA LEU D 473 32.33 -3.90 -37.83
C LEU D 473 32.25 -2.43 -37.54
N PHE D 474 31.90 -2.09 -36.28
CA PHE D 474 31.74 -0.70 -35.84
C PHE D 474 32.57 -0.24 -34.67
N THR D 475 33.29 -1.15 -34.02
CA THR D 475 34.20 -0.83 -32.92
C THR D 475 35.54 -0.39 -33.49
N ARG D 476 36.25 0.46 -32.77
CA ARG D 476 37.51 1.00 -33.32
C ARG D 476 38.53 -0.08 -33.70
N ALA D 477 39.10 0.09 -34.89
CA ALA D 477 39.80 -1.00 -35.58
C ALA D 477 41.00 -1.47 -34.79
N GLU D 478 41.93 -0.57 -34.48
CA GLU D 478 43.18 -1.02 -33.88
C GLU D 478 43.10 -0.97 -32.37
N THR D 479 41.88 -1.05 -31.83
CA THR D 479 41.71 -1.21 -30.39
C THR D 479 42.44 -2.47 -29.93
N ALA D 480 43.14 -2.42 -28.80
CA ALA D 480 43.84 -3.58 -28.29
C ALA D 480 42.87 -4.39 -27.41
N GLY D 481 42.76 -5.68 -27.69
CA GLY D 481 41.80 -6.51 -26.98
C GLY D 481 40.58 -6.73 -27.82
N GLY D 482 40.65 -6.34 -29.09
CA GLY D 482 39.53 -6.57 -29.99
C GLY D 482 38.25 -5.83 -29.60
N PRO D 483 37.15 -6.07 -30.33
CA PRO D 483 35.84 -5.45 -30.09
C PRO D 483 35.41 -5.36 -28.62
N LEU D 484 35.58 -6.45 -27.89
CA LEU D 484 35.16 -6.52 -26.49
C LEU D 484 35.79 -5.42 -25.70
N ALA D 485 37.04 -5.13 -26.00
CA ALA D 485 37.73 -4.11 -25.26
C ALA D 485 37.14 -2.74 -25.52
N ASP D 486 36.84 -2.44 -26.78
CA ASP D 486 36.30 -1.13 -27.10
C ASP D 486 34.91 -0.98 -26.47
N LEU D 487 34.10 -2.02 -26.55
CA LEU D 487 32.74 -1.98 -26.01
C LEU D 487 32.78 -1.80 -24.50
N THR D 488 33.75 -2.42 -23.84
CA THR D 488 33.89 -2.22 -22.39
C THR D 488 34.26 -0.77 -22.13
N ASP D 489 35.33 -0.29 -22.78
CA ASP D 489 35.73 1.11 -22.77
C ASP D 489 34.58 2.10 -22.95
N MET D 490 33.75 1.85 -23.94
CA MET D 490 32.63 2.75 -24.26
C MET D 490 31.41 2.46 -23.42
N GLN D 491 31.60 1.69 -22.36
CA GLN D 491 30.56 1.51 -21.34
C GLN D 491 29.25 0.94 -21.92
N CYS D 492 29.38 -0.03 -22.85
CA CYS D 492 28.25 -0.65 -23.53
C CYS D 492 27.61 -1.77 -22.71
N ILE D 493 26.61 -1.40 -21.91
CA ILE D 493 25.98 -2.31 -20.97
C ILE D 493 25.04 -3.33 -21.64
N TRP D 494 24.37 -2.91 -22.70
CA TRP D 494 23.46 -3.83 -23.33
C TRP D 494 24.20 -5.05 -23.86
N PHE D 495 25.32 -4.84 -24.53
CA PHE D 495 26.03 -5.97 -25.11
C PHE D 495 26.64 -6.82 -24.01
N LEU D 496 27.24 -6.15 -23.03
CA LEU D 496 27.87 -6.89 -21.94
C LEU D 496 26.91 -7.80 -21.20
N THR D 497 25.72 -7.30 -20.92
CA THR D 497 24.68 -8.06 -20.22
C THR D 497 24.14 -9.24 -20.99
N GLU D 498 23.74 -8.98 -22.23
CA GLU D 498 23.23 -10.02 -23.12
C GLU D 498 24.27 -11.11 -23.32
N ASP D 499 25.53 -10.74 -23.56
CA ASP D 499 26.59 -11.72 -23.76
C ASP D 499 26.75 -12.61 -22.54
N GLY D 500 26.65 -12.02 -21.35
CA GLY D 500 26.81 -12.77 -20.11
C GLY D 500 25.68 -13.77 -19.95
N GLU D 501 24.45 -13.30 -20.14
CA GLU D 501 23.31 -14.16 -20.02
C GLU D 501 23.42 -15.32 -21.04
N ALA D 502 23.89 -15.01 -22.26
CA ALA D 502 24.15 -16.04 -23.26
C ALA D 502 25.23 -17.00 -22.78
N TRP D 503 26.35 -16.45 -22.31
CA TRP D 503 27.38 -17.33 -21.78
C TRP D 503 26.88 -18.16 -20.62
N GLN D 504 26.04 -17.58 -19.76
CA GLN D 504 25.49 -18.32 -18.64
C GLN D 504 24.58 -19.49 -19.00
N ARG D 505 23.72 -19.30 -19.98
CA ARG D 505 22.84 -20.39 -20.40
C ARG D 505 23.69 -21.53 -20.96
N ARG D 506 24.90 -21.21 -21.42
CA ARG D 506 25.77 -22.23 -22.01
C ARG D 506 26.66 -22.88 -20.97
N GLY D 507 26.60 -22.39 -19.75
CA GLY D 507 27.40 -22.96 -18.68
C GLY D 507 28.74 -22.31 -18.44
N ASN D 508 29.00 -21.18 -19.09
CA ASN D 508 30.30 -20.58 -18.94
C ASN D 508 30.27 -19.60 -17.78
N THR D 509 30.26 -20.17 -16.57
CA THR D 509 30.16 -19.37 -15.35
C THR D 509 31.22 -18.29 -15.27
N ALA D 510 32.42 -18.59 -15.76
CA ALA D 510 33.51 -17.65 -15.65
C ALA D 510 33.24 -16.36 -16.39
N LEU D 511 32.91 -16.44 -17.68
CA LEU D 511 32.74 -15.21 -18.43
C LEU D 511 31.45 -14.49 -18.09
N ALA D 512 30.44 -15.26 -17.72
CA ALA D 512 29.17 -14.69 -17.29
C ALA D 512 29.44 -13.82 -16.09
N LEU D 513 30.15 -14.36 -15.10
CA LEU D 513 30.40 -13.57 -13.92
C LEU D 513 31.22 -12.36 -14.30
N LYS D 514 32.20 -12.53 -15.19
CA LYS D 514 33.04 -11.43 -15.63
C LYS D 514 32.20 -10.28 -16.21
N ARG D 515 31.23 -10.63 -17.08
CA ARG D 515 30.36 -9.63 -17.67
C ARG D 515 29.51 -8.90 -16.65
N TYR D 516 28.81 -9.64 -15.79
CA TYR D 516 28.00 -9.01 -14.74
C TYR D 516 28.80 -8.08 -13.82
N HIS D 517 30.00 -8.53 -13.43
CA HIS D 517 30.90 -7.71 -12.63
C HIS D 517 31.31 -6.45 -13.39
N THR D 518 31.45 -6.55 -14.71
CA THR D 518 31.83 -5.39 -15.51
C THR D 518 30.72 -4.33 -15.50
N VAL D 519 29.48 -4.77 -15.61
CA VAL D 519 28.38 -3.85 -15.48
C VAL D 519 28.34 -3.26 -14.08
N PHE D 520 28.66 -4.08 -13.10
CA PHE D 520 28.74 -3.57 -11.75
C PHE D 520 29.82 -2.48 -11.68
N SER D 521 30.97 -2.74 -12.29
CA SER D 521 32.06 -1.78 -12.29
C SER D 521 31.76 -0.52 -13.07
N ILE D 522 31.04 -0.67 -14.17
CA ILE D 522 30.63 0.49 -14.92
C ILE D 522 29.78 1.42 -14.09
N PHE D 523 28.94 0.87 -13.23
CA PHE D 523 28.11 1.75 -12.40
C PHE D 523 28.93 2.43 -11.31
N ASP D 524 29.98 1.75 -10.84
CA ASP D 524 30.90 2.34 -9.88
C ASP D 524 31.56 3.53 -10.58
N THR D 525 31.82 3.41 -11.88
CA THR D 525 32.50 4.50 -12.57
C THR D 525 31.55 5.68 -12.66
N TRP D 526 30.31 5.40 -13.06
CA TRP D 526 29.23 6.38 -13.14
C TRP D 526 28.97 7.11 -11.79
N GLN D 527 29.08 6.38 -10.68
CA GLN D 527 28.90 6.98 -9.36
C GLN D 527 30.06 7.90 -9.00
N GLU D 528 31.23 7.60 -9.56
CA GLU D 528 32.46 8.31 -9.27
C GLU D 528 32.57 9.49 -10.21
N ASP D 529 31.83 9.42 -11.30
CA ASP D 529 31.85 10.45 -12.34
C ASP D 529 31.43 11.85 -11.89
N GLN D 530 30.64 11.93 -10.84
CA GLN D 530 30.17 13.19 -10.36
C GLN D 530 31.22 13.99 -9.60
N PHE D 531 32.38 13.39 -9.37
CA PHE D 531 33.36 13.93 -8.43
C PHE D 531 33.88 15.29 -8.86
N ASP D 532 34.29 15.40 -10.12
CA ASP D 532 34.84 16.65 -10.60
C ASP D 532 33.76 17.72 -10.77
N PHE D 533 32.49 17.36 -10.72
CA PHE D 533 31.47 18.36 -11.04
C PHE D 533 31.00 19.21 -9.86
N HIS D 534 31.23 18.71 -8.64
CA HIS D 534 30.96 19.51 -7.45
C HIS D 534 31.68 20.85 -7.53
N SER D 535 32.89 20.84 -8.08
CA SER D 535 33.62 22.09 -8.26
C SER D 535 33.27 22.76 -9.56
N PHE D 536 33.16 21.97 -10.62
CA PHE D 536 32.99 22.50 -11.95
C PHE D 536 31.69 23.28 -12.07
N SER D 537 30.63 22.75 -11.48
CA SER D 537 29.31 23.38 -11.51
C SER D 537 29.28 24.73 -10.82
N LEU D 538 30.15 24.94 -9.84
CA LEU D 538 30.23 26.23 -9.19
C LEU D 538 30.81 27.25 -10.16
N ARG D 539 31.67 26.81 -11.08
CA ARG D 539 32.28 27.72 -12.05
C ARG D 539 31.34 28.14 -13.17
N LYS D 540 30.58 27.20 -13.69
CA LYS D 540 29.60 27.50 -14.72
C LYS D 540 28.43 28.28 -14.16
N GLY D 541 28.17 28.12 -12.86
CA GLY D 541 27.03 28.77 -12.25
C GLY D 541 25.70 28.10 -12.60
N GLN D 542 25.76 27.05 -13.41
CA GLN D 542 24.57 26.32 -13.87
C GLN D 542 24.09 25.35 -12.79
N ILE D 543 23.45 25.93 -11.79
CA ILE D 543 23.19 25.34 -10.47
C ILE D 543 22.04 24.31 -10.34
N ARG D 544 20.91 24.61 -10.98
CA ARG D 544 19.75 23.69 -11.00
C ARG D 544 20.12 22.32 -11.55
N ALA D 545 20.97 22.32 -12.57
CA ALA D 545 21.40 21.09 -13.20
C ALA D 545 22.20 20.23 -12.25
N TYR D 546 23.09 20.88 -11.50
CA TYR D 546 23.88 20.17 -10.50
C TYR D 546 22.98 19.43 -9.49
N VAL D 547 21.96 20.10 -8.95
CA VAL D 547 21.15 19.41 -7.95
C VAL D 547 20.37 18.28 -8.62
N ASP D 548 20.03 18.44 -9.89
CA ASP D 548 19.42 17.33 -10.60
C ASP D 548 20.34 16.14 -10.69
N MET D 549 21.61 16.37 -10.98
CA MET D 549 22.51 15.26 -11.12
C MET D 549 22.71 14.54 -9.77
N VAL D 550 23.05 15.30 -8.72
CA VAL D 550 23.19 14.73 -7.38
C VAL D 550 22.00 13.89 -7.00
N ARG D 551 20.80 14.40 -7.23
CA ARG D 551 19.62 13.65 -6.84
C ARG D 551 19.45 12.41 -7.72
N TRP D 552 19.75 12.56 -9.02
CA TRP D 552 19.76 11.42 -9.92
C TRP D 552 20.82 10.41 -9.44
N GLU D 553 22.00 10.92 -9.10
CA GLU D 553 23.06 10.07 -8.59
C GLU D 553 22.63 9.34 -7.31
N ASP D 554 21.83 10.01 -6.48
CA ASP D 554 21.34 9.44 -5.22
C ASP D 554 20.47 8.22 -5.49
N ARG D 555 19.94 8.14 -6.70
CA ARG D 555 19.12 6.99 -7.01
C ARG D 555 19.68 6.24 -8.20
N LEU D 556 21.01 6.26 -8.36
CA LEU D 556 21.64 5.80 -9.59
C LEU D 556 21.24 4.39 -9.98
N ARG D 557 21.42 3.46 -9.05
CA ARG D 557 21.34 2.05 -9.40
C ARG D 557 19.92 1.50 -9.32
N GLU D 558 18.92 2.37 -9.32
CA GLU D 558 17.56 1.92 -9.43
C GLU D 558 17.27 1.64 -10.90
N HIS D 559 18.20 2.06 -11.77
CA HIS D 559 18.08 1.94 -13.21
C HIS D 559 18.04 0.46 -13.57
N PRO D 560 17.13 0.06 -14.49
CA PRO D 560 17.05 -1.35 -14.89
C PRO D 560 18.34 -1.88 -15.47
N PHE D 561 19.16 -0.96 -16.00
CA PHE D 561 20.47 -1.32 -16.51
C PHE D 561 21.37 -1.95 -15.45
N TYR D 562 21.26 -1.50 -14.21
CA TYR D 562 21.94 -2.17 -13.10
C TYR D 562 21.22 -3.44 -12.70
N PHE D 563 19.91 -3.30 -12.52
CA PHE D 563 19.09 -4.34 -11.90
C PHE D 563 19.19 -5.64 -12.63
N ARG D 564 19.11 -5.59 -13.96
CA ARG D 564 19.11 -6.81 -14.72
C ARG D 564 20.37 -7.65 -14.51
N ALA D 565 21.53 -7.06 -14.81
CA ALA D 565 22.79 -7.76 -14.63
C ALA D 565 23.03 -8.19 -13.18
N ALA D 566 22.61 -7.38 -12.23
CA ALA D 566 22.86 -7.67 -10.82
C ALA D 566 22.00 -8.84 -10.36
N LEU D 567 20.77 -8.92 -10.82
CA LEU D 567 19.95 -10.05 -10.42
C LEU D 567 20.47 -11.34 -11.07
N ASP D 568 21.06 -11.24 -12.27
CA ASP D 568 21.73 -12.37 -12.92
C ASP D 568 22.87 -12.91 -12.07
N ALA D 569 23.81 -12.02 -11.73
CA ALA D 569 24.93 -12.35 -10.85
C ALA D 569 24.46 -13.10 -9.61
N VAL D 570 23.43 -12.57 -8.95
CA VAL D 570 22.95 -13.13 -7.69
C VAL D 570 22.38 -14.50 -7.90
N ASN D 571 21.59 -14.62 -8.97
CA ASN D 571 21.03 -15.88 -9.41
C ASN D 571 22.06 -16.94 -9.79
N LEU D 572 23.16 -16.53 -10.41
CA LEU D 572 24.19 -17.48 -10.82
C LEU D 572 24.99 -17.98 -9.62
N TYR D 573 25.17 -17.09 -8.64
CA TYR D 573 25.82 -17.44 -7.38
C TYR D 573 24.94 -18.36 -6.55
N LEU D 574 23.64 -18.11 -6.54
CA LEU D 574 22.71 -19.02 -5.87
C LEU D 574 22.85 -20.43 -6.44
N SER D 575 22.91 -20.52 -7.77
CA SER D 575 23.10 -21.79 -8.45
C SER D 575 24.43 -22.43 -8.09
N MET D 576 25.51 -21.66 -8.14
CA MET D 576 26.83 -22.19 -7.77
C MET D 576 26.94 -22.70 -6.34
N TYR D 577 26.21 -22.08 -5.42
CA TYR D 577 26.25 -22.50 -4.03
C TYR D 577 25.57 -23.85 -3.77
N ASP D 578 24.52 -24.14 -4.52
CA ASP D 578 23.73 -25.36 -4.37
C ASP D 578 24.15 -26.59 -5.20
N LYS D 579 25.07 -26.40 -6.14
CA LYS D 579 25.43 -27.44 -7.10
C LYS D 579 26.92 -27.75 -7.28
N PRO D 580 27.59 -28.25 -6.22
CA PRO D 580 29.02 -28.51 -6.34
C PRO D 580 29.39 -29.64 -7.32
N LYS D 645 47.58 -5.37 -17.49
CA LYS D 645 47.27 -4.91 -16.15
C LYS D 645 45.95 -5.52 -15.64
N ASP D 646 45.04 -5.87 -16.56
CA ASP D 646 43.77 -6.51 -16.19
C ASP D 646 44.00 -7.94 -15.71
N ASP D 647 43.72 -8.20 -14.44
CA ASP D 647 43.80 -9.56 -13.90
C ASP D 647 42.45 -10.26 -14.11
N ASP D 648 42.49 -11.59 -14.20
CA ASP D 648 41.32 -12.43 -14.41
C ASP D 648 40.46 -11.95 -15.60
N PRO D 649 41.04 -11.99 -16.82
CA PRO D 649 40.32 -11.51 -18.00
C PRO D 649 39.16 -12.41 -18.36
N ASN D 650 39.28 -13.71 -18.05
CA ASN D 650 38.20 -14.64 -18.37
C ASN D 650 37.32 -15.04 -17.20
N GLY D 651 37.45 -14.31 -16.09
CA GLY D 651 36.66 -14.55 -14.91
C GLY D 651 36.79 -15.94 -14.30
N GLU D 652 37.89 -16.64 -14.58
CA GLU D 652 38.11 -17.95 -14.00
C GLU D 652 38.20 -17.94 -12.47
N LYS D 653 38.79 -16.89 -11.91
CA LYS D 653 38.86 -16.73 -10.47
C LYS D 653 37.52 -16.48 -9.78
N LEU D 654 36.64 -15.74 -10.46
CA LEU D 654 35.27 -15.50 -10.00
C LEU D 654 34.50 -16.81 -9.82
N ALA D 655 34.53 -17.64 -10.85
CA ALA D 655 33.81 -18.90 -10.85
C ALA D 655 34.37 -19.85 -9.79
N ALA D 656 35.65 -19.69 -9.47
CA ALA D 656 36.33 -20.61 -8.57
C ALA D 656 36.20 -20.20 -7.10
N THR D 657 35.22 -19.35 -6.80
CA THR D 657 35.09 -18.80 -5.47
C THR D 657 34.72 -19.90 -4.47
N LYS D 658 35.18 -19.73 -3.24
CA LYS D 658 34.81 -20.63 -2.14
C LYS D 658 33.65 -20.02 -1.38
N ASP D 659 33.41 -18.74 -1.64
CA ASP D 659 32.35 -18.00 -0.98
C ASP D 659 31.50 -17.29 -2.01
N PRO D 660 30.56 -18.03 -2.61
CA PRO D 660 29.70 -17.47 -3.66
C PRO D 660 28.70 -16.52 -3.04
N LEU D 661 28.16 -16.90 -1.88
CA LEU D 661 27.18 -16.06 -1.21
C LEU D 661 27.79 -14.74 -0.74
N GLY D 662 29.07 -14.78 -0.34
CA GLY D 662 29.78 -13.57 0.01
C GLY D 662 30.02 -12.63 -1.14
N ASP D 663 30.30 -13.20 -2.32
CA ASP D 663 30.58 -12.40 -3.51
C ASP D 663 29.29 -11.77 -4.03
N ALA D 664 28.15 -12.35 -3.66
CA ALA D 664 26.86 -11.84 -4.11
C ALA D 664 26.39 -10.57 -3.37
N MET D 665 26.85 -10.33 -2.14
CA MET D 665 26.34 -9.20 -1.33
C MET D 665 26.44 -7.83 -1.98
N LYS D 666 27.56 -7.53 -2.64
CA LYS D 666 27.72 -6.22 -3.25
C LYS D 666 26.68 -6.04 -4.36
N PHE D 667 26.31 -7.11 -5.06
CA PHE D 667 25.22 -6.98 -6.01
C PHE D 667 23.89 -6.82 -5.31
N LEU D 668 23.62 -7.67 -4.32
CA LEU D 668 22.33 -7.70 -3.66
C LEU D 668 21.99 -6.46 -2.87
N ASN D 669 22.95 -5.97 -2.09
CA ASN D 669 22.78 -4.77 -1.30
C ASN D 669 22.24 -3.59 -2.10
N TYR D 670 22.75 -3.37 -3.30
CA TYR D 670 22.25 -2.30 -4.15
C TYR D 670 20.83 -2.62 -4.63
N ILE D 671 20.55 -3.89 -4.88
CA ILE D 671 19.22 -4.29 -5.33
C ILE D 671 18.12 -3.95 -4.31
N LEU D 672 18.33 -4.41 -3.08
CA LEU D 672 17.38 -4.21 -1.98
C LEU D 672 17.27 -2.75 -1.55
N GLN D 673 18.36 -2.01 -1.69
CA GLN D 673 18.38 -0.63 -1.22
C GLN D 673 17.83 0.35 -2.26
N PHE D 674 17.97 0.04 -3.54
CA PHE D 674 17.58 0.99 -4.58
C PHE D 674 16.36 0.58 -5.37
N SER D 675 16.04 -0.70 -5.29
CA SER D 675 14.87 -1.27 -5.97
C SER D 675 13.92 -2.08 -5.05
N PRO D 676 13.62 -1.56 -3.84
CA PRO D 676 12.81 -2.33 -2.89
C PRO D 676 11.43 -2.74 -3.40
N LYS D 677 10.85 -1.97 -4.32
CA LYS D 677 9.49 -2.24 -4.85
C LYS D 677 9.48 -3.39 -5.86
N ASN D 678 10.62 -4.03 -6.02
CA ASN D 678 10.77 -5.10 -7.00
C ASN D 678 10.77 -6.48 -6.33
N ILE D 679 9.69 -7.25 -6.51
CA ILE D 679 9.55 -8.51 -5.77
C ILE D 679 10.66 -9.51 -6.05
N ASP D 680 11.11 -9.52 -7.30
CA ASP D 680 12.17 -10.40 -7.78
C ASP D 680 13.45 -10.24 -6.98
N GLY D 681 13.80 -9.00 -6.65
CA GLY D 681 14.94 -8.73 -5.81
C GLY D 681 14.77 -9.30 -4.42
N GLN D 682 13.59 -9.08 -3.85
CA GLN D 682 13.24 -9.58 -2.52
C GLN D 682 13.21 -11.09 -2.41
N ILE D 683 12.68 -11.75 -3.43
CA ILE D 683 12.67 -13.20 -3.46
C ILE D 683 14.10 -13.73 -3.49
N ALA D 684 14.95 -13.09 -4.30
CA ALA D 684 16.34 -13.50 -4.44
C ALA D 684 17.15 -13.23 -3.18
N GLY D 685 16.87 -12.10 -2.54
CA GLY D 685 17.47 -11.78 -1.26
C GLY D 685 17.14 -12.85 -0.23
N PHE D 686 15.88 -13.28 -0.18
CA PHE D 686 15.49 -14.31 0.77
C PHE D 686 16.27 -15.61 0.64
N GLU D 687 16.35 -16.13 -0.59
CA GLU D 687 17.10 -17.35 -0.89
C GLU D 687 18.56 -17.22 -0.45
N VAL D 688 19.14 -16.04 -0.66
CA VAL D 688 20.50 -15.80 -0.24
C VAL D 688 20.65 -15.80 1.28
N TYR D 689 19.73 -15.15 1.97
CA TYR D 689 19.81 -15.03 3.43
C TYR D 689 19.43 -16.29 4.20
N ILE D 690 18.48 -17.06 3.70
CA ILE D 690 18.15 -18.32 4.36
C ILE D 690 19.36 -19.25 4.33
N ARG D 691 20.07 -19.25 3.19
CA ARG D 691 21.26 -20.08 3.02
C ARG D 691 22.42 -19.61 3.88
N LYS D 692 22.49 -18.29 4.05
CA LYS D 692 23.51 -17.62 4.85
C LYS D 692 23.29 -17.73 6.37
N LYS D 693 22.16 -18.33 6.74
CA LYS D 693 21.71 -18.51 8.12
C LYS D 693 21.35 -17.21 8.84
N LYS D 694 21.08 -16.16 8.08
CA LYS D 694 20.70 -14.88 8.66
C LYS D 694 19.18 -14.74 8.53
N TYR D 695 18.46 -15.40 9.45
CA TYR D 695 17.01 -15.55 9.35
C TYR D 695 16.21 -14.27 9.60
N LEU D 696 16.84 -13.27 10.21
CA LEU D 696 16.16 -12.00 10.46
C LEU D 696 16.05 -11.17 9.18
N LEU D 697 17.14 -11.17 8.41
CA LEU D 697 17.19 -10.49 7.12
C LEU D 697 16.31 -11.21 6.10
N ALA D 698 16.31 -12.54 6.17
CA ALA D 698 15.40 -13.36 5.38
C ALA D 698 13.97 -12.88 5.55
N LEU D 699 13.57 -12.72 6.81
CA LEU D 699 12.24 -12.26 7.17
C LEU D 699 11.93 -10.85 6.66
N ARG D 700 12.93 -9.97 6.68
CA ARG D 700 12.75 -8.57 6.29
C ARG D 700 12.39 -8.54 4.80
N CYS D 701 13.14 -9.32 4.03
CA CYS D 701 12.85 -9.59 2.62
C CYS D 701 11.46 -10.16 2.48
N LEU D 702 11.14 -11.16 3.30
CA LEU D 702 9.84 -11.82 3.27
C LEU D 702 8.73 -10.79 3.49
N LYS D 703 8.86 -9.96 4.53
CA LYS D 703 7.84 -8.93 4.76
C LYS D 703 7.71 -7.93 3.60
N ALA D 704 8.83 -7.65 2.94
CA ALA D 704 8.84 -6.76 1.77
C ALA D 704 8.15 -7.42 0.59
N ALA D 705 8.61 -8.62 0.24
CA ALA D 705 8.04 -9.36 -0.85
C ALA D 705 6.53 -9.58 -0.67
N SER D 706 6.11 -9.82 0.58
CA SER D 706 4.71 -10.12 0.84
C SER D 706 3.81 -8.89 0.76
N ALA D 707 4.38 -7.74 1.10
CA ALA D 707 3.64 -6.49 1.02
C ALA D 707 3.35 -6.03 -0.42
N ILE D 708 4.17 -6.47 -1.37
CA ILE D 708 3.95 -6.09 -2.77
C ILE D 708 2.93 -7.01 -3.44
N ASP D 709 3.08 -8.32 -3.25
CA ASP D 709 2.12 -9.31 -3.75
C ASP D 709 1.96 -10.44 -2.74
N LYS D 710 0.98 -10.30 -1.87
CA LYS D 710 0.64 -11.29 -0.84
C LYS D 710 0.59 -12.76 -1.31
N ASN D 711 -0.08 -13.00 -2.43
CA ASN D 711 -0.35 -14.37 -2.88
C ASN D 711 0.55 -14.85 -4.00
N HIS D 712 1.64 -14.14 -4.21
CA HIS D 712 2.68 -14.58 -5.14
C HIS D 712 3.17 -15.99 -4.79
N PRO D 713 3.22 -16.90 -5.79
CA PRO D 713 3.55 -18.30 -5.52
C PRO D 713 4.89 -18.52 -4.82
N LYS D 714 5.91 -17.74 -5.15
CA LYS D 714 7.24 -17.91 -4.55
C LYS D 714 7.28 -17.48 -3.09
N VAL D 715 6.65 -16.36 -2.77
CA VAL D 715 6.68 -15.83 -1.41
C VAL D 715 5.90 -16.73 -0.45
N LEU D 716 4.91 -17.45 -0.98
CA LEU D 716 4.12 -18.39 -0.18
C LEU D 716 4.95 -19.61 0.14
N GLU D 717 5.70 -20.06 -0.86
CA GLU D 717 6.61 -21.17 -0.71
C GLU D 717 7.71 -20.83 0.30
N GLN D 718 8.36 -19.68 0.14
CA GLN D 718 9.41 -19.27 1.08
C GLN D 718 8.88 -19.05 2.49
N ALA D 719 7.65 -18.55 2.59
CA ALA D 719 7.03 -18.36 3.89
C ALA D 719 6.86 -19.68 4.63
N ALA D 720 6.39 -20.70 3.94
CA ALA D 720 6.20 -22.01 4.53
C ALA D 720 7.54 -22.64 4.85
N LYS D 721 8.53 -22.39 4.01
CA LYS D 721 9.84 -22.98 4.25
C LYS D 721 10.53 -22.41 5.49
N LEU D 722 10.33 -21.12 5.77
CA LEU D 722 10.97 -20.49 6.94
C LEU D 722 10.45 -20.98 8.28
N ARG D 723 9.12 -21.04 8.41
CA ARG D 723 8.49 -21.41 9.67
C ARG D 723 8.96 -22.79 10.10
N LYS D 724 9.20 -23.66 9.12
CA LYS D 724 9.74 -24.97 9.40
C LYS D 724 11.14 -24.81 10.00
N ILE D 725 11.96 -23.95 9.39
CA ILE D 725 13.34 -23.74 9.86
C ILE D 725 13.37 -23.13 11.27
N VAL D 726 12.51 -22.13 11.50
CA VAL D 726 12.39 -21.49 12.81
C VAL D 726 12.00 -22.49 13.89
N SER D 727 10.99 -23.30 13.62
CA SER D 727 10.53 -24.31 14.58
C SER D 727 11.54 -25.40 14.92
N SER D 728 12.55 -25.56 14.05
CA SER D 728 13.54 -26.63 14.18
C SER D 728 14.72 -26.10 15.00
N ALA D 729 15.19 -24.93 14.58
CA ALA D 729 16.40 -24.30 15.11
C ALA D 729 16.13 -23.20 16.13
N LEU D 730 14.97 -23.20 16.78
CA LEU D 730 14.66 -22.07 17.63
C LEU D 730 15.36 -22.11 18.99
N ASP D 731 15.69 -23.30 19.48
CA ASP D 731 16.45 -23.44 20.71
C ASP D 731 17.87 -22.89 20.61
N SER D 732 18.36 -22.79 19.38
CA SER D 732 19.74 -22.42 19.08
C SER D 732 19.97 -20.92 18.88
N MET D 733 18.91 -20.20 18.53
CA MET D 733 19.04 -18.77 18.28
C MET D 733 18.82 -18.05 19.60
N ALA D 734 19.46 -16.89 19.76
CA ALA D 734 19.29 -16.08 20.96
C ALA D 734 17.82 -15.80 21.25
N PRO D 735 17.46 -15.68 22.53
CA PRO D 735 16.06 -15.48 22.89
C PRO D 735 15.45 -14.20 22.32
N LYS D 736 16.23 -13.13 22.17
CA LYS D 736 15.68 -11.91 21.62
C LYS D 736 15.40 -12.05 20.14
N LEU D 737 16.31 -12.71 19.43
CA LEU D 737 16.11 -12.98 18.01
C LEU D 737 14.92 -13.92 17.80
N ARG D 738 14.85 -15.00 18.58
CA ARG D 738 13.73 -15.92 18.52
C ARG D 738 12.39 -15.24 18.71
N GLU D 739 12.32 -14.32 19.66
CA GLU D 739 11.08 -13.64 19.99
C GLU D 739 10.65 -12.76 18.80
N VAL D 740 11.56 -11.95 18.29
CA VAL D 740 11.25 -11.04 17.20
C VAL D 740 10.91 -11.83 15.92
N ILE D 741 11.65 -12.91 15.67
CA ILE D 741 11.41 -13.75 14.49
C ILE D 741 9.99 -14.27 14.51
N GLN D 742 9.65 -15.00 15.56
CA GLN D 742 8.33 -15.63 15.72
C GLN D 742 7.19 -14.63 15.80
N ALA D 743 7.45 -13.47 16.38
CA ALA D 743 6.42 -12.45 16.54
C ALA D 743 5.96 -11.81 15.25
N GLU D 744 6.92 -11.39 14.43
CA GLU D 744 6.63 -10.67 13.18
C GLU D 744 6.38 -11.65 12.04
N LEU D 745 6.56 -12.92 12.35
CA LEU D 745 6.35 -14.04 11.44
C LEU D 745 4.89 -14.46 11.32
N VAL D 746 4.14 -14.42 12.41
CA VAL D 746 2.75 -14.83 12.34
C VAL D 746 1.90 -14.01 11.35
N GLY D 747 2.24 -12.74 11.11
CA GLY D 747 1.45 -11.91 10.21
C GLY D 747 1.15 -12.58 8.86
N VAL D 748 2.24 -12.90 8.16
CA VAL D 748 2.30 -13.52 6.82
C VAL D 748 1.92 -15.02 6.72
N PRO D 749 1.51 -15.47 5.50
CA PRO D 749 1.26 -16.89 5.25
C PRO D 749 2.55 -17.63 4.84
N FME E 1 8.79 12.29 -31.72
CN FME E 1 8.79 13.66 -31.89
O1 FME E 1 9.67 14.25 -32.54
CA FME E 1 7.82 11.51 -30.99
CB FME E 1 8.43 10.19 -30.50
CG FME E 1 7.52 8.99 -30.60
SD FME E 1 6.04 9.34 -29.72
CE FME E 1 5.50 7.75 -29.25
C FME E 1 7.24 12.31 -29.81
O FME E 1 6.04 12.49 -29.62
N ASP E 2 8.16 12.80 -29.00
CA ASP E 2 7.88 13.55 -27.78
C ASP E 2 9.23 14.27 -27.62
N ILE E 3 9.26 15.57 -27.83
CA ILE E 3 10.49 16.36 -27.62
C ILE E 3 10.51 17.25 -26.40
N ARG E 4 11.58 17.11 -25.62
CA ARG E 4 11.73 17.85 -24.40
C ARG E 4 13.21 18.00 -24.07
N LEU E 5 13.53 18.92 -23.18
CA LEU E 5 14.91 19.18 -22.81
C LEU E 5 15.57 17.97 -22.18
N LEU E 6 16.85 17.77 -22.51
CA LEU E 6 17.64 16.70 -21.90
C LEU E 6 17.60 16.78 -20.37
N ARG E 7 17.56 15.62 -19.74
CA ARG E 7 17.61 15.49 -18.30
C ARG E 7 18.81 14.61 -17.96
N PRO E 8 19.59 14.95 -16.92
CA PRO E 8 20.70 14.07 -16.54
C PRO E 8 20.30 12.60 -16.35
N SER E 9 19.14 12.29 -15.79
CA SER E 9 18.77 10.88 -15.62
C SER E 9 18.53 10.18 -16.97
N ASP E 10 18.36 10.96 -18.03
CA ASP E 10 18.22 10.36 -19.34
C ASP E 10 19.57 9.91 -19.85
N ILE E 11 20.65 10.36 -19.22
CA ILE E 11 21.95 10.18 -19.85
C ILE E 11 22.40 8.73 -20.09
N PRO E 12 22.14 7.81 -19.14
CA PRO E 12 22.58 6.44 -19.48
C PRO E 12 21.93 5.91 -20.74
N LEU E 13 20.64 6.18 -20.94
CA LEU E 13 19.87 5.75 -22.11
C LEU E 13 20.13 6.62 -23.33
N ILE E 14 20.53 7.88 -23.12
CA ILE E 14 21.04 8.65 -24.25
C ILE E 14 22.28 7.99 -24.79
N GLN E 15 23.20 7.71 -23.89
CA GLN E 15 24.43 7.04 -24.24
C GLN E 15 24.18 5.71 -24.93
N HIS E 16 23.17 5.00 -24.47
CA HIS E 16 22.84 3.70 -25.02
C HIS E 16 22.33 3.90 -26.45
N ALA E 17 21.59 4.98 -26.68
CA ALA E 17 21.09 5.28 -28.01
C ALA E 17 22.22 5.58 -28.97
N ASN E 18 23.20 6.35 -28.48
CA ASN E 18 24.39 6.64 -29.27
C ASN E 18 25.17 5.41 -29.65
N LEU E 19 25.39 4.53 -28.69
CA LEU E 19 26.07 3.26 -28.95
C LEU E 19 25.40 2.41 -30.02
N GLU E 20 24.08 2.46 -30.11
CA GLU E 20 23.33 1.65 -31.05
C GLU E 20 23.37 2.20 -32.50
N ASN E 21 23.36 3.52 -32.66
CA ASN E 21 23.17 4.23 -33.95
C ASN E 21 24.36 4.97 -34.53
N LEU E 22 25.40 5.15 -33.75
CA LEU E 22 26.50 6.00 -34.19
C LEU E 22 27.88 5.40 -33.89
N PRO E 23 28.85 5.61 -34.81
CA PRO E 23 30.21 5.11 -34.56
C PRO E 23 31.02 5.94 -33.56
N GLU E 24 30.64 7.20 -33.34
CA GLU E 24 31.31 8.04 -32.35
C GLU E 24 30.67 7.85 -30.98
N ASN E 25 31.43 7.28 -30.05
CA ASN E 25 30.89 7.01 -28.73
C ASN E 25 31.67 7.73 -27.66
N TYR E 26 31.04 7.91 -26.51
CA TYR E 26 31.73 8.62 -25.45
C TYR E 26 31.51 8.03 -24.07
N PHE E 27 32.40 8.39 -23.14
CA PHE E 27 32.21 8.06 -21.74
C PHE E 27 31.02 8.82 -21.19
N LEU E 28 30.35 8.26 -20.20
CA LEU E 28 29.25 8.98 -19.55
C LEU E 28 29.64 10.36 -19.07
N LYS E 29 30.85 10.46 -18.50
CA LYS E 29 31.36 11.72 -17.98
C LYS E 29 31.28 12.86 -19.01
N TYR E 30 31.34 12.50 -20.29
CA TYR E 30 31.33 13.49 -21.37
C TYR E 30 29.95 14.02 -21.65
N TYR E 31 28.93 13.17 -21.51
CA TYR E 31 27.55 13.66 -21.53
C TYR E 31 27.25 14.60 -20.37
N LEU E 32 27.66 14.22 -19.16
CA LEU E 32 27.55 15.10 -17.98
C LEU E 32 28.08 16.50 -18.24
N TYR E 33 29.28 16.57 -18.81
CA TYR E 33 29.95 17.85 -19.04
C TYR E 33 29.12 18.77 -19.92
N HIS E 34 28.43 18.20 -20.91
CA HIS E 34 27.48 18.99 -21.69
C HIS E 34 26.32 19.41 -20.80
N ALA E 35 25.71 18.42 -20.14
CA ALA E 35 24.52 18.60 -19.31
C ALA E 35 24.70 19.60 -18.18
N LEU E 36 25.90 19.66 -17.61
CA LEU E 36 26.09 20.61 -16.53
C LEU E 36 26.63 21.97 -17.00
N SER E 37 27.18 22.06 -18.20
CA SER E 37 27.67 23.35 -18.73
C SER E 37 26.60 24.08 -19.52
N TRP E 38 25.91 23.35 -20.37
CA TRP E 38 24.90 23.97 -21.20
C TRP E 38 23.63 23.13 -21.19
N PRO E 39 22.93 23.11 -20.03
CA PRO E 39 21.73 22.29 -19.88
C PRO E 39 20.56 22.74 -20.75
N GLN E 40 20.62 23.95 -21.28
CA GLN E 40 19.51 24.48 -22.08
C GLN E 40 19.58 24.12 -23.54
N LEU E 41 20.63 23.42 -23.97
CA LEU E 41 20.89 23.27 -25.40
C LEU E 41 20.64 21.87 -25.93
N SER E 42 20.52 20.88 -25.05
CA SER E 42 20.39 19.50 -25.55
C SER E 42 18.99 18.96 -25.33
N PHE E 43 18.48 18.29 -26.36
CA PHE E 43 17.13 17.81 -26.34
C PHE E 43 17.04 16.34 -26.73
N VAL E 44 15.94 15.71 -26.36
CA VAL E 44 15.71 14.31 -26.64
C VAL E 44 14.37 14.08 -27.30
N ALA E 45 14.32 13.00 -28.06
CA ALA E 45 13.09 12.47 -28.53
C ALA E 45 12.85 11.32 -27.59
N VAL E 46 11.65 11.23 -27.05
CA VAL E 46 11.34 10.25 -26.03
C VAL E 46 10.21 9.45 -26.63
N ASP E 47 10.38 8.14 -26.52
CA ASP E 47 9.37 7.22 -26.96
C ASP E 47 8.23 6.82 -26.07
N VAL E 48 7.15 7.58 -26.18
CA VAL E 48 6.04 7.44 -25.27
C VAL E 48 5.21 6.29 -25.83
N SER E 49 4.22 5.93 -25.06
CA SER E 49 3.25 4.85 -25.28
C SER E 49 3.80 3.44 -25.15
N ARG E 50 5.08 3.37 -24.78
CA ARG E 50 5.81 2.19 -24.31
C ARG E 50 5.26 1.68 -22.99
N PRO E 51 4.69 0.47 -22.96
CA PRO E 51 4.15 -0.13 -21.73
C PRO E 51 5.27 -0.31 -20.72
N ALA E 52 5.04 -0.09 -19.42
CA ALA E 52 6.15 -0.18 -18.47
C ALA E 52 6.31 -1.61 -17.90
N LYS E 53 7.50 -2.18 -18.04
CA LYS E 53 7.80 -3.51 -17.50
C LYS E 53 8.04 -3.57 -15.98
N SER E 54 8.28 -2.41 -15.39
CA SER E 54 8.73 -2.34 -13.99
C SER E 54 8.42 -0.98 -13.35
N PRO E 55 8.33 -0.95 -12.00
CA PRO E 55 8.07 0.33 -11.33
C PRO E 55 9.17 1.37 -11.50
N TYR E 56 10.36 0.95 -11.95
CA TYR E 56 11.47 1.90 -12.12
C TYR E 56 11.95 2.16 -13.54
N ASP E 57 11.16 1.84 -14.55
CA ASP E 57 11.60 2.10 -15.93
C ASP E 57 11.87 3.56 -16.23
N TYR E 58 12.98 3.80 -16.90
CA TYR E 58 13.35 5.15 -17.33
C TYR E 58 12.83 5.43 -18.76
N PRO E 59 12.79 6.71 -19.20
CA PRO E 59 12.31 7.05 -20.54
C PRO E 59 13.12 6.48 -21.67
N LYS E 60 12.44 5.86 -22.61
CA LYS E 60 13.09 5.17 -23.71
C LYS E 60 13.50 6.21 -24.78
N ILE E 61 14.80 6.45 -24.93
CA ILE E 61 15.32 7.49 -25.83
C ILE E 61 15.51 7.06 -27.28
N VAL E 62 14.76 7.66 -28.22
CA VAL E 62 14.88 7.30 -29.65
C VAL E 62 15.57 8.37 -30.52
N GLY E 63 15.94 9.49 -29.92
CA GLY E 63 16.69 10.53 -30.63
C GLY E 63 17.29 11.52 -29.64
N TYR E 64 18.30 12.26 -30.09
CA TYR E 64 18.91 13.31 -29.26
C TYR E 64 19.72 14.31 -30.06
N VAL E 65 19.91 15.49 -29.49
CA VAL E 65 20.92 16.41 -29.98
C VAL E 65 21.73 16.85 -28.80
N LEU E 66 23.04 16.65 -28.93
CA LEU E 66 23.95 17.03 -27.87
C LEU E 66 24.71 18.27 -28.28
N ALA E 67 24.49 19.38 -27.58
CA ALA E 67 25.04 20.65 -28.08
C ALA E 67 25.88 21.35 -27.05
N LYS E 68 26.78 22.20 -27.52
CA LYS E 68 27.58 22.96 -26.58
C LYS E 68 27.85 24.35 -27.12
N MET E 69 28.31 25.24 -26.25
CA MET E 69 28.85 26.51 -26.72
C MET E 69 30.38 26.37 -26.81
N GLU E 70 31.04 27.01 -27.77
CA GLU E 70 32.49 26.86 -27.79
C GLU E 70 32.98 27.82 -26.69
N GLU E 71 33.67 27.31 -25.68
CA GLU E 71 34.08 28.15 -24.55
C GLU E 71 35.11 29.21 -24.98
N GLU E 72 35.91 28.87 -25.99
CA GLU E 72 36.87 29.79 -26.61
C GLU E 72 36.30 30.19 -27.98
N PRO E 73 35.63 31.35 -28.04
CA PRO E 73 35.12 31.88 -29.31
C PRO E 73 36.16 32.06 -30.42
N ALA E 74 35.72 31.75 -31.65
CA ALA E 74 36.52 31.82 -32.88
C ALA E 74 37.12 33.19 -33.12
N ASP E 75 36.29 34.23 -33.12
CA ASP E 75 36.79 35.58 -33.32
C ASP E 75 36.24 36.53 -32.28
N GLY E 76 36.07 36.01 -31.07
CA GLY E 76 35.40 36.72 -30.00
C GLY E 76 33.92 36.69 -30.33
N VAL E 77 33.52 35.71 -31.12
CA VAL E 77 32.13 35.56 -31.52
C VAL E 77 31.47 34.29 -30.99
N PRO E 78 30.49 34.42 -30.08
CA PRO E 78 29.98 33.21 -29.43
C PRO E 78 29.25 32.35 -30.47
N HIS E 79 29.48 31.05 -30.44
CA HIS E 79 28.82 30.15 -31.37
C HIS E 79 28.66 28.75 -30.81
N GLY E 80 27.55 28.12 -31.17
CA GLY E 80 27.27 26.76 -30.75
C GLY E 80 27.88 25.74 -31.68
N HIS E 81 28.05 24.54 -31.15
CA HIS E 81 28.52 23.39 -31.90
C HIS E 81 27.70 22.15 -31.58
N ILE E 82 27.36 21.37 -32.61
CA ILE E 82 26.63 20.14 -32.40
C ILE E 82 27.62 19.03 -32.17
N THR E 83 27.64 18.49 -30.96
CA THR E 83 28.60 17.45 -30.66
C THR E 83 28.18 16.15 -31.31
N SER E 84 26.89 15.86 -31.25
CA SER E 84 26.34 14.60 -31.74
C SER E 84 24.86 14.82 -31.97
N LEU E 85 24.34 14.20 -33.01
CA LEU E 85 22.94 14.26 -33.35
C LEU E 85 22.57 12.92 -33.98
N SER E 86 21.56 12.24 -33.44
CA SER E 86 21.08 11.06 -34.13
C SER E 86 19.68 10.71 -33.79
N VAL E 87 19.04 10.01 -34.74
CA VAL E 87 17.71 9.48 -34.56
C VAL E 87 17.66 8.00 -34.88
N MET E 88 17.12 7.20 -33.96
CA MET E 88 16.87 5.78 -34.20
C MET E 88 16.24 5.50 -35.56
N ARG E 89 16.67 4.43 -36.21
CA ARG E 89 16.18 4.09 -37.55
C ARG E 89 14.67 3.89 -37.60
N THR E 90 14.13 3.30 -36.53
CA THR E 90 12.70 3.04 -36.38
C THR E 90 11.86 4.30 -36.27
N HIS E 91 12.48 5.45 -36.08
CA HIS E 91 11.76 6.71 -35.79
C HIS E 91 12.07 7.79 -36.77
N ARG E 92 12.51 7.32 -37.92
CA ARG E 92 12.93 8.16 -38.99
C ARG E 92 11.68 8.59 -39.78
N ARG E 93 11.85 9.70 -40.50
CA ARG E 93 10.82 10.33 -41.32
C ARG E 93 9.66 10.85 -40.47
N LEU E 94 9.94 11.31 -39.24
CA LEU E 94 8.95 12.08 -38.48
C LEU E 94 9.36 13.54 -38.27
N GLY E 95 10.45 13.96 -38.89
CA GLY E 95 10.87 15.34 -38.74
C GLY E 95 11.71 15.57 -37.51
N ILE E 96 12.08 14.49 -36.82
CA ILE E 96 12.75 14.59 -35.50
C ILE E 96 14.08 15.34 -35.56
N ALA E 97 14.98 14.95 -36.46
CA ALA E 97 16.25 15.65 -36.50
C ALA E 97 16.05 17.15 -36.71
N GLU E 98 15.10 17.51 -37.56
CA GLU E 98 14.77 18.93 -37.78
C GLU E 98 14.30 19.60 -36.48
N LYS E 99 13.35 18.95 -35.80
CA LYS E 99 12.80 19.49 -34.56
C LYS E 99 13.81 19.69 -33.42
N LEU E 100 14.68 18.71 -33.24
CA LEU E 100 15.71 18.74 -32.19
C LEU E 100 16.63 19.88 -32.46
N MET E 101 16.94 20.05 -33.74
CA MET E 101 17.81 21.12 -34.12
C MET E 101 17.16 22.47 -33.87
N ARG E 102 15.87 22.63 -34.18
CA ARG E 102 15.25 23.94 -33.99
C ARG E 102 15.07 24.28 -32.51
N GLN E 103 14.83 23.28 -31.67
CA GLN E 103 14.75 23.54 -30.24
C GLN E 103 16.10 23.97 -29.70
N SER E 104 17.13 23.26 -30.15
CA SER E 104 18.49 23.55 -29.72
C SER E 104 18.95 24.91 -30.19
N GLN E 105 18.67 25.23 -31.45
CA GLN E 105 19.07 26.49 -32.04
C GLN E 105 18.45 27.67 -31.29
N LEU E 106 17.17 27.53 -30.92
CA LEU E 106 16.45 28.58 -30.20
C LEU E 106 17.05 28.91 -28.84
N ALA E 107 17.44 27.89 -28.07
CA ALA E 107 18.06 28.13 -26.77
C ALA E 107 19.48 28.70 -26.88
N MET E 108 20.23 28.28 -27.90
CA MET E 108 21.58 28.80 -28.14
C MET E 108 21.54 30.30 -28.37
N VAL E 109 20.55 30.74 -29.13
CA VAL E 109 20.35 32.15 -29.39
C VAL E 109 19.86 32.88 -28.12
N GLU E 110 18.76 32.39 -27.53
CA GLU E 110 18.16 33.03 -26.37
C GLU E 110 19.11 33.20 -25.21
N THR E 111 19.67 32.09 -24.74
CA THR E 111 20.52 32.06 -23.53
C THR E 111 21.98 32.50 -23.80
N TYR E 112 22.50 32.18 -24.98
CA TYR E 112 23.93 32.40 -25.22
C TYR E 112 24.24 33.38 -26.36
N ASN E 113 23.19 33.94 -26.95
CA ASN E 113 23.37 34.94 -28.00
C ASN E 113 24.15 34.38 -29.18
N ALA E 114 23.92 33.11 -29.48
CA ALA E 114 24.66 32.45 -30.54
C ALA E 114 24.54 33.20 -31.85
N HIS E 115 25.68 33.42 -32.50
CA HIS E 115 25.70 34.10 -33.79
C HIS E 115 25.57 33.12 -34.95
N TYR E 116 26.11 31.90 -34.78
CA TYR E 116 25.92 30.82 -35.75
C TYR E 116 26.03 29.48 -35.05
N VAL E 117 25.73 28.42 -35.79
CA VAL E 117 25.91 27.09 -35.27
C VAL E 117 26.64 26.26 -36.31
N SER E 118 27.53 25.41 -35.80
CA SER E 118 28.34 24.58 -36.63
C SER E 118 28.40 23.12 -36.12
N LEU E 119 28.97 22.30 -36.96
CA LEU E 119 29.12 20.87 -36.86
C LEU E 119 30.04 20.33 -37.88
N HIS E 120 30.52 19.12 -37.62
CA HIS E 120 31.35 18.42 -38.55
C HIS E 120 30.72 17.16 -39.06
N VAL E 121 30.92 16.85 -40.32
CA VAL E 121 30.37 15.60 -40.78
C VAL E 121 31.24 14.89 -41.76
N ARG E 122 31.35 13.57 -41.58
CA ARG E 122 32.05 12.71 -42.53
C ARG E 122 31.40 12.95 -43.92
N VAL E 123 32.22 12.98 -44.97
CA VAL E 123 31.73 13.31 -46.33
C VAL E 123 30.75 12.44 -47.13
N SER E 124 30.72 11.14 -46.94
CA SER E 124 29.80 10.25 -47.67
C SER E 124 28.45 10.11 -46.96
N ASN E 125 28.20 10.83 -45.88
CA ASN E 125 26.95 10.63 -45.16
C ASN E 125 25.94 11.48 -45.90
N LYS E 126 25.61 10.95 -47.07
CA LYS E 126 24.72 11.56 -48.05
C LYS E 126 23.44 12.01 -47.38
N ALA E 127 22.76 11.06 -46.72
CA ALA E 127 21.49 11.34 -46.08
C ALA E 127 21.63 12.55 -45.19
N ALA E 128 22.63 12.50 -44.30
CA ALA E 128 22.90 13.59 -43.36
C ALA E 128 23.31 14.91 -44.00
N ILE E 129 24.23 14.81 -44.94
CA ILE E 129 24.76 15.95 -45.65
C ILE E 129 23.65 16.63 -46.43
N HIS E 130 22.72 15.82 -46.93
CA HIS E 130 21.59 16.33 -47.68
C HIS E 130 20.62 17.00 -46.70
N LEU E 131 20.55 16.47 -45.47
CA LEU E 131 19.75 17.07 -44.40
C LEU E 131 20.22 18.48 -44.02
N TYR E 132 21.52 18.63 -43.75
CA TYR E 132 22.09 19.90 -43.25
C TYR E 132 22.08 20.97 -44.33
N ARG E 133 22.47 20.58 -45.54
CA ARG E 133 22.53 21.49 -46.68
C ARG E 133 21.11 21.76 -47.20
N ASP E 134 20.36 20.74 -47.59
CA ASP E 134 19.10 20.96 -48.30
C ASP E 134 17.96 21.39 -47.35
N THR E 135 17.95 20.86 -46.11
CA THR E 135 16.85 21.14 -45.17
C THR E 135 17.14 22.28 -44.18
N LEU E 136 18.36 22.36 -43.65
CA LEU E 136 18.65 23.32 -42.59
C LEU E 136 19.36 24.58 -43.07
N GLY E 137 19.93 24.53 -44.27
CA GLY E 137 20.56 25.70 -44.85
C GLY E 137 21.99 25.93 -44.41
N PHE E 138 22.65 24.87 -43.96
CA PHE E 138 24.09 24.95 -43.69
C PHE E 138 24.89 25.13 -44.98
N LYS E 139 25.88 26.00 -44.94
CA LYS E 139 26.87 26.09 -46.01
C LYS E 139 28.13 25.35 -45.57
N THR E 140 28.94 24.94 -46.54
CA THR E 140 30.17 24.25 -46.19
C THR E 140 31.28 25.29 -46.02
N GLU E 141 32.08 25.14 -44.98
CA GLU E 141 33.09 26.14 -44.60
C GLU E 141 34.51 25.76 -44.90
N LYS E 142 34.84 24.48 -44.71
CA LYS E 142 36.21 24.01 -44.88
C LYS E 142 36.18 22.50 -44.92
N VAL E 143 37.32 21.91 -45.27
CA VAL E 143 37.46 20.47 -45.20
C VAL E 143 38.41 20.04 -44.11
N GLU E 144 37.96 19.15 -43.23
CA GLU E 144 38.91 18.64 -42.27
C GLU E 144 39.51 17.29 -42.74
N ALA E 145 40.75 17.32 -43.21
CA ALA E 145 41.48 16.14 -43.68
C ALA E 145 41.91 15.13 -42.60
N LYS E 146 41.78 13.81 -42.80
CA LYS E 146 42.24 12.87 -41.76
C LYS E 146 41.79 13.20 -40.34
N TYR E 147 40.51 13.52 -40.21
CA TYR E 147 39.92 13.87 -38.93
C TYR E 147 39.97 12.74 -37.91
N TYR E 148 40.83 12.95 -36.90
CA TYR E 148 41.11 12.00 -35.81
C TYR E 148 41.84 10.82 -36.44
N ALA E 149 41.54 9.60 -35.98
CA ALA E 149 42.27 8.40 -36.41
C ALA E 149 42.16 8.46 -37.92
N ASP E 150 40.98 8.94 -38.29
CA ASP E 150 40.36 9.19 -39.58
C ASP E 150 39.47 8.05 -39.93
N GLY E 151 39.12 8.15 -41.19
CA GLY E 151 38.33 7.26 -42.00
C GLY E 151 37.98 8.36 -42.98
N GLU E 152 36.74 8.44 -43.41
CA GLU E 152 36.39 9.45 -44.38
C GLU E 152 36.61 10.86 -43.75
N ASP E 153 37.22 11.78 -44.51
CA ASP E 153 37.40 13.20 -44.14
C ASP E 153 36.07 13.89 -43.95
N ALA E 154 36.08 14.98 -43.19
CA ALA E 154 34.87 15.74 -42.98
C ALA E 154 34.84 17.17 -43.42
N TYR E 155 33.62 17.52 -43.81
CA TYR E 155 33.15 18.86 -44.04
C TYR E 155 32.80 19.46 -42.71
N CYS E 156 33.26 20.68 -42.49
CA CYS E 156 32.75 21.55 -41.43
C CYS E 156 31.62 22.43 -41.94
N MET E 157 30.39 22.24 -41.46
CA MET E 157 29.32 23.06 -41.98
C MET E 157 28.84 24.09 -40.96
N LYS E 158 28.41 25.25 -41.47
CA LYS E 158 28.04 26.34 -40.61
C LYS E 158 26.73 26.99 -41.03
N LEU E 159 25.90 27.31 -40.03
CA LEU E 159 24.63 28.01 -40.25
C LEU E 159 24.63 29.39 -39.62
N ASP E 160 24.46 30.43 -40.44
CA ASP E 160 24.30 31.79 -39.93
C ASP E 160 22.95 31.94 -39.23
N LEU E 161 22.98 32.37 -37.97
CA LEU E 161 21.76 32.53 -37.19
C LEU E 161 21.27 33.98 -37.12
N THR E 162 21.91 34.88 -37.87
CA THR E 162 21.54 36.30 -37.93
C THR E 162 20.03 36.49 -38.11
N ALA E 163 19.46 35.76 -39.07
CA ALA E 163 18.03 35.81 -39.35
C ALA E 163 17.18 35.43 -38.13
N LEU E 164 17.56 34.37 -37.43
CA LEU E 164 16.80 33.94 -36.24
C LEU E 164 16.91 35.01 -35.16
N ARG E 165 18.08 35.63 -35.05
CA ARG E 165 18.34 36.66 -34.04
C ARG E 165 17.44 37.88 -34.23
N GLU E 166 17.27 38.32 -35.47
CA GLU E 166 16.40 39.47 -35.75
C GLU E 166 14.94 39.07 -35.57
N GLN E 167 14.59 37.89 -36.07
CA GLN E 167 13.25 37.32 -35.87
C GLN E 167 12.84 37.26 -34.39
N ILE E 168 13.76 36.84 -33.53
CA ILE E 168 13.54 36.85 -32.09
C ILE E 168 13.36 38.26 -31.54
N ALA E 169 14.22 39.17 -31.99
CA ALA E 169 14.19 40.56 -31.55
C ALA E 169 12.90 41.26 -32.00
N ALA E 170 12.37 40.84 -33.15
CA ALA E 170 11.10 41.40 -33.64
C ALA E 170 9.95 41.01 -32.71
N GLN E 171 9.96 39.75 -32.27
CA GLN E 171 8.96 39.25 -31.33
C GLN E 171 9.25 39.77 -29.92
N ARG E 172 10.51 40.14 -29.68
CA ARG E 172 10.92 40.70 -28.40
C ARG E 172 10.41 42.13 -28.24
N GLU E 173 10.32 42.85 -29.36
CA GLU E 173 9.83 44.22 -29.37
C GLU E 173 8.32 44.28 -29.19
N LYS E 174 7.62 43.31 -29.78
CA LYS E 174 6.16 43.20 -29.68
C LYS E 174 5.71 42.88 -28.27
N GLU E 175 6.54 42.15 -27.53
CA GLU E 175 6.22 41.85 -26.14
C GLU E 175 6.46 43.08 -25.28
N LEU E 176 7.44 43.89 -25.66
CA LEU E 176 7.73 45.10 -24.89
C LEU E 176 6.63 46.13 -25.10
N GLU E 177 5.97 46.09 -26.27
CA GLU E 177 4.83 46.96 -26.53
C GLU E 177 3.62 46.57 -25.70
N GLU E 178 3.29 45.29 -25.69
CA GLU E 178 2.22 44.75 -24.85
C GLU E 178 2.50 45.00 -23.37
N ASP E 179 3.79 45.03 -23.01
CA ASP E 179 4.21 45.20 -21.63
C ASP E 179 4.03 46.64 -21.17
N GLU F 39 39.53 16.79 -30.61
CA GLU F 39 40.20 16.42 -29.37
C GLU F 39 39.46 17.01 -28.18
N ASP F 40 38.16 17.23 -28.34
CA ASP F 40 37.31 17.88 -27.33
C ASP F 40 37.10 17.08 -26.03
N ARG F 41 36.83 15.79 -26.16
CA ARG F 41 36.62 14.92 -25.00
C ARG F 41 37.89 14.90 -24.15
N LYS F 42 39.03 14.91 -24.84
CA LYS F 42 40.34 15.09 -24.23
C LYS F 42 40.43 16.49 -23.61
N ALA F 43 39.90 17.48 -24.32
CA ALA F 43 39.88 18.84 -23.80
C ALA F 43 38.98 18.84 -22.57
N ALA F 44 37.91 18.07 -22.63
CA ALA F 44 36.99 17.87 -21.51
C ALA F 44 37.72 17.25 -20.32
N ALA F 45 38.65 16.35 -20.63
CA ALA F 45 39.49 15.73 -19.61
C ALA F 45 40.33 16.79 -18.92
N ALA F 46 40.84 17.74 -19.70
CA ALA F 46 41.60 18.89 -19.21
C ALA F 46 40.74 19.87 -18.39
N LEU F 47 39.52 20.14 -18.87
CA LEU F 47 38.61 21.11 -18.26
C LEU F 47 38.14 20.73 -16.85
N SER F 48 37.86 19.45 -16.68
CA SER F 48 37.48 18.87 -15.40
C SER F 48 38.64 18.95 -14.42
N LYS F 49 39.84 19.15 -14.97
CA LYS F 49 41.07 19.34 -14.19
C LYS F 49 41.32 20.80 -13.82
N VAL F 64 31.96 46.68 -1.95
CA VAL F 64 31.84 45.42 -1.21
C VAL F 64 30.89 45.57 -0.02
N ASP F 65 30.98 46.72 0.65
CA ASP F 65 30.18 47.01 1.84
C ASP F 65 30.34 45.89 2.85
N GLN F 66 31.56 45.76 3.39
CA GLN F 66 31.91 44.66 4.27
C GLN F 66 31.02 44.61 5.52
N GLU F 67 30.52 45.76 5.96
CA GLU F 67 29.66 45.84 7.14
C GLU F 67 28.43 44.93 7.02
N ALA F 68 27.75 45.02 5.89
CA ALA F 68 26.61 44.17 5.58
C ALA F 68 27.03 42.71 5.58
N VAL F 69 28.20 42.45 5.01
CA VAL F 69 28.78 41.13 5.01
C VAL F 69 28.99 40.67 6.45
N LYS F 70 29.64 41.52 7.24
CA LYS F 70 29.94 41.25 8.66
C LYS F 70 28.71 40.91 9.49
N ASN F 71 27.65 41.70 9.35
CA ASN F 71 26.41 41.43 10.09
C ASN F 71 25.80 40.11 9.65
N ALA F 72 25.82 39.86 8.35
CA ALA F 72 25.32 38.60 7.79
C ALA F 72 26.07 37.40 8.35
N MSE F 73 27.39 37.50 8.39
CA MSE F 73 28.25 36.43 8.91
C MSE F 73 27.84 36.04 10.32
O MSE F 73 27.53 34.88 10.61
CB MSE F 73 29.71 36.85 8.90
CG MSE F 73 30.28 37.16 7.54
SE MSE F 73 30.53 35.59 6.43
CE MSE F 73 31.68 36.39 5.08
N SER F 74 27.86 37.03 11.20
CA SER F 74 27.58 36.84 12.62
C SER F 74 26.12 36.46 12.87
N ALA F 75 25.22 36.85 11.96
CA ALA F 75 23.80 36.52 12.12
C ALA F 75 23.49 35.04 11.95
N LEU F 76 24.11 34.36 10.98
CA LEU F 76 23.82 32.95 10.78
C LEU F 76 24.61 32.04 11.73
N SER F 77 25.37 32.63 12.64
CA SER F 77 26.19 31.85 13.56
C SER F 77 26.83 32.72 14.65
N LYS F 90 21.65 5.43 26.37
CA LYS F 90 22.75 4.50 26.60
C LYS F 90 22.35 3.08 26.17
N VAL F 91 23.34 2.35 25.66
CA VAL F 91 23.08 1.05 25.06
C VAL F 91 23.87 -0.12 25.67
N ASP F 92 23.27 -1.29 25.66
CA ASP F 92 23.89 -2.51 26.18
C ASP F 92 24.76 -3.15 25.10
N PRO F 93 26.04 -3.37 25.40
CA PRO F 93 26.99 -3.88 24.40
C PRO F 93 26.61 -5.22 23.78
N ALA F 94 26.06 -6.15 24.56
CA ALA F 94 25.58 -7.41 24.00
C ALA F 94 24.47 -7.22 22.96
N ASP F 95 23.62 -6.23 23.18
CA ASP F 95 22.56 -5.92 22.24
C ASP F 95 23.10 -5.44 20.90
N VAL F 96 24.09 -4.56 20.95
CA VAL F 96 24.72 -4.02 19.76
C VAL F 96 25.38 -5.12 18.93
N ASN F 97 26.02 -6.07 19.62
CA ASN F 97 26.67 -7.19 18.96
C ASN F 97 25.64 -8.15 18.38
N LEU F 98 24.47 -8.21 19.00
CA LEU F 98 23.41 -9.06 18.48
C LEU F 98 22.87 -8.47 17.17
N LEU F 99 22.56 -7.17 17.17
CA LEU F 99 22.08 -6.49 15.96
C LEU F 99 23.08 -6.45 14.79
N VAL F 100 24.36 -6.29 15.09
CA VAL F 100 25.42 -6.25 14.06
C VAL F 100 25.43 -7.59 13.34
N GLU F 101 25.40 -8.68 14.09
CA GLU F 101 25.47 -10.01 13.53
C GLU F 101 24.21 -10.40 12.74
N GLU F 102 23.05 -9.99 13.21
CA GLU F 102 21.81 -10.52 12.64
C GLU F 102 21.20 -9.56 11.63
N LEU F 103 21.68 -8.32 11.61
CA LEU F 103 21.24 -7.35 10.60
C LEU F 103 22.40 -6.96 9.68
N GLU F 104 23.61 -7.39 10.04
CA GLU F 104 24.81 -7.17 9.23
C GLU F 104 25.06 -5.67 9.10
N LEU F 105 24.94 -4.98 10.23
CA LEU F 105 25.19 -3.55 10.29
C LEU F 105 26.52 -3.25 10.95
N SER F 106 27.10 -2.10 10.62
CA SER F 106 28.28 -1.56 11.31
C SER F 106 27.95 -1.21 12.76
N LYS F 107 28.95 -1.23 13.64
CA LYS F 107 28.75 -0.85 15.04
C LYS F 107 28.13 0.54 15.19
N ALA F 108 28.50 1.44 14.28
CA ALA F 108 27.97 2.80 14.26
C ALA F 108 26.47 2.82 13.99
N LYS F 109 26.05 2.14 12.93
CA LYS F 109 24.64 2.13 12.56
C LYS F 109 23.78 1.35 13.56
N ALA F 110 24.35 0.32 14.16
CA ALA F 110 23.59 -0.50 15.11
C ALA F 110 23.31 0.26 16.40
N THR F 111 24.30 0.99 16.88
CA THR F 111 24.17 1.80 18.09
C THR F 111 23.18 2.94 17.91
N GLU F 112 23.32 3.67 16.80
CA GLU F 112 22.42 4.76 16.46
C GLU F 112 20.96 4.30 16.41
N LEU F 113 20.74 3.12 15.83
CA LEU F 113 19.42 2.54 15.68
C LEU F 113 18.84 2.24 17.06
N LEU F 114 19.66 1.64 17.93
CA LEU F 114 19.27 1.38 19.30
C LEU F 114 18.92 2.66 20.04
N LYS F 115 19.68 3.74 19.82
CA LYS F 115 19.39 5.00 20.51
C LYS F 115 18.07 5.58 20.02
N ALA F 116 17.71 5.28 18.78
CA ALA F 116 16.46 5.77 18.22
C ALA F 116 15.28 5.07 18.89
N HIS F 117 15.58 3.95 19.56
CA HIS F 117 14.52 3.16 20.16
C HIS F 117 14.76 2.90 21.65
N ASP F 118 15.52 3.80 22.28
CA ASP F 118 15.83 3.75 23.71
C ASP F 118 16.51 2.44 24.17
N GLY F 119 17.50 1.96 23.43
CA GLY F 119 18.22 0.75 23.77
C GLY F 119 17.39 -0.52 23.86
N ASP F 120 16.17 -0.46 23.33
CA ASP F 120 15.28 -1.62 23.26
C ASP F 120 15.54 -2.40 21.97
N ALA F 121 16.32 -3.46 22.06
CA ALA F 121 16.74 -4.24 20.90
C ALA F 121 15.51 -4.80 20.16
N ILE F 122 14.52 -5.25 20.92
CA ILE F 122 13.31 -5.82 20.33
C ILE F 122 12.49 -4.75 19.62
N LYS F 123 12.51 -3.52 20.12
CA LYS F 123 11.82 -2.43 19.43
C LYS F 123 12.57 -2.11 18.14
N ALA F 124 13.89 -1.99 18.24
CA ALA F 124 14.72 -1.64 17.07
C ALA F 124 14.64 -2.68 15.95
N MSE F 125 14.75 -3.97 16.31
CA MSE F 125 14.68 -5.04 15.31
C MSE F 125 13.32 -5.11 14.61
O MSE F 125 13.25 -5.36 13.42
CB MSE F 125 15.01 -6.40 15.93
CG MSE F 125 16.48 -6.61 16.28
SE MSE F 125 16.78 -8.03 17.59
CE MSE F 125 17.10 -9.58 16.48
N LYS F 126 12.24 -4.90 15.36
CA LYS F 126 10.91 -4.92 14.77
C LYS F 126 10.71 -3.76 13.81
N ALA F 127 11.25 -2.60 14.19
CA ALA F 127 11.13 -1.40 13.37
C ALA F 127 11.86 -1.50 12.04
N TYR F 128 13.11 -1.98 12.11
CA TYR F 128 14.00 -2.10 10.97
C TYR F 128 13.48 -3.00 9.85
N ILE F 129 12.75 -4.05 10.21
CA ILE F 129 12.26 -4.98 9.20
C ILE F 129 10.90 -4.60 8.62
N GLN F 130 10.34 -3.45 9.00
CA GLN F 130 9.11 -3.00 8.36
C GLN F 130 9.36 -2.31 7.03
N PRO F 131 8.65 -2.75 5.97
CA PRO F 131 8.77 -2.21 4.61
C PRO F 131 8.19 -0.80 4.46
N ALA F 132 8.60 -0.10 3.41
CA ALA F 132 8.02 1.19 3.03
C ALA F 132 6.51 1.08 2.82
#